data_8IDZ
#
_entry.id   8IDZ
#
_cell.length_a   182.607
_cell.length_b   133.842
_cell.length_c   69.843
_cell.angle_alpha   90.000
_cell.angle_beta   102.620
_cell.angle_gamma   90.000
#
_symmetry.space_group_name_H-M   'C 1 2 1'
#
_entity_poly.entity_id   1
_entity_poly.type   'polypeptide(L)'
_entity_poly.pdbx_seq_one_letter_code
;MQNPKLGVSPIQDVINAMTLDEKIQLVVGSSGKYESQMEATIGNQGQLVQGAAGQVNGIERLGIPATVVADGPAGLRIDP
KRKNTDKTFYCTHFPVATVMSSTWNKDLVYSVGTSMGDEVKHYGVDVLLAPATNIMRNPLCGRNFEYYSEDPLLAGTICA
AMVNGIESNDVGTSLKHFALNNQETNRTRNNVIGNPRTFREIYLKPFEIVIKEAQPWTVMTSYNLINGTMSSERCDLITE
ILRHEWGFKGMVMTDWFGGISAAAQMEAGNDLLMPGKADQVKEIRKAVLNGRLSMEILDRNVRHILEYIMQTPRFKQYVA
DNNPDLKGHALVARNAATEGMVLLKNNKNVLPLVQKIKNIALFGNTSYDFIAGGTGSGNVNHAYVVSLLDGLKNAGYQVD
GDIQKSYIEYAPKAKANLPKPKNPLEAFLPGHFIPEMSLAELNMSAAVKNNDLAIITIGKSSGEFLDRKISDSFNLTKEE
KDMISGVCNAFHKAGKKVVVILNVCGVIETKSWIGGPDAVLLSWLPGQEGGNCVADILTGKENPSGRLPMTWPVSYNDVP
SKADFPNPETVKVDDVLGMFMGKGIGSKGDVKNVDYTEYNDGVYVGYRYYQTKNVPVSFPFGYGMSYTTFKYGKPVVTKD
AQGNIKVLVTVKNAGKVAGKEVVQVYVAAPGKDMDKPAKELRGFAKTKKLQPGESETVTIDIPYKNLASFNEVDSQWQVE
AGNYKVMVAKNAADLKPLTTVITEEAGVTEKVRPCLLKEVK
;
_entity_poly.pdbx_strand_id   A,B
#
# COMPACT_ATOMS: atom_id res chain seq x y z
N GLN A 2 44.07 23.79 -21.99
CA GLN A 2 43.13 22.68 -22.12
C GLN A 2 41.70 23.17 -22.33
N ASN A 3 40.96 22.47 -23.17
CA ASN A 3 39.57 22.83 -23.41
C ASN A 3 38.70 22.36 -22.25
N PRO A 4 37.94 23.24 -21.62
CA PRO A 4 37.07 22.81 -20.50
C PRO A 4 35.97 21.89 -21.01
N LYS A 5 35.63 20.90 -20.20
CA LYS A 5 34.65 19.90 -20.61
C LYS A 5 33.66 19.62 -19.48
N LEU A 6 32.50 19.11 -19.88
CA LEU A 6 31.42 18.85 -18.94
C LEU A 6 31.80 17.77 -17.94
N GLY A 7 31.38 17.94 -16.70
CA GLY A 7 31.67 16.98 -15.66
C GLY A 7 32.99 17.16 -14.95
N VAL A 8 33.77 18.16 -15.33
CA VAL A 8 35.08 18.41 -14.71
C VAL A 8 35.26 19.89 -14.44
N SER A 9 35.31 20.68 -15.51
CA SER A 9 35.44 22.11 -15.34
C SER A 9 34.18 22.65 -14.66
N PRO A 10 34.30 23.73 -13.90
CA PRO A 10 33.11 24.36 -13.31
C PRO A 10 32.11 24.70 -14.39
N ILE A 11 30.84 24.41 -14.11
CA ILE A 11 29.79 24.55 -15.11
C ILE A 11 29.78 25.96 -15.69
N GLN A 12 29.97 26.97 -14.83
CA GLN A 12 30.03 28.35 -15.31
C GLN A 12 31.19 28.54 -16.27
N ASP A 13 32.36 27.98 -15.95
CA ASP A 13 33.52 28.12 -16.83
C ASP A 13 33.34 27.38 -18.15
N VAL A 14 32.40 26.44 -18.22
CA VAL A 14 32.16 25.72 -19.46
C VAL A 14 31.36 26.56 -20.45
N ILE A 15 30.36 27.30 -19.94
CA ILE A 15 29.55 28.13 -20.83
C ILE A 15 30.38 29.26 -21.42
N ASN A 16 31.39 29.74 -20.67
CA ASN A 16 32.28 30.77 -21.19
C ASN A 16 32.92 30.33 -22.51
N ALA A 17 33.44 29.10 -22.54
CA ALA A 17 34.18 28.61 -23.69
C ALA A 17 33.35 28.54 -24.97
N MET A 18 32.03 28.73 -24.88
CA MET A 18 31.21 28.74 -26.08
C MET A 18 31.21 30.12 -26.72
N THR A 19 31.05 30.13 -28.04
CA THR A 19 30.85 31.36 -28.79
C THR A 19 29.41 31.40 -29.30
N LEU A 20 29.02 32.55 -29.84
CA LEU A 20 27.66 32.72 -30.34
C LEU A 20 27.34 31.72 -31.44
N ASP A 21 28.36 31.27 -32.17
CA ASP A 21 28.16 30.19 -33.14
C ASP A 21 27.77 28.90 -32.43
N GLU A 22 28.51 28.55 -31.38
CA GLU A 22 28.30 27.27 -30.71
C GLU A 22 27.04 27.28 -29.84
N LYS A 23 26.68 28.42 -29.26
CA LYS A 23 25.52 28.49 -28.40
C LYS A 23 24.23 28.26 -29.17
N ILE A 24 24.06 28.99 -30.28
CA ILE A 24 22.83 28.87 -31.07
C ILE A 24 22.72 27.47 -31.68
N GLN A 25 23.85 26.84 -31.98
CA GLN A 25 23.82 25.46 -32.46
C GLN A 25 23.19 24.54 -31.43
N LEU A 26 23.34 24.85 -30.14
CA LEU A 26 22.84 23.98 -29.08
C LEU A 26 21.34 24.15 -28.87
N VAL A 27 20.90 25.38 -28.62
CA VAL A 27 19.49 25.65 -28.30
C VAL A 27 18.56 25.33 -29.47
N VAL A 28 19.11 25.11 -30.66
CA VAL A 28 18.34 24.71 -31.83
C VAL A 28 18.88 23.35 -32.26
N GLY A 29 18.18 22.29 -31.90
CA GLY A 29 18.60 20.96 -32.27
C GLY A 29 18.54 20.73 -33.76
N SER A 30 18.70 19.48 -34.13
CA SER A 30 18.64 19.05 -35.50
C SER A 30 17.79 17.80 -35.58
N SER A 31 17.43 17.44 -36.81
CA SER A 31 16.63 16.27 -37.20
C SER A 31 16.22 15.34 -36.07
N GLN A 45 19.46 7.46 -42.00
CA GLN A 45 20.05 8.48 -42.87
C GLN A 45 20.20 9.79 -42.13
N GLY A 46 21.40 10.05 -41.60
CA GLY A 46 21.73 11.32 -41.00
C GLY A 46 21.66 11.36 -39.48
N GLN A 47 21.17 10.30 -38.85
CA GLN A 47 21.08 10.27 -37.39
C GLN A 47 21.63 8.96 -36.85
N LEU A 48 22.01 9.00 -35.57
CA LEU A 48 22.69 7.86 -34.97
C LEU A 48 21.78 6.66 -34.81
N VAL A 49 20.49 6.90 -34.55
CA VAL A 49 19.49 5.85 -34.43
C VAL A 49 18.51 6.01 -35.60
N GLN A 50 18.24 4.91 -36.28
CA GLN A 50 17.35 4.93 -37.44
C GLN A 50 15.96 5.43 -37.06
N GLY A 51 15.54 6.54 -37.69
CA GLY A 51 14.23 7.09 -37.42
C GLY A 51 14.18 7.77 -36.06
N ALA A 52 13.00 7.66 -35.42
CA ALA A 52 12.83 7.98 -33.99
C ALA A 52 12.94 9.47 -33.79
N ALA A 53 12.50 10.18 -34.81
CA ALA A 53 12.03 11.55 -34.69
C ALA A 53 13.25 12.40 -34.39
N GLY A 54 13.19 13.34 -33.43
CA GLY A 54 14.24 14.35 -33.32
C GLY A 54 15.55 13.94 -32.64
N GLN A 55 16.53 14.86 -32.71
CA GLN A 55 17.84 14.64 -32.09
C GLN A 55 18.40 15.96 -31.56
N VAL A 56 19.37 15.89 -30.65
CA VAL A 56 19.93 17.11 -30.06
C VAL A 56 21.41 17.15 -30.42
N ASN A 57 21.92 18.35 -30.68
CA ASN A 57 23.29 18.52 -31.13
C ASN A 57 24.26 18.43 -29.96
N GLY A 58 25.51 18.15 -30.29
CA GLY A 58 26.57 18.07 -29.29
C GLY A 58 27.82 18.81 -29.71
N ILE A 59 28.38 19.57 -28.78
CA ILE A 59 29.64 20.27 -28.98
C ILE A 59 30.73 19.36 -28.40
N GLU A 60 31.42 18.63 -29.29
CA GLU A 60 32.20 17.49 -28.85
C GLU A 60 33.45 17.91 -28.06
N ARG A 61 34.08 19.02 -28.45
CA ARG A 61 35.35 19.40 -27.83
C ARG A 61 35.21 19.66 -26.34
N LEU A 62 34.00 19.91 -25.85
CA LEU A 62 33.76 20.14 -24.43
C LEU A 62 33.15 18.91 -23.76
N GLY A 63 33.39 17.72 -24.31
CA GLY A 63 32.84 16.50 -23.76
C GLY A 63 31.33 16.50 -23.69
N ILE A 64 30.68 16.91 -24.77
CA ILE A 64 29.23 17.04 -24.84
C ILE A 64 28.73 16.19 -25.99
N PRO A 65 27.94 15.16 -25.75
CA PRO A 65 27.45 14.30 -26.84
C PRO A 65 26.19 14.87 -27.49
N ALA A 66 25.80 14.23 -28.58
CA ALA A 66 24.59 14.59 -29.33
C ALA A 66 23.49 13.59 -28.95
N THR A 67 22.63 13.99 -28.01
CA THR A 67 21.63 13.10 -27.45
C THR A 67 20.50 12.85 -28.46
N VAL A 68 19.55 11.99 -28.07
CA VAL A 68 18.48 11.52 -28.96
C VAL A 68 17.16 11.60 -28.22
N VAL A 69 16.09 11.95 -28.94
CA VAL A 69 14.73 11.95 -28.41
C VAL A 69 13.82 11.27 -29.42
N ALA A 70 12.88 10.46 -28.93
CA ALA A 70 11.98 9.72 -29.80
C ALA A 70 10.54 9.96 -29.38
N ASP A 71 9.62 9.40 -30.17
CA ASP A 71 8.19 9.64 -30.00
C ASP A 71 7.55 8.50 -29.24
N GLY A 72 6.86 8.84 -28.14
CA GLY A 72 5.90 7.95 -27.53
C GLY A 72 4.50 8.40 -27.90
N PRO A 73 3.62 8.49 -26.91
CA PRO A 73 3.77 8.09 -25.52
C PRO A 73 3.32 6.65 -25.35
N ALA A 74 2.61 6.16 -26.37
CA ALA A 74 2.11 4.79 -26.41
C ALA A 74 3.19 3.78 -26.79
N GLY A 75 4.45 4.18 -26.76
CA GLY A 75 5.55 3.27 -27.08
C GLY A 75 6.66 3.97 -27.82
N LEU A 76 7.90 3.52 -27.57
CA LEU A 76 9.05 4.04 -28.28
C LEU A 76 8.90 3.79 -29.78
N ARG A 77 9.08 4.83 -30.58
CA ARG A 77 8.86 4.75 -32.02
C ARG A 77 10.21 4.84 -32.74
N ILE A 78 10.66 3.71 -33.31
CA ILE A 78 11.87 3.69 -34.10
C ILE A 78 11.62 3.01 -35.44
N ASP A 79 12.55 3.21 -36.38
CA ASP A 79 12.41 2.72 -37.75
C ASP A 79 12.68 1.23 -37.80
N PRO A 80 11.85 0.44 -38.49
CA PRO A 80 12.19 -0.96 -38.73
C PRO A 80 13.50 -1.10 -39.49
N LYS A 81 13.93 -2.36 -39.65
CA LYS A 81 15.15 -2.67 -40.38
C LYS A 81 15.04 -2.23 -41.83
N ARG A 82 16.14 -1.68 -42.34
CA ARG A 82 16.18 -1.18 -43.71
C ARG A 82 17.40 -1.73 -44.45
N LYS A 83 18.56 -1.14 -44.21
CA LYS A 83 19.78 -1.52 -44.91
C LYS A 83 20.95 -1.52 -43.93
N ASN A 84 21.98 -2.29 -44.28
CA ASN A 84 23.23 -2.34 -43.53
C ASN A 84 22.98 -2.65 -42.05
N THR A 85 22.14 -3.66 -41.80
CA THR A 85 21.80 -4.07 -40.45
C THR A 85 21.61 -5.57 -40.41
N ASP A 86 21.89 -6.15 -39.24
CA ASP A 86 21.81 -7.59 -39.08
C ASP A 86 20.46 -8.06 -38.54
N LYS A 87 19.84 -7.28 -37.65
CA LYS A 87 18.62 -7.70 -36.99
C LYS A 87 17.60 -6.57 -36.97
N THR A 88 16.35 -6.90 -37.29
CA THR A 88 15.24 -5.95 -37.23
C THR A 88 15.06 -5.44 -35.81
N PHE A 89 14.50 -4.24 -35.69
CA PHE A 89 14.19 -3.62 -34.40
C PHE A 89 12.74 -3.17 -34.41
N TYR A 90 11.98 -3.62 -33.42
CA TYR A 90 10.56 -3.32 -33.29
C TYR A 90 10.28 -2.83 -31.87
N CYS A 91 9.03 -2.50 -31.60
CA CYS A 91 8.65 -1.85 -30.36
C CYS A 91 7.33 -2.43 -29.86
N THR A 92 7.27 -2.70 -28.56
CA THR A 92 6.09 -3.28 -27.95
C THR A 92 4.97 -2.25 -27.91
N HIS A 93 3.88 -2.53 -28.63
CA HIS A 93 2.74 -1.61 -28.66
C HIS A 93 1.94 -1.79 -27.38
N PHE A 94 2.17 -0.91 -26.42
CA PHE A 94 1.39 -0.89 -25.19
C PHE A 94 0.03 -0.24 -25.46
N PRO A 95 -0.93 -0.39 -24.55
CA PRO A 95 -2.20 0.32 -24.70
C PRO A 95 -2.03 1.83 -24.64
N VAL A 96 -3.13 2.57 -24.82
CA VAL A 96 -3.06 4.02 -24.86
C VAL A 96 -3.09 4.57 -23.43
N ALA A 97 -2.81 5.86 -23.28
CA ALA A 97 -2.81 6.51 -21.96
C ALA A 97 -4.18 6.52 -21.31
N THR A 98 -5.24 6.16 -22.03
CA THR A 98 -6.56 6.05 -21.41
C THR A 98 -6.73 4.71 -20.72
N VAL A 99 -6.19 3.64 -21.30
CA VAL A 99 -6.15 2.34 -20.62
C VAL A 99 -5.37 2.46 -19.32
N MET A 100 -4.22 3.14 -19.37
CA MET A 100 -3.44 3.39 -18.17
C MET A 100 -4.28 4.10 -17.11
N SER A 101 -4.99 5.15 -17.52
CA SER A 101 -5.85 5.86 -16.59
C SER A 101 -7.02 5.00 -16.14
N SER A 102 -7.49 4.10 -16.99
CA SER A 102 -8.65 3.29 -16.68
C SER A 102 -8.39 2.23 -15.60
N THR A 103 -7.14 2.04 -15.19
CA THR A 103 -6.84 1.09 -14.13
C THR A 103 -6.95 1.73 -12.75
N TRP A 104 -6.51 2.99 -12.61
CA TRP A 104 -6.36 3.69 -11.34
C TRP A 104 -5.26 3.07 -10.48
N ASN A 105 -4.40 2.25 -11.09
CA ASN A 105 -3.36 1.51 -10.37
C ASN A 105 -2.02 2.12 -10.78
N LYS A 106 -1.58 3.14 -10.03
CA LYS A 106 -0.33 3.81 -10.36
C LYS A 106 0.87 2.89 -10.20
N ASP A 107 0.78 1.90 -9.32
CA ASP A 107 1.84 0.89 -9.24
C ASP A 107 1.91 0.07 -10.52
N LEU A 108 0.75 -0.24 -11.11
CA LEU A 108 0.73 -0.95 -12.38
C LEU A 108 1.35 -0.10 -13.49
N VAL A 109 0.96 1.17 -13.57
CA VAL A 109 1.50 2.06 -14.59
C VAL A 109 2.99 2.25 -14.38
N TYR A 110 3.43 2.30 -13.13
CA TYR A 110 4.86 2.33 -12.81
C TYR A 110 5.59 1.19 -13.51
N SER A 111 5.05 -0.03 -13.40
CA SER A 111 5.71 -1.20 -13.95
C SER A 111 5.69 -1.23 -15.48
N VAL A 112 4.74 -0.54 -16.11
CA VAL A 112 4.74 -0.47 -17.56
C VAL A 112 5.81 0.48 -18.05
N GLY A 113 5.92 1.65 -17.42
CA GLY A 113 7.02 2.55 -17.73
C GLY A 113 8.38 1.91 -17.51
N THR A 114 8.44 0.94 -16.59
CA THR A 114 9.65 0.13 -16.44
C THR A 114 9.94 -0.63 -17.74
N SER A 115 9.00 -1.46 -18.17
CA SER A 115 9.17 -2.19 -19.42
C SER A 115 9.22 -1.26 -20.63
N MET A 116 8.55 -0.11 -20.55
CA MET A 116 8.63 0.87 -21.62
C MET A 116 10.00 1.53 -21.65
N GLY A 117 10.52 1.91 -20.48
CA GLY A 117 11.82 2.56 -20.43
C GLY A 117 12.97 1.63 -20.78
N ASP A 118 12.82 0.33 -20.52
CA ASP A 118 13.86 -0.62 -20.91
C ASP A 118 14.09 -0.59 -22.41
N GLU A 119 13.01 -0.57 -23.20
CA GLU A 119 13.15 -0.40 -24.64
C GLU A 119 13.84 0.91 -24.98
N VAL A 120 13.47 1.99 -24.29
CA VAL A 120 14.04 3.30 -24.57
C VAL A 120 15.54 3.29 -24.39
N LYS A 121 16.02 2.62 -23.33
CA LYS A 121 17.44 2.62 -23.02
C LYS A 121 18.20 1.66 -23.93
N HIS A 122 17.69 0.43 -24.07
CA HIS A 122 18.43 -0.60 -24.81
C HIS A 122 18.53 -0.27 -26.30
N TYR A 123 17.53 0.40 -26.86
CA TYR A 123 17.50 0.66 -28.29
C TYR A 123 18.22 1.94 -28.69
N GLY A 124 18.73 2.71 -27.73
CA GLY A 124 19.57 3.86 -28.07
C GLY A 124 18.88 5.20 -28.03
N VAL A 125 17.99 5.39 -27.07
CA VAL A 125 17.31 6.66 -26.88
C VAL A 125 17.65 7.20 -25.51
N ASP A 126 17.56 8.52 -25.36
CA ASP A 126 17.86 9.20 -24.11
C ASP A 126 16.62 9.79 -23.45
N VAL A 127 15.80 10.50 -24.19
CA VAL A 127 14.55 11.06 -23.67
C VAL A 127 13.42 10.69 -24.62
N LEU A 128 12.39 10.07 -24.08
CA LEU A 128 11.18 9.76 -24.84
C LEU A 128 10.14 10.83 -24.60
N LEU A 129 9.38 11.14 -25.67
CA LEU A 129 8.33 12.16 -25.59
C LEU A 129 7.07 11.52 -24.99
N ALA A 130 7.12 11.30 -23.68
CA ALA A 130 6.03 10.67 -22.97
C ALA A 130 6.02 11.18 -21.54
N PRO A 131 4.84 11.31 -20.92
CA PRO A 131 3.51 11.20 -21.54
C PRO A 131 2.67 12.47 -21.43
N ALA A 132 1.96 12.87 -22.48
CA ALA A 132 1.00 13.98 -22.36
C ALA A 132 -0.07 13.64 -21.33
N THR A 133 -0.37 14.61 -20.47
CA THR A 133 -1.36 14.42 -19.43
C THR A 133 -2.41 15.53 -19.42
N ASN A 134 -2.67 16.17 -20.56
CA ASN A 134 -3.64 17.25 -20.62
C ASN A 134 -5.03 16.75 -20.21
N ILE A 135 -5.85 17.68 -19.74
CA ILE A 135 -7.20 17.34 -19.29
C ILE A 135 -8.06 16.97 -20.49
N MET A 136 -8.89 15.94 -20.31
CA MET A 136 -9.98 15.68 -21.25
C MET A 136 -11.05 16.74 -21.05
N ARG A 137 -11.16 17.66 -22.01
CA ARG A 137 -12.08 18.78 -21.92
C ARG A 137 -13.37 18.54 -22.69
N ASN A 138 -13.27 18.12 -23.96
CA ASN A 138 -14.42 17.75 -24.76
C ASN A 138 -14.14 16.41 -25.42
N PRO A 139 -15.08 15.46 -25.38
CA PRO A 139 -14.82 14.14 -25.98
C PRO A 139 -14.70 14.15 -27.49
N LEU A 140 -14.82 15.29 -28.15
CA LEU A 140 -14.59 15.40 -29.59
C LEU A 140 -13.15 15.80 -29.91
N CYS A 141 -12.21 15.55 -29.02
CA CYS A 141 -10.81 15.88 -29.24
C CYS A 141 -10.11 14.71 -29.92
N GLY A 142 -9.19 15.03 -30.83
CA GLY A 142 -8.51 13.98 -31.58
C GLY A 142 -7.57 13.16 -30.73
N ARG A 143 -6.88 13.80 -29.79
CA ARG A 143 -5.87 13.14 -28.98
C ARG A 143 -6.38 12.73 -27.60
N ASN A 144 -7.68 12.43 -27.48
CA ASN A 144 -8.20 12.03 -26.19
C ASN A 144 -7.62 10.72 -25.69
N PHE A 145 -7.10 9.89 -26.60
CA PHE A 145 -6.52 8.63 -26.17
C PHE A 145 -5.14 8.83 -25.54
N GLU A 146 -4.40 9.83 -25.98
CA GLU A 146 -3.11 10.11 -25.38
C GLU A 146 -3.20 11.01 -24.15
N TYR A 147 -4.35 11.64 -23.91
CA TYR A 147 -4.59 12.29 -22.64
C TYR A 147 -5.23 11.29 -21.68
N TYR A 148 -5.12 11.59 -20.38
CA TYR A 148 -5.40 10.57 -19.36
C TYR A 148 -6.84 10.59 -18.88
N SER A 149 -7.27 11.68 -18.24
CA SER A 149 -8.61 11.71 -17.64
C SER A 149 -9.13 13.13 -17.66
N GLU A 150 -10.42 13.26 -17.33
CA GLU A 150 -11.00 14.58 -17.11
C GLU A 150 -10.72 15.10 -15.71
N ASP A 151 -10.44 14.22 -14.75
CA ASP A 151 -10.05 14.64 -13.43
C ASP A 151 -8.56 14.92 -13.39
N PRO A 152 -8.14 16.10 -12.91
CA PRO A 152 -6.70 16.38 -12.82
C PRO A 152 -5.97 15.50 -11.82
N LEU A 153 -6.62 15.13 -10.71
CA LEU A 153 -5.94 14.35 -9.69
C LEU A 153 -5.67 12.93 -10.16
N LEU A 154 -6.64 12.31 -10.86
CA LEU A 154 -6.39 10.99 -11.44
C LEU A 154 -5.34 11.07 -12.53
N ALA A 155 -5.48 12.05 -13.44
CA ALA A 155 -4.53 12.18 -14.54
C ALA A 155 -3.14 12.55 -14.03
N GLY A 156 -3.05 13.56 -13.16
CA GLY A 156 -1.75 14.02 -12.70
C GLY A 156 -1.00 12.98 -11.88
N THR A 157 -1.74 12.13 -11.17
CA THR A 157 -1.08 11.13 -10.32
C THR A 157 -0.68 9.89 -11.13
N ILE A 158 -1.59 9.40 -11.98
CA ILE A 158 -1.27 8.23 -12.81
C ILE A 158 -0.12 8.57 -13.77
N CYS A 159 -0.13 9.79 -14.31
CA CYS A 159 0.96 10.22 -15.19
C CYS A 159 2.28 10.31 -14.44
N ALA A 160 2.24 10.77 -13.19
CA ALA A 160 3.46 10.89 -12.41
C ALA A 160 4.14 9.53 -12.22
N ALA A 161 3.34 8.50 -11.96
CA ALA A 161 3.91 7.15 -11.83
C ALA A 161 4.42 6.64 -13.18
N MET A 162 3.78 7.03 -14.28
CA MET A 162 4.28 6.66 -15.59
C MET A 162 5.66 7.24 -15.83
N VAL A 163 5.86 8.51 -15.48
CA VAL A 163 7.18 9.12 -15.61
C VAL A 163 8.20 8.39 -14.73
N ASN A 164 7.80 8.05 -13.50
CA ASN A 164 8.71 7.37 -12.58
C ASN A 164 9.25 6.08 -13.19
N GLY A 165 8.36 5.25 -13.74
CA GLY A 165 8.79 4.00 -14.33
C GLY A 165 9.72 4.18 -15.50
N ILE A 166 9.52 5.24 -16.28
CA ILE A 166 10.41 5.50 -17.41
C ILE A 166 11.68 6.21 -16.95
N GLU A 167 11.61 7.02 -15.90
CA GLU A 167 12.77 7.74 -15.42
C GLU A 167 13.52 7.02 -14.32
N SER A 168 13.09 5.82 -13.95
CA SER A 168 13.91 4.92 -13.15
C SER A 168 14.87 4.12 -14.01
N ASN A 169 14.68 4.12 -15.33
CA ASN A 169 15.63 3.55 -16.27
C ASN A 169 16.69 4.56 -16.70
N ASP A 170 16.66 5.77 -16.15
CA ASP A 170 17.55 6.86 -16.53
C ASP A 170 17.38 7.21 -18.02
N VAL A 171 16.12 7.35 -18.42
CA VAL A 171 15.79 7.91 -19.74
C VAL A 171 14.71 8.95 -19.55
N GLY A 172 14.84 10.08 -20.24
CA GLY A 172 14.00 11.22 -19.98
C GLY A 172 12.55 11.01 -20.39
N THR A 173 11.70 11.89 -19.87
CA THR A 173 10.27 11.88 -20.13
C THR A 173 9.78 13.30 -20.30
N SER A 174 8.91 13.51 -21.29
CA SER A 174 8.33 14.82 -21.56
C SER A 174 6.83 14.66 -21.75
N LEU A 175 6.07 15.29 -20.87
CA LEU A 175 4.64 15.47 -21.12
C LEU A 175 4.48 16.15 -22.46
N LYS A 176 3.79 15.48 -23.40
CA LYS A 176 3.88 15.86 -24.81
C LYS A 176 3.30 17.24 -25.11
N HIS A 177 2.48 17.81 -24.24
CA HIS A 177 1.93 19.12 -24.49
C HIS A 177 1.65 19.83 -23.17
N PHE A 178 2.29 20.98 -22.98
CA PHE A 178 2.38 21.54 -21.64
C PHE A 178 1.04 22.11 -21.17
N ALA A 179 0.37 22.88 -22.01
CA ALA A 179 -0.77 23.65 -21.54
C ALA A 179 -1.78 23.90 -22.65
N LEU A 180 -3.06 23.78 -22.30
CA LEU A 180 -4.18 24.30 -23.07
C LEU A 180 -4.24 23.74 -24.48
N ASN A 181 -3.74 22.53 -24.68
CA ASN A 181 -3.88 21.83 -25.97
C ASN A 181 -5.05 20.86 -25.91
N ASN A 182 -6.23 21.38 -25.54
CA ASN A 182 -7.43 20.57 -25.40
C ASN A 182 -8.22 20.44 -26.70
N GLN A 183 -7.85 21.19 -27.74
CA GLN A 183 -8.54 21.16 -29.03
C GLN A 183 -7.49 21.05 -30.12
N GLU A 184 -7.88 20.41 -31.23
CA GLU A 184 -6.95 20.13 -32.32
C GLU A 184 -7.38 20.79 -33.63
N THR A 185 -8.09 21.91 -33.55
CA THR A 185 -8.47 22.72 -34.72
C THR A 185 -7.62 23.99 -34.72
N ASN A 186 -6.83 24.17 -35.78
CA ASN A 186 -5.97 25.35 -35.92
C ASN A 186 -5.09 25.53 -34.68
N ARG A 187 -4.65 24.41 -34.10
CA ARG A 187 -3.83 24.45 -32.90
C ARG A 187 -2.57 25.27 -33.10
N THR A 188 -2.08 25.39 -34.33
CA THR A 188 -0.88 26.18 -34.59
C THR A 188 -1.11 27.66 -34.34
N ARG A 189 -2.34 28.15 -34.50
CA ARG A 189 -2.67 29.55 -34.28
C ARG A 189 -3.94 29.70 -33.45
N ASN A 190 -4.21 28.74 -32.56
CA ASN A 190 -5.35 28.78 -31.68
C ASN A 190 -5.02 29.57 -30.42
N ASN A 191 -6.03 30.28 -29.89
CA ASN A 191 -5.87 31.09 -28.69
C ASN A 191 -6.90 30.66 -27.66
N VAL A 192 -6.43 30.32 -26.46
CA VAL A 192 -7.28 29.98 -25.33
C VAL A 192 -7.43 31.21 -24.46
N ILE A 193 -8.66 31.53 -24.07
CA ILE A 193 -8.96 32.71 -23.26
C ILE A 193 -9.76 32.26 -22.04
N GLY A 194 -9.20 32.48 -20.85
CA GLY A 194 -9.88 32.13 -19.62
C GLY A 194 -9.21 32.81 -18.45
N ASN A 195 -9.97 32.94 -17.36
CA ASN A 195 -9.47 33.61 -16.17
C ASN A 195 -8.48 32.72 -15.42
N PRO A 196 -7.63 33.31 -14.56
CA PRO A 196 -6.55 32.53 -13.94
C PRO A 196 -6.99 31.25 -13.23
N ARG A 197 -8.11 31.27 -12.51
CA ARG A 197 -8.47 30.11 -11.70
C ARG A 197 -8.77 28.89 -12.56
N THR A 198 -9.37 29.10 -13.74
CA THR A 198 -9.70 27.97 -14.61
C THR A 198 -8.44 27.24 -15.07
N PHE A 199 -7.34 27.96 -15.27
CA PHE A 199 -6.10 27.33 -15.71
C PHE A 199 -5.39 26.61 -14.57
N ARG A 200 -5.27 27.26 -13.42
CA ARG A 200 -4.47 26.70 -12.33
C ARG A 200 -5.11 25.45 -11.75
N GLU A 201 -6.38 25.54 -11.34
CA GLU A 201 -7.01 24.40 -10.67
C GLU A 201 -7.24 23.23 -11.60
N ILE A 202 -7.48 23.50 -12.88
CA ILE A 202 -7.86 22.44 -13.82
C ILE A 202 -6.69 22.07 -14.71
N TYR A 203 -6.40 22.92 -15.70
CA TYR A 203 -5.50 22.55 -16.78
C TYR A 203 -4.03 22.61 -16.42
N LEU A 204 -3.68 23.28 -15.31
CA LEU A 204 -2.31 23.28 -14.81
C LEU A 204 -2.07 22.24 -13.72
N LYS A 205 -3.13 21.69 -13.13
CA LYS A 205 -2.98 20.79 -11.99
C LYS A 205 -2.25 19.50 -12.33
N PRO A 206 -2.60 18.75 -13.38
CA PRO A 206 -1.91 17.47 -13.62
C PRO A 206 -0.41 17.64 -13.87
N PHE A 207 -0.01 18.77 -14.44
CA PHE A 207 1.41 19.04 -14.63
C PHE A 207 2.07 19.47 -13.32
N GLU A 208 1.32 20.15 -12.46
CA GLU A 208 1.85 20.54 -11.16
C GLU A 208 2.28 19.33 -10.34
N ILE A 209 1.49 18.25 -10.40
CA ILE A 209 1.83 17.04 -9.65
C ILE A 209 3.09 16.38 -10.23
N VAL A 210 3.12 16.19 -11.54
CA VAL A 210 4.22 15.46 -12.16
C VAL A 210 5.53 16.20 -11.99
N ILE A 211 5.49 17.54 -12.04
CA ILE A 211 6.71 18.33 -11.86
C ILE A 211 7.26 18.13 -10.44
N LYS A 212 6.37 18.23 -9.45
CA LYS A 212 6.81 18.18 -8.05
C LYS A 212 7.41 16.83 -7.68
N GLU A 213 6.79 15.75 -8.14
CA GLU A 213 7.14 14.41 -7.68
C GLU A 213 7.95 13.62 -8.69
N ALA A 214 7.48 13.53 -9.93
CA ALA A 214 8.17 12.71 -10.92
C ALA A 214 9.48 13.34 -11.36
N GLN A 215 9.58 14.66 -11.28
CA GLN A 215 10.71 15.43 -11.78
C GLN A 215 11.14 14.99 -13.18
N PRO A 216 10.29 15.15 -14.19
CA PRO A 216 10.67 14.73 -15.55
C PRO A 216 11.76 15.63 -16.11
N TRP A 217 12.60 15.05 -16.97
CA TRP A 217 13.77 15.77 -17.44
C TRP A 217 13.38 16.93 -18.35
N THR A 218 12.50 16.69 -19.31
CA THR A 218 12.12 17.72 -20.26
C THR A 218 10.63 17.96 -20.22
N VAL A 219 10.24 19.17 -20.61
CA VAL A 219 8.85 19.61 -20.64
C VAL A 219 8.59 20.23 -22.01
N MET A 220 7.68 19.63 -22.77
CA MET A 220 7.34 20.10 -24.11
C MET A 220 6.16 21.05 -24.03
N THR A 221 6.35 22.27 -24.53
CA THR A 221 5.28 23.26 -24.53
C THR A 221 4.34 23.04 -25.72
N SER A 222 3.14 23.58 -25.60
CA SER A 222 2.10 23.35 -26.60
C SER A 222 2.16 24.39 -27.71
N TYR A 223 1.25 24.26 -28.67
CA TYR A 223 1.20 25.17 -29.81
C TYR A 223 0.43 26.44 -29.47
N ASN A 224 -0.78 26.30 -28.93
CA ASN A 224 -1.74 27.38 -28.88
C ASN A 224 -1.28 28.50 -27.94
N LEU A 225 -2.03 29.59 -27.94
CA LEU A 225 -1.73 30.77 -27.14
C LEU A 225 -2.54 30.73 -25.84
N ILE A 226 -2.29 31.73 -24.99
CA ILE A 226 -3.00 31.89 -23.72
C ILE A 226 -3.34 33.37 -23.58
N ASN A 227 -4.61 33.72 -23.73
CA ASN A 227 -5.11 35.08 -23.54
C ASN A 227 -4.48 36.09 -24.51
N GLY A 228 -3.63 35.62 -25.41
CA GLY A 228 -3.01 36.50 -26.38
C GLY A 228 -1.54 36.26 -26.64
N THR A 229 -0.88 35.55 -25.73
CA THR A 229 0.54 35.26 -25.84
C THR A 229 0.75 33.75 -25.96
N MET A 230 1.69 33.37 -26.84
CA MET A 230 1.97 31.97 -27.11
C MET A 230 2.37 31.22 -25.83
N SER A 231 1.99 29.95 -25.76
CA SER A 231 2.35 29.12 -24.61
C SER A 231 3.85 28.87 -24.56
N SER A 232 4.47 28.63 -25.73
CA SER A 232 5.91 28.41 -25.78
C SER A 232 6.69 29.71 -25.59
N GLU A 233 6.05 30.86 -25.79
CA GLU A 233 6.71 32.16 -25.70
C GLU A 233 6.20 32.99 -24.52
N ARG A 234 5.61 32.35 -23.52
CA ARG A 234 5.06 33.04 -22.37
C ARG A 234 5.99 32.86 -21.17
N CYS A 235 6.35 33.98 -20.53
CA CYS A 235 7.26 33.94 -19.40
C CYS A 235 6.62 33.36 -18.16
N ASP A 236 5.61 34.06 -17.62
CA ASP A 236 4.97 33.67 -16.37
C ASP A 236 4.59 32.19 -16.36
N LEU A 237 4.23 31.65 -17.52
CA LEU A 237 3.89 30.23 -17.60
C LEU A 237 5.14 29.37 -17.49
N ILE A 238 6.12 29.59 -18.38
CA ILE A 238 7.29 28.72 -18.44
C ILE A 238 8.28 29.04 -17.32
N THR A 239 8.34 30.29 -16.85
CA THR A 239 9.33 30.70 -15.87
C THR A 239 8.77 30.82 -14.46
N GLU A 240 7.68 31.58 -14.28
CA GLU A 240 7.15 31.81 -12.94
C GLU A 240 6.38 30.61 -12.42
N ILE A 241 5.48 30.05 -13.24
CA ILE A 241 4.69 28.91 -12.79
C ILE A 241 5.49 27.64 -12.80
N LEU A 242 6.27 27.42 -13.87
CA LEU A 242 6.95 26.14 -14.04
C LEU A 242 8.21 26.06 -13.19
N ARG A 243 9.17 26.97 -13.41
CA ARG A 243 10.46 26.86 -12.73
C ARG A 243 10.42 27.35 -11.30
N HIS A 244 9.61 28.36 -10.98
CA HIS A 244 9.70 29.03 -9.69
C HIS A 244 8.63 28.62 -8.70
N GLU A 245 7.46 28.16 -9.16
CA GLU A 245 6.44 27.68 -8.23
C GLU A 245 6.59 26.19 -7.96
N TRP A 246 6.67 25.39 -9.03
CA TRP A 246 6.72 23.95 -8.91
C TRP A 246 8.13 23.41 -8.68
N GLY A 247 9.16 24.22 -8.92
CA GLY A 247 10.52 23.78 -8.68
C GLY A 247 11.06 22.88 -9.76
N PHE A 248 10.85 23.24 -11.03
CA PHE A 248 11.31 22.43 -12.14
C PHE A 248 12.80 22.68 -12.39
N LYS A 249 13.54 21.58 -12.60
CA LYS A 249 14.98 21.65 -12.78
C LYS A 249 15.45 21.33 -14.19
N GLY A 250 14.63 20.64 -14.99
CA GLY A 250 15.09 20.14 -16.26
C GLY A 250 15.11 21.14 -17.42
N MET A 251 14.62 20.71 -18.58
CA MET A 251 14.70 21.49 -19.81
C MET A 251 13.31 21.68 -20.39
N VAL A 252 13.07 22.88 -20.94
CA VAL A 252 11.81 23.21 -21.58
C VAL A 252 12.05 23.27 -23.09
N MET A 253 11.35 22.42 -23.84
CA MET A 253 11.41 22.41 -25.29
C MET A 253 10.04 22.78 -25.86
N THR A 254 9.99 22.90 -27.19
CA THR A 254 8.76 23.19 -27.92
C THR A 254 8.40 22.01 -28.80
N ASP A 255 7.13 21.97 -29.21
CA ASP A 255 6.74 21.04 -30.25
C ASP A 255 7.36 21.46 -31.57
N TRP A 256 7.51 20.48 -32.46
CA TRP A 256 8.30 20.68 -33.66
C TRP A 256 7.73 21.79 -34.53
N PHE A 257 8.60 22.69 -34.98
CA PHE A 257 8.20 23.84 -35.80
C PHE A 257 7.13 24.65 -35.09
N GLY A 258 7.27 24.81 -33.78
CA GLY A 258 6.28 25.52 -32.98
C GLY A 258 6.81 26.81 -32.38
N GLY A 259 6.05 27.89 -32.53
CA GLY A 259 6.46 29.18 -32.03
C GLY A 259 6.68 30.19 -33.13
N ILE A 260 6.45 31.47 -32.83
CA ILE A 260 6.60 32.54 -33.81
C ILE A 260 7.99 33.14 -33.67
N SER A 261 8.17 34.01 -32.69
CA SER A 261 9.45 34.66 -32.47
C SER A 261 10.37 33.72 -31.69
N ALA A 262 11.53 33.41 -32.27
CA ALA A 262 12.54 32.63 -31.55
C ALA A 262 13.17 33.43 -30.41
N ALA A 263 13.00 34.76 -30.42
CA ALA A 263 13.51 35.59 -29.33
C ALA A 263 12.63 35.47 -28.09
N ALA A 264 11.31 35.55 -28.26
CA ALA A 264 10.40 35.44 -27.12
C ALA A 264 10.47 34.05 -26.48
N GLN A 265 10.70 33.01 -27.27
CA GLN A 265 10.85 31.67 -26.70
C GLN A 265 12.01 31.62 -25.73
N MET A 266 13.15 32.20 -26.11
CA MET A 266 14.32 32.20 -25.24
C MET A 266 14.06 33.01 -23.97
N GLU A 267 13.42 34.17 -24.10
CA GLU A 267 13.21 35.03 -22.94
C GLU A 267 12.13 34.49 -22.03
N ALA A 268 11.17 33.74 -22.57
CA ALA A 268 10.13 33.13 -21.76
C ALA A 268 10.66 32.00 -20.89
N GLY A 269 11.87 31.53 -21.14
CA GLY A 269 12.42 30.40 -20.41
C GLY A 269 12.38 29.09 -21.16
N ASN A 270 11.98 29.10 -22.43
CA ASN A 270 11.94 27.90 -23.25
C ASN A 270 13.32 27.66 -23.84
N ASP A 271 14.01 26.65 -23.31
CA ASP A 271 15.41 26.41 -23.63
C ASP A 271 15.61 25.98 -25.08
N LEU A 272 15.16 24.78 -25.42
CA LEU A 272 15.47 24.15 -26.69
C LEU A 272 14.36 24.38 -27.69
N LEU A 273 14.74 24.57 -28.95
CA LEU A 273 13.81 24.66 -30.07
C LEU A 273 13.87 23.38 -30.87
N MET A 274 12.70 22.83 -31.19
CA MET A 274 12.64 21.55 -31.88
C MET A 274 11.82 21.67 -33.16
N PRO A 275 12.20 20.96 -34.22
CA PRO A 275 13.43 20.16 -34.32
C PRO A 275 14.58 21.05 -34.73
N GLY A 276 14.28 22.17 -35.39
CA GLY A 276 15.31 23.08 -35.84
C GLY A 276 15.20 23.38 -37.33
N LYS A 277 15.12 24.66 -37.67
CA LYS A 277 15.11 25.12 -39.04
C LYS A 277 16.23 26.14 -39.24
N ALA A 278 16.54 26.44 -40.50
CA ALA A 278 17.58 27.42 -40.79
C ALA A 278 17.14 28.83 -40.39
N ASP A 279 15.85 29.14 -40.48
CA ASP A 279 15.39 30.50 -40.21
C ASP A 279 15.47 30.84 -38.73
N GLN A 280 15.23 29.87 -37.86
CA GLN A 280 15.31 30.12 -36.42
C GLN A 280 16.68 30.68 -36.04
N VAL A 281 17.75 30.00 -36.47
CA VAL A 281 19.09 30.44 -36.15
C VAL A 281 19.33 31.87 -36.62
N LYS A 282 18.84 32.20 -37.82
CA LYS A 282 19.05 33.53 -38.37
C LYS A 282 18.39 34.61 -37.51
N GLU A 283 17.21 34.31 -36.96
CA GLU A 283 16.56 35.29 -36.09
C GLU A 283 17.25 35.35 -34.74
N ILE A 284 17.71 34.21 -34.23
CA ILE A 284 18.48 34.22 -32.98
C ILE A 284 19.85 34.85 -33.22
N ARG A 285 20.45 34.58 -34.38
CA ARG A 285 21.74 35.20 -34.70
C ARG A 285 21.62 36.71 -34.76
N LYS A 286 20.59 37.22 -35.43
CA LYS A 286 20.39 38.66 -35.51
C LYS A 286 20.00 39.25 -34.15
N ALA A 287 19.34 38.46 -33.30
CA ALA A 287 18.82 38.99 -32.05
C ALA A 287 19.92 39.44 -31.10
N VAL A 288 21.00 38.65 -31.00
CA VAL A 288 22.06 39.00 -30.07
C VAL A 288 23.02 40.02 -30.69
N LEU A 289 23.24 39.96 -32.00
CA LEU A 289 24.15 40.91 -32.64
C LEU A 289 23.57 42.31 -32.67
N ASN A 290 22.26 42.44 -32.91
CA ASN A 290 21.64 43.75 -32.81
C ASN A 290 21.49 44.17 -31.35
N GLY A 291 21.26 43.22 -30.46
CA GLY A 291 21.26 43.50 -29.04
C GLY A 291 19.91 43.46 -28.36
N ARG A 292 19.03 42.55 -28.81
CA ARG A 292 17.74 42.34 -28.15
C ARG A 292 17.79 41.20 -27.15
N LEU A 293 18.11 40.00 -27.62
CA LEU A 293 18.27 38.86 -26.73
C LEU A 293 19.55 39.00 -25.93
N SER A 294 19.43 38.99 -24.60
CA SER A 294 20.60 39.14 -23.75
C SER A 294 21.32 37.80 -23.57
N MET A 295 22.64 37.89 -23.36
CA MET A 295 23.44 36.69 -23.21
C MET A 295 23.02 35.90 -21.97
N GLU A 296 22.65 36.59 -20.89
CA GLU A 296 22.17 35.92 -19.69
C GLU A 296 20.97 35.04 -19.99
N ILE A 297 20.08 35.49 -20.87
CA ILE A 297 18.93 34.69 -21.26
C ILE A 297 19.38 33.44 -22.02
N LEU A 298 20.23 33.61 -23.01
CA LEU A 298 20.74 32.47 -23.77
C LEU A 298 21.57 31.56 -22.86
N ASP A 299 22.37 32.13 -21.98
CA ASP A 299 23.18 31.31 -21.07
C ASP A 299 22.29 30.52 -20.12
N ARG A 300 21.17 31.09 -19.68
CA ARG A 300 20.24 30.35 -18.85
C ARG A 300 19.66 29.17 -19.60
N ASN A 301 19.27 29.37 -20.86
CA ASN A 301 18.69 28.28 -21.63
C ASN A 301 19.72 27.20 -21.94
N VAL A 302 20.96 27.60 -22.22
CA VAL A 302 22.01 26.61 -22.50
C VAL A 302 22.30 25.79 -21.26
N ARG A 303 22.34 26.44 -20.09
CA ARG A 303 22.69 25.73 -18.87
C ARG A 303 21.68 24.65 -18.52
N HIS A 304 20.39 24.94 -18.73
CA HIS A 304 19.36 23.92 -18.51
C HIS A 304 19.57 22.73 -19.43
N ILE A 305 20.12 22.95 -20.63
CA ILE A 305 20.43 21.85 -21.53
C ILE A 305 21.66 21.10 -21.03
N LEU A 306 22.62 21.80 -20.41
CA LEU A 306 23.79 21.13 -19.86
C LEU A 306 23.41 20.27 -18.65
N GLU A 307 22.58 20.80 -17.76
CA GLU A 307 22.05 19.98 -16.68
C GLU A 307 21.25 18.80 -17.22
N TYR A 308 20.68 18.95 -18.41
CA TYR A 308 19.88 17.89 -19.03
C TYR A 308 20.76 16.80 -19.62
N ILE A 309 21.79 17.17 -20.38
CA ILE A 309 22.65 16.18 -21.03
C ILE A 309 23.46 15.39 -20.00
N MET A 310 23.83 16.02 -18.87
CA MET A 310 24.70 15.36 -17.89
C MET A 310 24.17 13.99 -17.48
N GLN A 311 22.87 13.91 -17.23
CA GLN A 311 22.26 12.69 -16.71
C GLN A 311 21.88 11.70 -17.79
N THR A 312 21.90 12.11 -19.06
CA THR A 312 21.57 11.19 -20.14
C THR A 312 22.63 10.09 -20.23
N PRO A 313 22.23 8.85 -20.54
CA PRO A 313 23.22 7.77 -20.69
C PRO A 313 24.13 7.95 -21.89
N ARG A 314 23.85 8.90 -22.78
CA ARG A 314 24.77 9.20 -23.87
C ARG A 314 26.06 9.81 -23.33
N PHE A 315 25.95 10.67 -22.31
CA PHE A 315 27.13 11.25 -21.69
C PHE A 315 27.89 10.23 -20.86
N LYS A 316 27.17 9.32 -20.19
CA LYS A 316 27.79 8.21 -19.50
C LYS A 316 28.19 7.07 -20.44
N GLN A 317 27.78 7.15 -21.70
CA GLN A 317 28.17 6.20 -22.75
C GLN A 317 27.75 4.76 -22.41
N TYR A 318 26.47 4.59 -22.12
CA TYR A 318 25.85 3.26 -22.15
C TYR A 318 25.23 3.05 -23.53
N VAL A 319 26.11 2.89 -24.51
CA VAL A 319 25.71 2.91 -25.91
C VAL A 319 24.77 1.74 -26.20
N ALA A 320 23.90 1.95 -27.19
CA ALA A 320 22.85 1.01 -27.55
C ALA A 320 23.38 -0.39 -27.83
N ASP A 321 22.98 -1.36 -27.01
CA ASP A 321 23.34 -2.75 -27.25
C ASP A 321 22.28 -3.48 -28.07
N ASN A 322 21.07 -2.93 -28.13
CA ASN A 322 19.98 -3.50 -28.93
C ASN A 322 19.63 -4.92 -28.47
N ASN A 323 19.68 -5.15 -27.16
CA ASN A 323 19.26 -6.41 -26.55
C ASN A 323 18.07 -6.11 -25.65
N PRO A 324 16.86 -6.05 -26.21
CA PRO A 324 15.74 -5.59 -25.40
C PRO A 324 15.16 -6.67 -24.50
N ASP A 325 14.97 -7.86 -25.07
CA ASP A 325 14.29 -9.02 -24.50
C ASP A 325 12.77 -8.94 -24.69
N LEU A 326 12.32 -8.31 -25.78
CA LEU A 326 10.92 -7.98 -26.05
C LEU A 326 9.91 -9.02 -25.59
N LYS A 327 10.34 -10.29 -25.52
CA LYS A 327 9.47 -11.37 -25.06
C LYS A 327 8.90 -11.09 -23.68
N GLY A 328 9.77 -10.73 -22.72
CA GLY A 328 9.31 -10.53 -21.36
C GLY A 328 8.48 -9.28 -21.14
N HIS A 329 8.76 -8.21 -21.88
CA HIS A 329 8.01 -6.96 -21.68
C HIS A 329 6.58 -7.09 -22.16
N ALA A 330 6.35 -7.93 -23.18
CA ALA A 330 5.01 -8.05 -23.76
C ALA A 330 4.02 -8.59 -22.74
N LEU A 331 4.49 -9.42 -21.80
CA LEU A 331 3.59 -9.99 -20.81
C LEU A 331 2.97 -8.91 -19.93
N VAL A 332 3.72 -7.85 -19.66
CA VAL A 332 3.23 -6.80 -18.77
C VAL A 332 2.08 -6.04 -19.42
N ALA A 333 2.16 -5.82 -20.73
CA ALA A 333 1.12 -5.05 -21.42
C ALA A 333 -0.21 -5.77 -21.38
N ARG A 334 -0.20 -7.10 -21.48
CA ARG A 334 -1.44 -7.88 -21.43
C ARG A 334 -2.18 -7.66 -20.12
N ASN A 335 -1.45 -7.58 -19.01
CA ASN A 335 -2.08 -7.32 -17.72
C ASN A 335 -2.51 -5.86 -17.57
N ALA A 336 -1.76 -4.91 -18.14
CA ALA A 336 -2.16 -3.52 -18.08
C ALA A 336 -3.45 -3.27 -18.86
N ALA A 337 -3.56 -3.85 -20.05
CA ALA A 337 -4.78 -3.68 -20.84
C ALA A 337 -5.96 -4.39 -20.19
N THR A 338 -5.73 -5.60 -19.67
CA THR A 338 -6.82 -6.38 -19.08
C THR A 338 -7.40 -5.67 -17.86
N GLU A 339 -6.53 -5.21 -16.94
CA GLU A 339 -7.00 -4.47 -15.79
C GLU A 339 -7.58 -3.12 -16.19
N GLY A 340 -7.10 -2.54 -17.30
CA GLY A 340 -7.59 -1.29 -17.81
C GLY A 340 -8.82 -1.36 -18.68
N MET A 341 -9.40 -2.55 -18.85
CA MET A 341 -10.66 -2.68 -19.54
C MET A 341 -11.81 -2.55 -18.55
N VAL A 342 -12.87 -1.86 -18.95
CA VAL A 342 -14.02 -1.62 -18.09
C VAL A 342 -15.24 -2.26 -18.73
N LEU A 343 -16.00 -3.01 -17.92
CA LEU A 343 -17.23 -3.63 -18.38
C LEU A 343 -18.38 -2.66 -18.15
N LEU A 344 -19.04 -2.25 -19.23
CA LEU A 344 -19.97 -1.14 -19.14
C LEU A 344 -21.35 -1.59 -18.71
N LYS A 345 -21.72 -2.83 -19.04
CA LYS A 345 -23.03 -3.35 -18.66
C LYS A 345 -22.99 -4.86 -18.75
N ASN A 346 -23.37 -5.52 -17.66
CA ASN A 346 -23.54 -6.97 -17.62
C ASN A 346 -24.96 -7.27 -17.17
N ASN A 347 -25.73 -7.92 -18.03
CA ASN A 347 -27.14 -8.21 -17.76
C ASN A 347 -27.35 -9.71 -17.65
N LYS A 348 -28.10 -10.11 -16.63
CA LYS A 348 -28.36 -11.53 -16.32
C LYS A 348 -27.06 -12.31 -16.15
N ASN A 349 -26.02 -11.64 -15.66
CA ASN A 349 -24.72 -12.24 -15.39
C ASN A 349 -24.23 -13.06 -16.59
N VAL A 350 -24.39 -12.50 -17.79
CA VAL A 350 -24.00 -13.21 -19.00
C VAL A 350 -22.48 -13.30 -19.10
N LEU A 351 -21.78 -12.27 -18.64
CA LEU A 351 -20.33 -12.44 -18.58
C LEU A 351 -19.92 -12.92 -17.18
N PRO A 352 -18.90 -13.78 -17.06
CA PRO A 352 -18.04 -14.30 -18.12
C PRO A 352 -18.74 -15.37 -18.93
N LEU A 353 -18.32 -15.58 -20.19
CA LEU A 353 -18.93 -16.63 -21.00
C LEU A 353 -18.70 -17.99 -20.35
N VAL A 354 -19.76 -18.78 -20.27
CA VAL A 354 -19.69 -20.09 -19.63
C VAL A 354 -18.93 -21.06 -20.53
N GLN A 355 -18.60 -22.24 -20.00
CA GLN A 355 -17.85 -23.23 -20.77
C GLN A 355 -18.67 -23.82 -21.91
N LYS A 356 -19.99 -23.63 -21.90
CA LYS A 356 -20.83 -24.20 -22.94
C LYS A 356 -20.64 -23.49 -24.28
N ILE A 357 -20.24 -22.23 -24.26
CA ILE A 357 -20.02 -21.46 -25.49
C ILE A 357 -18.70 -21.91 -26.10
N LYS A 358 -18.77 -22.50 -27.28
CA LYS A 358 -17.58 -22.98 -27.97
C LYS A 358 -17.50 -22.52 -29.42
N ASN A 359 -18.62 -22.54 -30.14
CA ASN A 359 -18.73 -21.84 -31.41
C ASN A 359 -19.23 -20.42 -31.15
N ILE A 360 -18.58 -19.45 -31.78
CA ILE A 360 -18.92 -18.03 -31.58
C ILE A 360 -18.95 -17.34 -32.94
N ALA A 361 -19.95 -16.48 -33.12
CA ALA A 361 -20.09 -15.66 -34.33
C ALA A 361 -19.56 -14.26 -34.03
N LEU A 362 -18.69 -13.77 -34.92
CA LEU A 362 -17.93 -12.54 -34.68
C LEU A 362 -18.40 -11.45 -35.63
N PHE A 363 -18.84 -10.32 -35.07
CA PHE A 363 -19.40 -9.23 -35.85
C PHE A 363 -18.59 -7.96 -35.67
N GLY A 364 -18.56 -7.13 -36.71
CA GLY A 364 -17.76 -5.92 -36.71
C GLY A 364 -16.56 -6.04 -37.63
N ASN A 365 -16.39 -5.08 -38.54
CA ASN A 365 -15.22 -5.09 -39.42
C ASN A 365 -13.93 -5.07 -38.61
N THR A 366 -13.89 -4.28 -37.54
CA THR A 366 -12.73 -4.17 -36.69
C THR A 366 -12.54 -5.37 -35.75
N SER A 367 -13.28 -6.46 -35.98
CA SER A 367 -13.01 -7.70 -35.26
C SER A 367 -11.88 -8.49 -35.89
N TYR A 368 -11.52 -8.17 -37.12
CA TYR A 368 -10.46 -8.82 -37.87
C TYR A 368 -9.33 -7.87 -38.21
N ASP A 369 -9.65 -6.62 -38.50
CA ASP A 369 -8.67 -5.53 -38.48
C ASP A 369 -8.79 -4.79 -37.15
N PHE A 370 -8.32 -5.46 -36.10
CA PHE A 370 -8.47 -4.96 -34.74
C PHE A 370 -7.54 -3.79 -34.48
N ILE A 371 -8.04 -2.82 -33.72
CA ILE A 371 -7.30 -1.58 -33.46
C ILE A 371 -6.40 -1.80 -32.25
N ALA A 372 -5.22 -1.18 -32.29
CA ALA A 372 -4.25 -1.27 -31.21
C ALA A 372 -3.99 0.06 -30.53
N GLY A 373 -3.74 1.12 -31.31
CA GLY A 373 -3.51 2.43 -30.76
C GLY A 373 -3.78 3.50 -31.80
N GLY A 374 -3.84 4.74 -31.32
CA GLY A 374 -4.13 5.85 -32.22
C GLY A 374 -3.07 6.01 -33.29
N THR A 375 -3.43 6.79 -34.32
CA THR A 375 -2.61 6.93 -35.51
C THR A 375 -1.65 8.11 -35.37
N GLY A 376 -0.76 8.22 -36.34
CA GLY A 376 0.10 9.40 -36.44
C GLY A 376 1.34 9.24 -35.59
N SER A 377 1.66 10.30 -34.83
CA SER A 377 2.88 10.31 -34.05
C SER A 377 2.85 9.25 -32.94
N GLY A 378 1.70 9.08 -32.28
CA GLY A 378 1.60 8.10 -31.23
C GLY A 378 1.74 6.67 -31.73
N ASN A 379 1.44 6.45 -33.00
CA ASN A 379 1.53 5.11 -33.57
C ASN A 379 2.97 4.59 -33.46
N VAL A 380 3.09 3.29 -33.22
CA VAL A 380 4.37 2.67 -32.90
C VAL A 380 4.59 1.50 -33.85
N ASN A 381 5.86 1.10 -33.96
CA ASN A 381 6.23 -0.01 -34.83
C ASN A 381 6.04 -1.33 -34.09
N HIS A 382 5.00 -2.07 -34.46
CA HIS A 382 4.72 -3.38 -33.89
C HIS A 382 4.98 -4.47 -34.92
N ALA A 383 5.21 -5.68 -34.41
CA ALA A 383 5.45 -6.84 -35.28
C ALA A 383 4.15 -7.57 -35.60
N TYR A 384 3.42 -8.00 -34.57
CA TYR A 384 2.15 -8.70 -34.74
C TYR A 384 1.06 -7.94 -33.99
N VAL A 385 -0.15 -8.00 -34.54
CA VAL A 385 -1.35 -7.47 -33.89
C VAL A 385 -2.23 -8.65 -33.53
N VAL A 386 -2.50 -8.84 -32.24
CA VAL A 386 -3.44 -9.87 -31.80
C VAL A 386 -4.84 -9.34 -32.07
N SER A 387 -5.37 -9.65 -33.24
CA SER A 387 -6.73 -9.29 -33.56
C SER A 387 -7.71 -10.17 -32.79
N LEU A 388 -8.96 -9.71 -32.71
CA LEU A 388 -9.97 -10.47 -31.98
C LEU A 388 -10.19 -11.84 -32.62
N LEU A 389 -10.09 -11.91 -33.95
CA LEU A 389 -10.22 -13.18 -34.65
C LEU A 389 -9.27 -14.24 -34.09
N ASP A 390 -8.11 -13.81 -33.59
CA ASP A 390 -7.12 -14.72 -33.03
C ASP A 390 -7.16 -14.80 -31.51
N GLY A 391 -7.71 -13.79 -30.84
CA GLY A 391 -7.83 -13.85 -29.39
C GLY A 391 -8.73 -14.98 -28.93
N LEU A 392 -9.78 -15.27 -29.69
CA LEU A 392 -10.67 -16.39 -29.36
C LEU A 392 -10.08 -17.73 -29.76
N LYS A 393 -8.94 -17.75 -30.44
CA LYS A 393 -8.29 -18.99 -30.84
C LYS A 393 -7.24 -19.47 -29.85
N ASN A 394 -6.72 -18.59 -29.00
CA ASN A 394 -5.85 -19.02 -27.92
C ASN A 394 -6.65 -19.48 -26.71
N ALA A 395 -7.85 -18.92 -26.53
CA ALA A 395 -8.73 -19.31 -25.42
C ALA A 395 -9.51 -20.58 -25.72
N GLY A 396 -9.29 -21.20 -26.89
CA GLY A 396 -9.90 -22.46 -27.23
C GLY A 396 -11.15 -22.36 -28.07
N TYR A 397 -11.80 -21.20 -28.09
CA TYR A 397 -13.08 -21.08 -28.78
C TYR A 397 -12.91 -21.24 -30.29
N GLN A 398 -14.01 -21.60 -30.94
CA GLN A 398 -14.06 -21.76 -32.39
C GLN A 398 -14.74 -20.55 -33.01
N VAL A 399 -14.04 -19.89 -33.93
CA VAL A 399 -14.62 -18.77 -34.66
C VAL A 399 -15.44 -19.31 -35.82
N ASP A 400 -16.56 -18.64 -36.12
CA ASP A 400 -17.44 -19.09 -37.19
C ASP A 400 -16.72 -19.04 -38.53
N GLY A 401 -16.87 -20.10 -39.32
CA GLY A 401 -16.17 -20.17 -40.60
C GLY A 401 -16.79 -19.28 -41.65
N ASP A 402 -18.12 -19.18 -41.68
CA ASP A 402 -18.79 -18.38 -42.70
C ASP A 402 -18.61 -16.89 -42.44
N ILE A 403 -18.88 -16.44 -41.23
CA ILE A 403 -18.81 -15.02 -40.93
C ILE A 403 -17.37 -14.52 -40.97
N GLN A 404 -16.41 -15.37 -40.60
CA GLN A 404 -15.01 -15.04 -40.81
C GLN A 404 -14.69 -14.92 -42.30
N LYS A 405 -15.30 -15.78 -43.12
CA LYS A 405 -15.09 -15.71 -44.55
C LYS A 405 -15.70 -14.46 -45.15
N SER A 406 -16.85 -14.02 -44.63
CA SER A 406 -17.53 -12.86 -45.18
C SER A 406 -16.78 -11.56 -44.88
N TYR A 407 -16.23 -11.44 -43.67
CA TYR A 407 -15.59 -10.19 -43.28
C TYR A 407 -14.19 -10.06 -43.86
N ILE A 408 -13.41 -11.15 -43.87
CA ILE A 408 -12.06 -11.11 -44.42
C ILE A 408 -12.09 -10.67 -45.88
N GLU A 409 -13.03 -11.22 -46.65
CA GLU A 409 -13.06 -10.96 -48.09
C GLU A 409 -13.77 -9.66 -48.45
N TYR A 410 -14.53 -9.07 -47.52
CA TYR A 410 -15.27 -7.87 -47.86
C TYR A 410 -14.35 -6.66 -48.00
N ALA A 411 -13.36 -6.55 -47.11
CA ALA A 411 -12.56 -5.33 -47.05
C ALA A 411 -11.89 -4.93 -48.36
N PRO A 412 -11.35 -5.86 -49.18
CA PRO A 412 -10.72 -5.40 -50.44
C PRO A 412 -11.65 -4.62 -51.36
N LYS A 413 -12.89 -5.08 -51.55
CA LYS A 413 -13.81 -4.34 -52.40
C LYS A 413 -14.09 -2.95 -51.85
N ALA A 414 -14.31 -2.84 -50.54
CA ALA A 414 -14.63 -1.55 -49.94
C ALA A 414 -13.44 -0.59 -50.02
N LYS A 415 -12.23 -1.10 -49.77
CA LYS A 415 -11.04 -0.27 -49.92
C LYS A 415 -10.85 0.22 -51.35
N ALA A 416 -11.44 -0.45 -52.34
CA ALA A 416 -11.20 -0.09 -53.72
C ALA A 416 -11.90 1.20 -54.11
N ASN A 417 -13.12 1.40 -53.62
CA ASN A 417 -13.94 2.54 -54.02
C ASN A 417 -14.32 3.38 -52.81
N LEU A 418 -14.23 4.69 -52.97
CA LEU A 418 -14.59 5.65 -51.94
C LEU A 418 -16.05 5.48 -51.50
N PHE A 433 -14.06 5.58 -41.11
CA PHE A 433 -13.26 5.70 -42.33
C PHE A 433 -13.70 4.65 -43.35
N ILE A 434 -14.11 3.48 -42.86
CA ILE A 434 -14.62 2.40 -43.68
C ILE A 434 -16.07 2.15 -43.28
N PRO A 435 -17.01 2.12 -44.23
CA PRO A 435 -18.40 1.81 -43.85
C PRO A 435 -18.54 0.35 -43.43
N GLU A 436 -19.34 0.12 -42.41
CA GLU A 436 -19.51 -1.22 -41.87
C GLU A 436 -20.13 -2.14 -42.91
N MET A 437 -19.66 -3.39 -42.94
CA MET A 437 -20.25 -4.38 -43.83
C MET A 437 -21.68 -4.67 -43.41
N SER A 438 -22.64 -4.36 -44.29
CA SER A 438 -24.04 -4.57 -43.97
C SER A 438 -24.32 -6.06 -43.80
N LEU A 439 -25.46 -6.35 -43.19
CA LEU A 439 -25.87 -7.73 -42.91
C LEU A 439 -26.46 -8.42 -44.13
N ALA A 440 -26.50 -7.76 -45.29
CA ALA A 440 -27.13 -8.35 -46.46
C ALA A 440 -26.27 -9.47 -47.05
N GLU A 441 -24.95 -9.27 -47.09
CA GLU A 441 -24.07 -10.33 -47.58
C GLU A 441 -23.96 -11.47 -46.57
N LEU A 442 -23.88 -11.14 -45.29
CA LEU A 442 -23.75 -12.14 -44.25
C LEU A 442 -25.02 -12.99 -44.15
N ASN A 443 -24.83 -14.28 -43.88
CA ASN A 443 -25.95 -15.20 -43.74
C ASN A 443 -26.54 -15.07 -42.35
N MET A 444 -27.76 -14.52 -42.27
CA MET A 444 -28.39 -14.30 -40.97
C MET A 444 -28.89 -15.60 -40.35
N SER A 445 -29.34 -16.55 -41.17
CA SER A 445 -29.87 -17.79 -40.63
C SER A 445 -28.76 -18.71 -40.13
N ALA A 446 -27.62 -18.73 -40.82
CA ALA A 446 -26.53 -19.60 -40.43
C ALA A 446 -25.89 -19.20 -39.11
N ALA A 447 -26.06 -17.94 -38.68
CA ALA A 447 -25.47 -17.51 -37.42
C ALA A 447 -26.13 -18.19 -36.23
N VAL A 448 -27.43 -18.50 -36.33
CA VAL A 448 -28.13 -19.25 -35.29
C VAL A 448 -28.22 -20.74 -35.62
N LYS A 449 -27.58 -21.17 -36.71
CA LYS A 449 -27.58 -22.58 -37.09
C LYS A 449 -26.42 -23.34 -36.46
N ASN A 450 -25.26 -22.72 -36.31
CA ASN A 450 -24.09 -23.37 -35.74
C ASN A 450 -23.56 -22.69 -34.49
N ASN A 451 -23.58 -21.36 -34.45
CA ASN A 451 -22.90 -20.62 -33.39
C ASN A 451 -23.81 -20.42 -32.18
N ASP A 452 -23.22 -20.48 -31.00
CA ASP A 452 -23.95 -20.38 -29.74
C ASP A 452 -24.15 -18.94 -29.26
N LEU A 453 -23.28 -18.02 -29.67
CA LEU A 453 -23.31 -16.66 -29.16
C LEU A 453 -22.58 -15.75 -30.15
N ALA A 454 -22.94 -14.47 -30.12
CA ALA A 454 -22.41 -13.49 -31.06
C ALA A 454 -21.77 -12.33 -30.33
N ILE A 455 -20.72 -11.77 -30.94
CA ILE A 455 -19.99 -10.63 -30.40
C ILE A 455 -19.96 -9.53 -31.45
N ILE A 456 -20.03 -8.28 -30.99
CA ILE A 456 -19.98 -7.11 -31.85
C ILE A 456 -18.77 -6.27 -31.47
N THR A 457 -18.11 -5.68 -32.47
CA THR A 457 -16.92 -4.87 -32.25
C THR A 457 -17.10 -3.54 -33.00
N ILE A 458 -17.36 -2.48 -32.24
CA ILE A 458 -17.53 -1.14 -32.80
C ILE A 458 -16.16 -0.48 -32.85
N GLY A 459 -15.67 -0.19 -34.05
CA GLY A 459 -14.33 0.33 -34.23
C GLY A 459 -14.26 1.80 -34.61
N LYS A 460 -13.75 2.63 -33.69
CA LYS A 460 -13.51 4.03 -33.95
C LYS A 460 -12.05 4.36 -33.65
N SER A 461 -11.50 5.31 -34.42
CA SER A 461 -10.11 5.72 -34.23
C SER A 461 -9.94 7.09 -34.88
N SER A 462 -9.69 8.11 -34.05
CA SER A 462 -9.53 9.48 -34.52
C SER A 462 -8.05 9.84 -34.55
N GLY A 463 -7.59 10.34 -35.69
CA GLY A 463 -6.21 10.76 -35.80
C GLY A 463 -5.95 12.05 -35.05
N GLU A 464 -4.67 12.29 -34.76
CA GLU A 464 -4.28 13.48 -34.00
C GLU A 464 -4.57 14.76 -34.76
N PHE A 465 -4.27 14.77 -36.06
CA PHE A 465 -4.33 16.03 -36.81
C PHE A 465 -5.76 16.47 -37.06
N LEU A 466 -6.68 15.52 -37.27
CA LEU A 466 -8.05 15.82 -37.66
C LEU A 466 -8.99 15.51 -36.50
N ASP A 467 -9.83 16.49 -36.15
CA ASP A 467 -10.73 16.34 -35.02
C ASP A 467 -11.93 15.46 -35.38
N ARG A 468 -12.58 14.97 -34.33
CA ARG A 468 -13.60 13.95 -34.45
C ARG A 468 -14.89 14.50 -35.08
N LYS A 469 -15.47 13.74 -35.99
CA LYS A 469 -16.70 14.14 -36.64
C LYS A 469 -17.91 13.69 -35.82
N ILE A 470 -18.93 14.55 -35.77
CA ILE A 470 -20.14 14.19 -35.02
C ILE A 470 -20.80 12.96 -35.63
N SER A 471 -20.73 12.83 -36.96
CA SER A 471 -21.51 11.81 -37.66
C SER A 471 -21.06 10.41 -37.29
N ASP A 472 -19.76 10.17 -37.30
CA ASP A 472 -19.25 8.83 -37.04
C ASP A 472 -18.35 8.73 -35.81
N SER A 473 -17.56 9.76 -35.48
CA SER A 473 -16.63 9.60 -34.37
C SER A 473 -17.35 9.56 -33.03
N PHE A 474 -18.35 10.40 -32.84
CA PHE A 474 -19.13 10.35 -31.60
C PHE A 474 -20.37 9.49 -31.80
N ASN A 475 -21.35 9.97 -32.56
CA ASN A 475 -22.52 9.16 -32.87
C ASN A 475 -22.13 7.99 -33.75
N LEU A 476 -22.91 6.91 -33.65
CA LEU A 476 -22.71 5.77 -34.52
C LEU A 476 -23.44 5.99 -35.84
N THR A 477 -22.79 5.62 -36.93
CA THR A 477 -23.45 5.68 -38.22
C THR A 477 -24.57 4.65 -38.29
N LYS A 478 -25.46 4.81 -39.26
CA LYS A 478 -26.56 3.87 -39.40
C LYS A 478 -26.11 2.51 -39.90
N GLU A 479 -24.88 2.39 -40.43
CA GLU A 479 -24.31 1.09 -40.73
C GLU A 479 -24.00 0.31 -39.45
N GLU A 480 -23.83 1.00 -38.33
CA GLU A 480 -23.62 0.36 -37.03
C GLU A 480 -24.93 0.05 -36.32
N LYS A 481 -25.89 0.99 -36.36
CA LYS A 481 -27.13 0.81 -35.64
C LYS A 481 -27.92 -0.38 -36.17
N ASP A 482 -27.97 -0.54 -37.50
CA ASP A 482 -28.69 -1.65 -38.09
C ASP A 482 -27.95 -2.97 -37.95
N MET A 483 -26.68 -2.94 -37.58
CA MET A 483 -26.01 -4.18 -37.18
C MET A 483 -26.29 -4.51 -35.71
N ILE A 484 -26.34 -3.50 -34.85
CA ILE A 484 -26.65 -3.67 -33.44
C ILE A 484 -28.02 -4.33 -33.29
N SER A 485 -29.07 -3.61 -33.70
CA SER A 485 -30.43 -4.13 -33.52
C SER A 485 -30.66 -5.37 -34.36
N GLY A 486 -30.18 -5.37 -35.61
CA GLY A 486 -30.38 -6.53 -36.47
C GLY A 486 -29.79 -7.80 -35.89
N VAL A 487 -28.56 -7.71 -35.38
CA VAL A 487 -27.96 -8.85 -34.70
C VAL A 487 -28.71 -9.17 -33.41
N CYS A 488 -29.10 -8.13 -32.67
CA CYS A 488 -29.74 -8.34 -31.37
C CYS A 488 -31.06 -9.08 -31.51
N ASN A 489 -31.97 -8.57 -32.35
CA ASN A 489 -33.29 -9.17 -32.45
C ASN A 489 -33.24 -10.57 -33.04
N ALA A 490 -32.38 -10.79 -34.05
CA ALA A 490 -32.27 -12.11 -34.65
C ALA A 490 -31.76 -13.14 -33.65
N PHE A 491 -30.80 -12.75 -32.81
CA PHE A 491 -30.27 -13.68 -31.82
C PHE A 491 -31.16 -13.80 -30.60
N HIS A 492 -31.71 -12.67 -30.11
CA HIS A 492 -32.66 -12.74 -29.00
C HIS A 492 -33.90 -13.53 -29.35
N LYS A 493 -34.22 -13.66 -30.65
CA LYS A 493 -35.23 -14.59 -31.12
C LYS A 493 -34.69 -16.00 -31.31
N ALA A 494 -33.58 -16.32 -30.65
CA ALA A 494 -33.08 -17.69 -30.56
C ALA A 494 -32.69 -18.03 -29.13
N GLY A 495 -33.04 -17.18 -28.17
CA GLY A 495 -32.64 -17.35 -26.79
C GLY A 495 -31.20 -16.98 -26.49
N LYS A 496 -30.43 -16.59 -27.51
CA LYS A 496 -29.01 -16.35 -27.34
C LYS A 496 -28.73 -14.90 -26.92
N LYS A 497 -27.49 -14.66 -26.52
CA LYS A 497 -27.06 -13.36 -26.01
C LYS A 497 -26.00 -12.78 -26.94
N VAL A 498 -25.88 -11.46 -26.92
CA VAL A 498 -24.95 -10.73 -27.78
C VAL A 498 -24.15 -9.76 -26.92
N VAL A 499 -22.83 -9.72 -27.14
CA VAL A 499 -21.92 -8.86 -26.39
C VAL A 499 -21.26 -7.89 -27.36
N VAL A 500 -21.22 -6.62 -26.99
CA VAL A 500 -20.59 -5.58 -27.79
C VAL A 500 -19.23 -5.25 -27.20
N ILE A 501 -18.19 -5.28 -28.03
CA ILE A 501 -16.84 -4.91 -27.64
C ILE A 501 -16.57 -3.52 -28.19
N LEU A 502 -16.52 -2.52 -27.31
CA LEU A 502 -16.29 -1.13 -27.71
C LEU A 502 -14.80 -0.92 -27.92
N ASN A 503 -14.35 -1.15 -29.15
CA ASN A 503 -12.97 -0.90 -29.56
C ASN A 503 -12.78 0.55 -29.98
N VAL A 504 -13.13 1.47 -29.08
CA VAL A 504 -13.22 2.88 -29.42
C VAL A 504 -12.07 3.65 -28.77
N CYS A 505 -11.83 4.85 -29.30
CA CYS A 505 -10.78 5.73 -28.79
C CYS A 505 -11.34 6.85 -27.92
N GLY A 506 -12.60 6.76 -27.53
CA GLY A 506 -13.21 7.80 -26.71
C GLY A 506 -14.69 7.57 -26.55
N VAL A 507 -15.35 8.57 -25.97
CA VAL A 507 -16.79 8.50 -25.72
C VAL A 507 -17.53 8.51 -27.05
N ILE A 508 -18.64 7.76 -27.09
CA ILE A 508 -19.50 7.69 -28.26
C ILE A 508 -20.96 7.76 -27.81
N GLU A 509 -21.85 7.87 -28.78
CA GLU A 509 -23.28 7.83 -28.48
C GLU A 509 -23.67 6.42 -28.04
N THR A 510 -24.37 6.34 -26.90
CA THR A 510 -24.62 5.05 -26.26
C THR A 510 -26.08 4.85 -25.92
N LYS A 511 -26.70 5.86 -25.30
CA LYS A 511 -28.04 5.79 -24.74
C LYS A 511 -29.07 5.16 -25.70
N SER A 512 -28.95 5.47 -26.99
CA SER A 512 -29.95 5.02 -27.95
C SER A 512 -29.90 3.50 -28.13
N TRP A 513 -28.71 2.94 -28.30
CA TRP A 513 -28.54 1.55 -28.69
C TRP A 513 -28.10 0.65 -27.55
N ILE A 514 -27.98 1.17 -26.33
CA ILE A 514 -27.33 0.41 -25.26
C ILE A 514 -28.26 -0.65 -24.70
N GLY A 515 -29.57 -0.47 -24.85
CA GLY A 515 -30.51 -1.36 -24.17
C GLY A 515 -30.53 -2.76 -24.76
N GLY A 516 -30.48 -2.85 -26.09
CA GLY A 516 -30.52 -4.11 -26.80
C GLY A 516 -29.47 -5.13 -26.38
N PRO A 517 -28.18 -4.78 -26.49
CA PRO A 517 -27.13 -5.77 -26.19
C PRO A 517 -27.11 -6.14 -24.72
N ASP A 518 -26.78 -7.41 -24.45
CA ASP A 518 -26.82 -7.91 -23.08
C ASP A 518 -25.55 -7.56 -22.30
N ALA A 519 -24.40 -7.51 -22.97
CA ALA A 519 -23.14 -7.16 -22.32
C ALA A 519 -22.35 -6.25 -23.23
N VAL A 520 -21.70 -5.24 -22.65
CA VAL A 520 -20.90 -4.27 -23.40
C VAL A 520 -19.58 -4.10 -22.67
N LEU A 521 -18.51 -4.59 -23.27
CA LEU A 521 -17.15 -4.40 -22.76
C LEU A 521 -16.47 -3.26 -23.49
N LEU A 522 -15.73 -2.44 -22.76
CA LEU A 522 -15.02 -1.29 -23.30
C LEU A 522 -13.53 -1.59 -23.23
N SER A 523 -12.95 -1.97 -24.38
CA SER A 523 -11.56 -2.38 -24.46
C SER A 523 -10.60 -1.24 -24.72
N TRP A 524 -11.11 -0.03 -24.99
CA TRP A 524 -10.30 1.13 -25.39
C TRP A 524 -9.45 0.71 -26.59
N LEU A 525 -8.14 0.93 -26.57
CA LEU A 525 -7.24 0.51 -27.64
C LEU A 525 -6.13 -0.30 -26.99
N PRO A 526 -6.28 -1.62 -26.94
CA PRO A 526 -5.42 -2.45 -26.08
C PRO A 526 -4.03 -2.75 -26.62
N GLY A 527 -3.62 -2.12 -27.72
CA GLY A 527 -2.29 -2.38 -28.22
C GLY A 527 -2.19 -3.71 -28.95
N GLN A 528 -0.96 -4.24 -28.99
CA GLN A 528 -0.72 -5.48 -29.74
C GLN A 528 -1.39 -6.67 -29.06
N GLU A 529 -1.36 -6.73 -27.73
CA GLU A 529 -1.97 -7.85 -27.01
C GLU A 529 -3.47 -7.64 -26.87
N GLY A 530 -4.16 -7.42 -27.99
CA GLY A 530 -5.57 -7.04 -27.96
C GLY A 530 -6.53 -8.18 -27.69
N GLY A 531 -6.61 -9.13 -28.62
CA GLY A 531 -7.57 -10.22 -28.49
C GLY A 531 -7.32 -11.10 -27.28
N ASN A 532 -6.06 -11.22 -26.84
CA ASN A 532 -5.79 -12.02 -25.65
C ASN A 532 -6.39 -11.39 -24.41
N CYS A 533 -6.40 -10.05 -24.33
CA CYS A 533 -7.00 -9.39 -23.17
C CYS A 533 -8.51 -9.48 -23.21
N VAL A 534 -9.11 -9.40 -24.40
CA VAL A 534 -10.54 -9.61 -24.53
C VAL A 534 -10.90 -11.06 -24.23
N ALA A 535 -10.03 -11.99 -24.62
CA ALA A 535 -10.29 -13.41 -24.36
C ALA A 535 -10.31 -13.70 -22.86
N ASP A 536 -9.33 -13.18 -22.13
CA ASP A 536 -9.28 -13.42 -20.69
C ASP A 536 -10.47 -12.81 -19.96
N ILE A 537 -10.94 -11.65 -20.43
CA ILE A 537 -12.13 -11.05 -19.84
C ILE A 537 -13.36 -11.90 -20.13
N LEU A 538 -13.44 -12.47 -21.34
CA LEU A 538 -14.61 -13.27 -21.71
C LEU A 538 -14.57 -14.65 -21.07
N THR A 539 -13.40 -15.30 -21.06
CA THR A 539 -13.29 -16.63 -20.46
C THR A 539 -13.59 -16.60 -18.97
N GLY A 540 -13.20 -15.52 -18.28
CA GLY A 540 -13.42 -15.39 -16.86
C GLY A 540 -12.20 -15.65 -16.00
N LYS A 541 -11.03 -15.86 -16.59
CA LYS A 541 -9.82 -16.03 -15.79
C LYS A 541 -9.46 -14.72 -15.08
N GLU A 542 -9.54 -13.60 -15.79
CA GLU A 542 -9.30 -12.29 -15.22
C GLU A 542 -10.61 -11.55 -15.03
N ASN A 543 -10.58 -10.57 -14.13
CA ASN A 543 -11.77 -9.82 -13.75
C ASN A 543 -11.60 -8.36 -14.13
N PRO A 544 -12.40 -7.84 -15.09
CA PRO A 544 -12.24 -6.45 -15.49
C PRO A 544 -12.58 -5.47 -14.37
N SER A 545 -11.56 -5.04 -13.63
CA SER A 545 -11.73 -4.07 -12.56
C SER A 545 -11.33 -2.67 -13.00
N GLY A 546 -11.70 -2.27 -14.20
CA GLY A 546 -11.41 -0.95 -14.71
C GLY A 546 -12.57 0.02 -14.50
N ARG A 547 -12.23 1.29 -14.29
CA ARG A 547 -13.20 2.34 -14.04
C ARG A 547 -13.00 3.45 -15.05
N LEU A 548 -14.04 4.25 -15.24
CA LEU A 548 -14.02 5.27 -16.30
C LEU A 548 -13.19 6.47 -15.86
N PRO A 549 -12.25 6.93 -16.69
CA PRO A 549 -11.57 8.20 -16.42
C PRO A 549 -12.31 9.42 -16.96
N MET A 550 -13.46 9.21 -17.61
CA MET A 550 -14.23 10.28 -18.20
C MET A 550 -15.70 9.93 -18.06
N THR A 551 -16.56 10.94 -18.25
CA THR A 551 -18.00 10.77 -18.11
C THR A 551 -18.65 10.73 -19.49
N TRP A 552 -19.31 9.62 -19.78
CA TRP A 552 -20.02 9.48 -21.05
C TRP A 552 -21.40 10.09 -20.93
N PRO A 553 -21.71 11.15 -21.66
CA PRO A 553 -23.05 11.74 -21.61
C PRO A 553 -24.05 10.91 -22.41
N VAL A 554 -25.33 11.27 -22.25
CA VAL A 554 -26.41 10.62 -22.98
C VAL A 554 -26.24 10.88 -24.47
N SER A 555 -26.37 12.13 -24.88
CA SER A 555 -26.13 12.56 -26.25
C SER A 555 -25.14 13.72 -26.22
N TYR A 556 -24.79 14.21 -27.41
CA TYR A 556 -23.78 15.26 -27.48
C TYR A 556 -24.26 16.59 -26.93
N ASN A 557 -25.57 16.80 -26.88
CA ASN A 557 -26.11 18.09 -26.45
C ASN A 557 -26.01 18.30 -24.95
N ASP A 558 -25.56 17.31 -24.19
CA ASP A 558 -25.39 17.48 -22.75
C ASP A 558 -24.10 18.22 -22.42
N VAL A 559 -23.09 18.12 -23.28
CA VAL A 559 -21.74 18.61 -22.99
C VAL A 559 -21.76 20.12 -22.76
N PRO A 560 -21.28 20.60 -21.61
CA PRO A 560 -21.25 22.06 -21.38
C PRO A 560 -20.20 22.76 -22.24
N SER A 561 -19.01 22.18 -22.38
CA SER A 561 -17.96 22.77 -23.19
C SER A 561 -18.20 22.61 -24.68
N LYS A 562 -19.35 22.05 -25.09
CA LYS A 562 -19.68 21.98 -26.50
C LYS A 562 -19.77 23.38 -27.11
N ALA A 563 -20.35 24.33 -26.36
CA ALA A 563 -20.39 25.72 -26.81
C ALA A 563 -18.99 26.31 -26.95
N ASP A 564 -18.01 25.75 -26.26
CA ASP A 564 -16.64 26.23 -26.33
C ASP A 564 -15.75 25.22 -27.04
N PHE A 565 -16.21 24.69 -28.18
CA PHE A 565 -15.44 23.72 -28.94
C PHE A 565 -15.94 23.73 -30.37
N PRO A 566 -15.07 23.61 -31.36
CA PRO A 566 -15.52 23.67 -32.75
C PRO A 566 -16.27 22.41 -33.18
N ASN A 567 -16.99 22.55 -34.29
CA ASN A 567 -17.72 21.44 -34.87
C ASN A 567 -16.97 20.95 -36.10
N PRO A 568 -16.31 19.79 -36.04
CA PRO A 568 -15.48 19.36 -37.18
C PRO A 568 -16.28 18.88 -38.38
N GLU A 569 -17.61 18.99 -38.37
CA GLU A 569 -18.40 18.66 -39.55
C GLU A 569 -18.38 19.84 -40.53
N VAL A 591 -13.16 33.80 -36.43
CA VAL A 591 -14.03 32.64 -36.30
C VAL A 591 -13.82 31.98 -34.93
N LYS A 592 -14.89 31.92 -34.16
CA LYS A 592 -14.81 31.50 -32.76
C LYS A 592 -14.55 30.00 -32.65
N ASN A 593 -13.88 29.61 -31.56
CA ASN A 593 -13.56 28.23 -31.23
C ASN A 593 -12.62 27.58 -32.25
N VAL A 594 -11.91 28.40 -33.02
CA VAL A 594 -10.87 27.91 -33.93
C VAL A 594 -9.67 28.85 -33.81
N ASP A 595 -9.88 30.12 -34.15
CA ASP A 595 -8.82 31.11 -34.01
C ASP A 595 -8.69 31.58 -32.56
N TYR A 596 -9.83 31.82 -31.90
CA TYR A 596 -9.85 32.15 -30.48
C TYR A 596 -10.89 31.27 -29.78
N THR A 597 -10.62 30.96 -28.52
CA THR A 597 -11.50 30.10 -27.73
C THR A 597 -11.65 30.69 -26.34
N GLU A 598 -12.87 30.64 -25.81
CA GLU A 598 -13.19 31.17 -24.49
C GLU A 598 -13.62 30.03 -23.57
N TYR A 599 -13.26 30.16 -22.29
CA TYR A 599 -13.60 29.18 -21.26
C TYR A 599 -14.56 29.85 -20.29
N ASN A 600 -15.85 29.64 -20.49
CA ASN A 600 -16.90 30.19 -19.65
C ASN A 600 -17.45 29.18 -18.66
N ASP A 601 -17.01 27.93 -18.74
CA ASP A 601 -17.45 26.87 -17.84
C ASP A 601 -16.70 26.85 -16.52
N GLY A 602 -15.69 27.69 -16.35
CA GLY A 602 -15.06 27.81 -15.04
C GLY A 602 -14.33 26.55 -14.66
N VAL A 603 -14.30 26.28 -13.34
CA VAL A 603 -13.61 25.10 -12.83
C VAL A 603 -14.27 23.82 -13.33
N TYR A 604 -15.60 23.83 -13.46
CA TYR A 604 -16.31 22.62 -13.87
C TYR A 604 -15.98 22.26 -15.31
N VAL A 605 -15.57 21.01 -15.51
CA VAL A 605 -15.21 20.52 -16.84
C VAL A 605 -16.07 19.33 -17.22
N GLY A 606 -15.46 18.15 -17.29
CA GLY A 606 -16.15 16.99 -17.83
C GLY A 606 -17.27 16.52 -16.94
N TYR A 607 -16.98 16.28 -15.65
CA TYR A 607 -17.97 15.75 -14.73
C TYR A 607 -18.33 16.70 -13.59
N ARG A 608 -17.49 17.69 -13.29
CA ARG A 608 -17.85 18.63 -12.21
C ARG A 608 -19.17 19.32 -12.49
N TYR A 609 -19.39 19.71 -13.75
CA TYR A 609 -20.67 20.32 -14.11
C TYR A 609 -21.82 19.33 -13.95
N TYR A 610 -21.59 18.07 -14.34
CA TYR A 610 -22.65 17.07 -14.26
C TYR A 610 -23.15 16.85 -12.84
N GLN A 611 -22.27 16.98 -11.85
CA GLN A 611 -22.66 16.65 -10.48
C GLN A 611 -23.36 17.82 -9.81
N THR A 612 -22.81 19.03 -9.94
CA THR A 612 -23.46 20.20 -9.37
C THR A 612 -24.82 20.46 -10.00
N LYS A 613 -25.06 19.95 -11.20
CA LYS A 613 -26.32 20.19 -11.88
C LYS A 613 -27.06 18.91 -12.25
N ASN A 614 -26.52 17.75 -11.88
CA ASN A 614 -27.23 16.47 -11.94
C ASN A 614 -27.71 16.15 -13.36
N VAL A 615 -26.80 16.29 -14.31
CA VAL A 615 -27.09 16.10 -15.74
C VAL A 615 -27.15 14.61 -16.04
N PRO A 616 -28.11 14.15 -16.84
CA PRO A 616 -28.13 12.73 -17.23
C PRO A 616 -26.91 12.36 -18.05
N VAL A 617 -26.31 11.22 -17.71
CA VAL A 617 -25.13 10.72 -18.39
C VAL A 617 -25.26 9.21 -18.55
N SER A 618 -24.69 8.70 -19.65
CA SER A 618 -24.73 7.26 -19.89
C SER A 618 -23.94 6.51 -18.84
N PHE A 619 -22.73 6.97 -18.53
CA PHE A 619 -21.89 6.32 -17.54
C PHE A 619 -21.06 7.37 -16.81
N PRO A 620 -21.20 7.47 -15.50
CA PRO A 620 -20.48 8.52 -14.75
C PRO A 620 -18.99 8.21 -14.65
N PHE A 621 -18.27 9.19 -14.09
CA PHE A 621 -16.84 9.07 -13.89
C PHE A 621 -16.54 8.00 -12.85
N GLY A 622 -15.64 7.08 -13.19
CA GLY A 622 -15.26 6.02 -12.27
C GLY A 622 -16.22 4.85 -12.23
N TYR A 623 -17.31 4.88 -13.00
CA TYR A 623 -18.21 3.74 -13.06
C TYR A 623 -17.48 2.52 -13.60
N GLY A 624 -17.71 1.38 -12.97
CA GLY A 624 -17.13 0.14 -13.43
C GLY A 624 -17.66 -1.02 -12.60
N MET A 625 -17.62 -2.20 -13.21
CA MET A 625 -18.21 -3.39 -12.61
C MET A 625 -17.24 -4.56 -12.67
N SER A 626 -17.39 -5.45 -11.70
CA SER A 626 -16.61 -6.66 -11.59
C SER A 626 -17.56 -7.81 -11.28
N TYR A 627 -17.11 -9.04 -11.53
CA TYR A 627 -17.99 -10.19 -11.36
C TYR A 627 -18.37 -10.37 -9.89
N THR A 628 -17.42 -10.21 -8.98
CA THR A 628 -17.74 -10.21 -7.57
C THR A 628 -18.20 -8.83 -7.13
N THR A 629 -18.90 -8.80 -5.99
CA THR A 629 -19.42 -7.56 -5.43
C THR A 629 -18.76 -7.32 -4.08
N PHE A 630 -18.30 -6.10 -3.86
CA PHE A 630 -17.56 -5.73 -2.66
C PHE A 630 -18.46 -5.01 -1.67
N LYS A 631 -17.98 -4.95 -0.42
CA LYS A 631 -18.65 -4.23 0.64
C LYS A 631 -17.59 -3.49 1.45
N TYR A 632 -17.96 -2.30 1.93
CA TYR A 632 -17.01 -1.34 2.47
C TYR A 632 -16.87 -1.45 3.99
N GLY A 633 -15.76 -0.92 4.48
CA GLY A 633 -15.55 -0.73 5.91
C GLY A 633 -16.10 0.61 6.37
N LYS A 634 -15.89 0.89 7.65
CA LYS A 634 -16.50 2.06 8.25
C LYS A 634 -15.80 3.33 7.78
N PRO A 635 -16.55 4.42 7.54
CA PRO A 635 -15.89 5.68 7.18
C PRO A 635 -15.44 6.47 8.40
N VAL A 636 -14.21 6.23 8.85
CA VAL A 636 -13.65 6.92 10.02
C VAL A 636 -12.23 7.33 9.66
N VAL A 637 -11.97 8.63 9.59
CA VAL A 637 -10.65 9.17 9.28
C VAL A 637 -10.16 9.95 10.49
N THR A 638 -8.94 9.66 10.92
CA THR A 638 -8.31 10.44 11.97
C THR A 638 -7.92 11.81 11.43
N LYS A 639 -8.24 12.86 12.19
CA LYS A 639 -7.90 14.21 11.80
C LYS A 639 -6.49 14.53 12.28
N ASP A 640 -5.59 14.76 11.33
CA ASP A 640 -4.19 15.01 11.67
C ASP A 640 -4.06 16.30 12.48
N ALA A 641 -3.07 16.33 13.37
CA ALA A 641 -2.86 17.51 14.21
C ALA A 641 -2.56 18.74 13.36
N GLN A 642 -1.86 18.55 12.23
CA GLN A 642 -1.55 19.69 11.38
C GLN A 642 -2.80 20.23 10.68
N GLY A 643 -3.75 19.36 10.36
CA GLY A 643 -4.99 19.79 9.74
C GLY A 643 -5.38 18.95 8.54
N ASN A 644 -4.49 18.10 8.08
CA ASN A 644 -4.76 17.26 6.92
C ASN A 644 -5.62 16.06 7.30
N ILE A 645 -6.01 15.30 6.28
CA ILE A 645 -7.01 14.25 6.38
C ILE A 645 -6.39 12.93 5.92
N LYS A 646 -6.51 11.90 6.76
CA LYS A 646 -6.00 10.56 6.46
C LYS A 646 -7.11 9.54 6.64
N VAL A 647 -7.57 8.96 5.53
CA VAL A 647 -8.75 8.10 5.51
C VAL A 647 -8.30 6.64 5.40
N LEU A 648 -8.91 5.77 6.21
CA LEU A 648 -8.69 4.34 6.15
C LEU A 648 -10.01 3.63 5.87
N VAL A 649 -9.92 2.46 5.23
CA VAL A 649 -11.10 1.68 4.89
C VAL A 649 -10.66 0.27 4.54
N THR A 650 -11.53 -0.70 4.81
CA THR A 650 -11.26 -2.12 4.57
C THR A 650 -12.40 -2.69 3.73
N VAL A 651 -12.14 -2.98 2.45
CA VAL A 651 -13.15 -3.55 1.60
C VAL A 651 -13.37 -5.01 1.95
N LYS A 652 -14.61 -5.48 1.82
CA LYS A 652 -14.98 -6.86 2.09
C LYS A 652 -15.55 -7.47 0.82
N ASN A 653 -14.94 -8.56 0.37
CA ASN A 653 -15.34 -9.24 -0.86
C ASN A 653 -15.82 -10.65 -0.54
N ALA A 654 -16.95 -11.04 -1.14
CA ALA A 654 -17.51 -12.39 -1.02
C ALA A 654 -18.02 -12.80 -2.40
N GLY A 655 -17.09 -13.22 -3.26
CA GLY A 655 -17.43 -13.58 -4.62
C GLY A 655 -16.76 -14.87 -5.04
N LYS A 656 -17.38 -15.55 -5.99
CA LYS A 656 -16.84 -16.80 -6.53
C LYS A 656 -15.43 -16.58 -7.08
N VAL A 657 -15.33 -15.75 -8.12
CA VAL A 657 -14.04 -15.43 -8.73
C VAL A 657 -13.39 -14.29 -7.96
N ALA A 658 -12.10 -14.06 -8.21
CA ALA A 658 -11.36 -12.99 -7.56
C ALA A 658 -11.37 -11.74 -8.42
N GLY A 659 -11.28 -10.58 -7.75
CA GLY A 659 -11.29 -9.31 -8.45
C GLY A 659 -10.54 -8.23 -7.69
N LYS A 660 -10.72 -6.98 -8.10
CA LYS A 660 -10.07 -5.84 -7.47
C LYS A 660 -11.06 -4.70 -7.36
N GLU A 661 -10.91 -3.90 -6.30
CA GLU A 661 -11.84 -2.83 -5.97
C GLU A 661 -11.12 -1.49 -6.05
N VAL A 662 -11.69 -0.57 -6.82
CA VAL A 662 -11.14 0.79 -6.94
C VAL A 662 -11.91 1.66 -5.96
N VAL A 663 -11.35 1.80 -4.76
CA VAL A 663 -11.93 2.71 -3.77
C VAL A 663 -11.63 4.14 -4.20
N GLN A 664 -12.66 4.99 -4.19
CA GLN A 664 -12.55 6.37 -4.64
C GLN A 664 -13.10 7.30 -3.58
N VAL A 665 -12.37 8.39 -3.32
CA VAL A 665 -12.73 9.36 -2.30
C VAL A 665 -13.05 10.67 -2.98
N TYR A 666 -14.32 11.09 -2.90
CA TYR A 666 -14.76 12.38 -3.40
C TYR A 666 -15.06 13.30 -2.22
N VAL A 667 -14.55 14.52 -2.27
CA VAL A 667 -14.84 15.53 -1.26
C VAL A 667 -15.67 16.63 -1.91
N ALA A 668 -16.62 17.16 -1.15
CA ALA A 668 -17.55 18.16 -1.63
C ALA A 668 -17.16 19.54 -1.10
N ALA A 669 -17.92 20.55 -1.53
CA ALA A 669 -17.67 21.93 -1.15
C ALA A 669 -18.97 22.72 -1.23
N PRO A 670 -19.32 23.47 -0.19
CA PRO A 670 -20.50 24.35 -0.28
C PRO A 670 -20.27 25.49 -1.26
N GLY A 671 -19.22 26.28 -1.02
CA GLY A 671 -18.89 27.38 -1.90
C GLY A 671 -19.47 28.71 -1.47
N LYS A 672 -19.41 28.99 -0.17
CA LYS A 672 -19.92 30.26 0.33
C LYS A 672 -19.06 31.43 -0.13
N ASP A 673 -17.75 31.22 -0.25
CA ASP A 673 -16.87 32.26 -0.77
C ASP A 673 -16.97 32.35 -2.29
N MET A 674 -16.77 31.23 -2.98
CA MET A 674 -16.73 31.19 -4.43
C MET A 674 -17.57 30.02 -4.92
N ASP A 675 -17.98 30.09 -6.19
CA ASP A 675 -18.67 28.97 -6.80
C ASP A 675 -17.76 27.75 -6.85
N LYS A 676 -18.32 26.60 -6.48
CA LYS A 676 -17.52 25.41 -6.25
C LYS A 676 -18.12 24.21 -6.98
N PRO A 677 -17.28 23.25 -7.37
CA PRO A 677 -17.80 22.00 -7.96
C PRO A 677 -18.44 21.12 -6.90
N ALA A 678 -19.33 20.24 -7.35
CA ALA A 678 -20.10 19.42 -6.41
C ALA A 678 -19.19 18.47 -5.66
N LYS A 679 -18.33 17.76 -6.37
CA LYS A 679 -17.48 16.78 -5.73
C LYS A 679 -16.28 16.52 -6.63
N GLU A 680 -15.10 16.78 -6.09
CA GLU A 680 -13.83 16.60 -6.79
C GLU A 680 -13.07 15.48 -6.08
N LEU A 681 -12.58 14.52 -6.86
CA LEU A 681 -11.82 13.42 -6.28
C LEU A 681 -10.59 13.96 -5.55
N ARG A 682 -10.41 13.50 -4.31
CA ARG A 682 -9.27 13.93 -3.50
C ARG A 682 -8.45 12.73 -3.03
N GLY A 683 -8.52 11.64 -3.77
CA GLY A 683 -7.78 10.43 -3.45
C GLY A 683 -8.52 9.21 -3.95
N PHE A 684 -7.75 8.15 -4.18
CA PHE A 684 -8.31 6.87 -4.61
C PHE A 684 -7.46 5.74 -4.02
N ALA A 685 -7.86 4.50 -4.32
CA ALA A 685 -7.13 3.32 -3.89
C ALA A 685 -7.64 2.07 -4.59
N LYS A 686 -6.78 1.41 -5.36
CA LYS A 686 -7.10 0.14 -5.98
C LYS A 686 -6.48 -0.98 -5.14
N THR A 687 -7.31 -1.89 -4.66
CA THR A 687 -6.87 -2.91 -3.72
C THR A 687 -6.09 -4.01 -4.44
N LYS A 688 -5.68 -5.02 -3.68
CA LYS A 688 -5.02 -6.18 -4.24
C LYS A 688 -6.04 -7.11 -4.88
N LYS A 689 -5.57 -8.26 -5.35
CA LYS A 689 -6.44 -9.26 -5.97
C LYS A 689 -7.08 -10.09 -4.87
N LEU A 690 -8.17 -9.56 -4.31
CA LEU A 690 -8.82 -10.19 -3.17
C LEU A 690 -9.47 -11.50 -3.59
N GLN A 691 -9.27 -12.54 -2.80
CA GLN A 691 -9.76 -13.89 -3.08
C GLN A 691 -11.23 -13.96 -2.64
N PRO A 692 -11.90 -15.10 -2.83
CA PRO A 692 -13.24 -15.26 -2.23
C PRO A 692 -13.19 -15.08 -0.72
N GLY A 693 -14.14 -14.32 -0.20
CA GLY A 693 -14.22 -14.08 1.23
C GLY A 693 -12.99 -13.40 1.80
N GLU A 694 -12.43 -12.43 1.08
CA GLU A 694 -11.21 -11.76 1.48
C GLU A 694 -11.43 -10.27 1.67
N SER A 695 -10.52 -9.65 2.43
CA SER A 695 -10.65 -8.27 2.85
C SER A 695 -9.29 -7.73 3.25
N GLU A 696 -8.90 -6.58 2.69
CA GLU A 696 -7.67 -5.91 3.09
C GLU A 696 -7.92 -4.42 3.28
N THR A 697 -7.38 -3.88 4.36
CA THR A 697 -7.40 -2.44 4.60
C THR A 697 -6.53 -1.73 3.57
N VAL A 698 -6.96 -0.51 3.20
CA VAL A 698 -6.22 0.34 2.28
C VAL A 698 -6.18 1.75 2.83
N THR A 699 -5.17 2.50 2.38
CA THR A 699 -4.89 3.83 2.89
C THR A 699 -5.11 4.87 1.81
N ILE A 700 -5.77 5.98 2.19
CA ILE A 700 -6.00 7.12 1.31
C ILE A 700 -5.77 8.39 2.10
N ASP A 701 -4.81 9.21 1.68
CA ASP A 701 -4.47 10.44 2.36
C ASP A 701 -4.85 11.66 1.51
N ILE A 702 -5.26 12.72 2.18
CA ILE A 702 -5.65 13.96 1.52
C ILE A 702 -4.99 15.15 2.21
N PRO A 703 -3.92 15.70 1.65
CA PRO A 703 -3.28 16.87 2.28
C PRO A 703 -4.21 18.08 2.34
N TYR A 704 -3.90 18.98 3.27
CA TYR A 704 -4.67 20.21 3.43
C TYR A 704 -4.53 21.11 2.20
N LYS A 705 -3.40 21.04 1.50
CA LYS A 705 -3.25 21.78 0.26
C LYS A 705 -4.20 21.27 -0.82
N ASN A 706 -4.46 19.96 -0.84
CA ASN A 706 -5.40 19.40 -1.80
C ASN A 706 -6.84 19.78 -1.50
N LEU A 707 -7.11 20.31 -0.30
CA LEU A 707 -8.41 20.84 0.04
C LEU A 707 -8.53 22.33 -0.24
N ALA A 708 -7.60 22.88 -1.01
CA ALA A 708 -7.57 24.30 -1.33
C ALA A 708 -8.02 24.52 -2.77
N SER A 709 -8.41 25.76 -3.05
CA SER A 709 -8.84 26.16 -4.37
C SER A 709 -8.37 27.59 -4.63
N PHE A 710 -7.98 27.87 -5.87
CA PHE A 710 -7.39 29.15 -6.19
C PHE A 710 -8.43 30.26 -6.20
N ASN A 711 -7.99 31.48 -5.86
CA ASN A 711 -8.85 32.66 -5.82
C ASN A 711 -8.28 33.71 -6.75
N GLU A 712 -9.15 34.32 -7.56
CA GLU A 712 -8.69 35.30 -8.54
C GLU A 712 -8.32 36.62 -7.86
N VAL A 713 -9.17 37.08 -6.94
CA VAL A 713 -9.02 38.45 -6.42
C VAL A 713 -7.72 38.59 -5.64
N ASP A 714 -7.47 37.67 -4.70
CA ASP A 714 -6.25 37.70 -3.91
C ASP A 714 -5.06 37.06 -4.62
N SER A 715 -5.25 36.56 -5.83
CA SER A 715 -4.18 35.94 -6.61
C SER A 715 -3.49 34.83 -5.82
N GLN A 716 -4.28 34.11 -5.01
CA GLN A 716 -3.74 33.09 -4.12
C GLN A 716 -4.75 31.97 -3.95
N TRP A 717 -4.25 30.82 -3.52
CA TRP A 717 -5.08 29.68 -3.17
C TRP A 717 -5.74 29.92 -1.83
N GLN A 718 -6.79 29.14 -1.55
CA GLN A 718 -7.48 29.28 -0.28
C GLN A 718 -8.28 28.02 0.02
N VAL A 719 -8.45 27.75 1.31
CA VAL A 719 -9.34 26.71 1.82
C VAL A 719 -10.55 27.42 2.43
N GLU A 720 -11.74 27.12 1.92
CA GLU A 720 -12.94 27.80 2.37
C GLU A 720 -13.42 27.18 3.68
N ALA A 721 -13.79 28.04 4.63
CA ALA A 721 -14.23 27.60 5.94
C ALA A 721 -15.70 27.17 5.88
N GLY A 722 -16.17 26.60 6.97
CA GLY A 722 -17.54 26.14 7.10
C GLY A 722 -17.62 24.62 7.12
N ASN A 723 -18.86 24.14 7.18
CA ASN A 723 -19.09 22.70 7.21
C ASN A 723 -18.84 22.10 5.83
N TYR A 724 -18.01 21.05 5.80
CA TYR A 724 -17.65 20.38 4.57
C TYR A 724 -18.00 18.91 4.62
N LYS A 725 -18.05 18.29 3.44
CA LYS A 725 -18.53 16.92 3.29
C LYS A 725 -17.48 16.08 2.58
N VAL A 726 -17.36 14.82 3.01
CA VAL A 726 -16.42 13.87 2.43
C VAL A 726 -17.19 12.62 2.05
N MET A 727 -16.66 11.87 1.08
CA MET A 727 -17.35 10.70 0.57
C MET A 727 -16.35 9.64 0.12
N VAL A 728 -16.85 8.39 0.09
CA VAL A 728 -16.14 7.24 -0.47
C VAL A 728 -17.17 6.45 -1.28
N ALA A 729 -16.98 6.37 -2.59
CA ALA A 729 -18.04 5.91 -3.47
C ALA A 729 -17.49 4.92 -4.49
N LYS A 730 -18.42 4.32 -5.25
CA LYS A 730 -18.08 3.49 -6.39
C LYS A 730 -17.75 4.35 -7.60
N ASN A 731 -18.71 5.15 -8.06
CA ASN A 731 -18.55 6.06 -9.17
C ASN A 731 -18.84 7.49 -8.71
N ALA A 732 -18.47 8.44 -9.57
CA ALA A 732 -18.61 9.85 -9.21
C ALA A 732 -20.06 10.22 -8.91
N ALA A 733 -20.98 9.79 -9.78
CA ALA A 733 -22.40 10.11 -9.62
C ALA A 733 -23.09 9.03 -8.81
N ASP A 734 -22.78 9.03 -7.52
CA ASP A 734 -23.36 8.09 -6.56
C ASP A 734 -24.33 8.83 -5.66
N LEU A 735 -25.54 8.29 -5.54
CA LEU A 735 -26.54 8.89 -4.66
C LEU A 735 -26.18 8.66 -3.19
N LYS A 736 -25.61 7.50 -2.87
CA LYS A 736 -25.39 7.08 -1.49
C LYS A 736 -23.95 6.64 -1.30
N PRO A 737 -23.05 7.56 -0.96
CA PRO A 737 -21.69 7.17 -0.58
C PRO A 737 -21.46 7.25 0.92
N LEU A 738 -20.36 6.68 1.41
CA LEU A 738 -20.09 6.63 2.84
C LEU A 738 -19.47 7.96 3.28
N THR A 739 -20.25 8.77 3.97
CA THR A 739 -19.88 10.14 4.30
C THR A 739 -19.27 10.24 5.70
N THR A 740 -18.28 11.11 5.84
CA THR A 740 -17.74 11.50 7.14
C THR A 740 -17.48 12.99 7.10
N VAL A 741 -18.30 13.77 7.82
CA VAL A 741 -18.28 15.22 7.74
C VAL A 741 -17.10 15.77 8.52
N ILE A 742 -16.57 16.90 8.04
CA ILE A 742 -15.44 17.58 8.67
C ILE A 742 -15.73 19.08 8.70
N THR A 743 -15.14 19.76 9.69
CA THR A 743 -15.18 21.22 9.77
C THR A 743 -13.81 21.75 9.38
N GLU A 744 -13.74 22.36 8.20
CA GLU A 744 -12.47 22.86 7.67
C GLU A 744 -12.23 24.28 8.16
N GLU A 745 -11.04 24.51 8.73
CA GLU A 745 -10.69 25.81 9.27
C GLU A 745 -10.30 26.79 8.14
N VAL A 748 -2.80 30.55 3.68
CA VAL A 748 -1.37 30.58 3.51
C VAL A 748 -0.92 29.33 2.76
N THR A 749 -1.89 28.62 2.17
CA THR A 749 -1.58 27.41 1.42
C THR A 749 -0.60 27.70 0.28
N GLU A 750 -0.84 28.76 -0.48
CA GLU A 750 0.07 29.15 -1.55
C GLU A 750 -0.27 30.57 -2.00
N LYS A 751 0.70 31.47 -1.92
CA LYS A 751 0.59 32.83 -2.42
C LYS A 751 1.40 32.95 -3.70
N VAL A 752 0.76 33.41 -4.78
CA VAL A 752 1.40 33.49 -6.09
C VAL A 752 1.18 34.89 -6.68
N ARG A 753 2.00 35.20 -7.68
CA ARG A 753 1.89 36.43 -8.43
C ARG A 753 0.80 36.33 -9.49
N PRO A 754 0.31 37.47 -10.01
CA PRO A 754 -0.83 37.41 -10.95
C PRO A 754 -0.42 36.92 -12.33
N CYS A 755 -0.15 35.62 -12.43
CA CYS A 755 0.16 35.02 -13.71
C CYS A 755 -1.13 34.66 -14.44
N LEU A 756 -1.02 34.54 -15.77
CA LEU A 756 -2.10 34.06 -16.63
C LEU A 756 -3.34 34.95 -16.52
N LEU A 757 -3.13 36.25 -16.65
CA LEU A 757 -4.23 37.21 -16.67
C LEU A 757 -4.72 37.35 -18.12
N LYS A 758 -5.57 38.34 -18.35
CA LYS A 758 -6.04 38.67 -19.69
C LYS A 758 -5.43 40.00 -20.10
N GLU A 759 -4.91 40.05 -21.33
CA GLU A 759 -4.17 41.21 -21.81
C GLU A 759 -5.01 42.48 -21.75
N VAL A 760 -4.34 43.61 -21.59
CA VAL A 760 -4.97 44.92 -21.53
C VAL A 760 -4.06 45.93 -22.23
N LYS A 761 -4.65 46.79 -23.04
CA LYS A 761 -3.90 47.86 -23.72
C LYS A 761 -3.89 49.14 -22.88
N GLN B 2 19.99 -24.69 -22.62
CA GLN B 2 19.56 -23.57 -21.79
C GLN B 2 19.13 -24.05 -20.41
N ASN B 3 19.84 -23.58 -19.39
CA ASN B 3 19.53 -23.99 -18.03
C ASN B 3 18.21 -23.37 -17.58
N PRO B 4 17.26 -24.18 -17.08
CA PRO B 4 15.96 -23.63 -16.72
C PRO B 4 16.03 -22.76 -15.49
N LYS B 5 15.37 -21.60 -15.56
CA LYS B 5 15.45 -20.60 -14.51
C LYS B 5 14.10 -20.41 -13.84
N LEU B 6 14.12 -19.72 -12.70
CA LEU B 6 12.92 -19.50 -11.90
C LEU B 6 12.03 -18.45 -12.54
N GLY B 7 10.73 -18.71 -12.54
CA GLY B 7 9.78 -17.83 -13.18
C GLY B 7 9.74 -17.93 -14.69
N VAL B 8 10.51 -18.83 -15.28
CA VAL B 8 10.53 -19.02 -16.73
C VAL B 8 10.00 -20.39 -17.06
N SER B 9 10.83 -21.42 -16.90
CA SER B 9 10.39 -22.78 -17.12
C SER B 9 9.34 -23.16 -16.07
N PRO B 10 8.46 -24.11 -16.40
CA PRO B 10 7.46 -24.55 -15.42
C PRO B 10 8.10 -24.96 -14.09
N ILE B 11 7.33 -24.82 -13.01
CA ILE B 11 7.88 -24.93 -11.67
C ILE B 11 8.50 -26.31 -11.44
N GLN B 12 7.91 -27.35 -12.04
CA GLN B 12 8.45 -28.70 -11.85
C GLN B 12 9.76 -28.89 -12.63
N ASP B 13 9.83 -28.34 -13.84
CA ASP B 13 11.03 -28.50 -14.67
C ASP B 13 12.24 -27.77 -14.11
N VAL B 14 12.07 -26.94 -13.08
CA VAL B 14 13.20 -26.31 -12.41
C VAL B 14 13.76 -27.22 -11.33
N ILE B 15 12.88 -27.94 -10.61
CA ILE B 15 13.33 -28.83 -9.54
C ILE B 15 14.11 -30.01 -10.11
N ASN B 16 13.75 -30.47 -11.31
CA ASN B 16 14.49 -31.58 -11.93
C ASN B 16 15.95 -31.21 -12.15
N ALA B 17 16.22 -29.95 -12.52
CA ALA B 17 17.58 -29.54 -12.85
C ALA B 17 18.53 -29.63 -11.66
N MET B 18 18.02 -29.59 -10.44
CA MET B 18 18.87 -29.66 -9.27
C MET B 18 19.45 -31.07 -9.10
N THR B 19 20.56 -31.14 -8.39
CA THR B 19 21.15 -32.38 -7.93
C THR B 19 21.13 -32.42 -6.42
N LEU B 20 21.38 -33.60 -5.86
CA LEU B 20 21.31 -33.77 -4.41
C LEU B 20 22.28 -32.84 -3.68
N ASP B 21 23.37 -32.46 -4.34
CA ASP B 21 24.26 -31.45 -3.77
C ASP B 21 23.60 -30.08 -3.75
N GLU B 22 22.79 -29.77 -4.76
CA GLU B 22 22.18 -28.45 -4.88
C GLU B 22 20.92 -28.32 -4.02
N LYS B 23 20.16 -29.42 -3.85
CA LYS B 23 18.95 -29.36 -3.04
C LYS B 23 19.28 -29.21 -1.57
N ILE B 24 20.25 -29.99 -1.07
CA ILE B 24 20.60 -29.93 0.35
C ILE B 24 21.22 -28.59 0.69
N GLN B 25 21.92 -27.96 -0.26
CA GLN B 25 22.44 -26.62 -0.03
C GLN B 25 21.32 -25.61 0.21
N LEU B 26 20.16 -25.82 -0.41
CA LEU B 26 19.09 -24.83 -0.36
C LEU B 26 18.30 -24.92 0.95
N VAL B 27 17.88 -26.14 1.32
CA VAL B 27 17.04 -26.30 2.50
C VAL B 27 17.80 -26.04 3.79
N VAL B 28 19.13 -26.10 3.75
CA VAL B 28 19.97 -25.79 4.91
C VAL B 28 20.77 -24.56 4.53
N GLY B 29 20.34 -23.38 4.99
CA GLY B 29 20.96 -22.13 4.61
C GLY B 29 22.36 -21.93 5.17
N SER B 30 22.83 -20.68 5.17
CA SER B 30 24.07 -20.31 5.83
C SER B 30 23.81 -19.09 6.71
N SER B 31 24.87 -18.63 7.38
CA SER B 31 24.84 -17.48 8.30
C SER B 31 23.64 -16.52 8.18
N GLY B 46 32.69 -12.65 3.78
CA GLY B 46 31.96 -12.37 5.01
C GLY B 46 30.49 -12.70 4.91
N GLN B 47 29.66 -11.66 4.94
CA GLN B 47 28.22 -11.82 4.86
C GLN B 47 27.66 -10.89 3.79
N LEU B 48 26.52 -11.29 3.24
CA LEU B 48 25.88 -10.52 2.18
C LEU B 48 25.47 -9.15 2.68
N VAL B 49 24.74 -9.10 3.79
CA VAL B 49 24.39 -7.85 4.44
C VAL B 49 24.77 -7.98 5.91
N GLN B 50 25.34 -6.92 6.47
CA GLN B 50 25.78 -6.95 7.85
C GLN B 50 24.59 -6.79 8.79
N GLY B 51 24.71 -7.36 9.97
CA GLY B 51 23.62 -7.35 10.93
C GLY B 51 22.51 -8.33 10.66
N ALA B 52 22.62 -9.16 9.62
CA ALA B 52 21.59 -10.12 9.31
C ALA B 52 21.67 -11.32 10.25
N ALA B 53 20.52 -11.69 10.83
CA ALA B 53 20.48 -12.85 11.70
C ALA B 53 20.74 -14.13 10.93
N GLY B 54 20.15 -14.25 9.73
CA GLY B 54 20.37 -15.41 8.90
C GLY B 54 20.28 -15.02 7.44
N GLN B 55 20.91 -15.83 6.58
CA GLN B 55 20.91 -15.57 5.15
C GLN B 55 20.50 -16.83 4.42
N VAL B 56 19.58 -16.71 3.48
CA VAL B 56 19.09 -17.83 2.69
C VAL B 56 19.94 -17.94 1.43
N ASN B 57 20.49 -19.13 1.21
CA ASN B 57 21.29 -19.38 0.01
C ASN B 57 20.42 -19.32 -1.23
N GLY B 58 20.95 -18.74 -2.28
CA GLY B 58 20.26 -18.67 -3.56
C GLY B 58 21.17 -19.08 -4.69
N ILE B 59 20.60 -19.85 -5.63
CA ILE B 59 21.35 -20.43 -6.73
C ILE B 59 21.21 -19.53 -7.95
N GLU B 60 22.35 -19.02 -8.43
CA GLU B 60 22.36 -18.15 -9.59
C GLU B 60 22.12 -18.95 -10.88
N ARG B 61 22.62 -20.19 -10.93
CA ARG B 61 22.55 -20.98 -12.16
C ARG B 61 21.11 -21.17 -12.62
N LEU B 62 20.15 -21.15 -11.70
CA LEU B 62 18.74 -21.23 -12.04
C LEU B 62 18.04 -19.88 -11.86
N GLY B 63 18.80 -18.79 -11.82
CA GLY B 63 18.24 -17.46 -11.76
C GLY B 63 17.52 -17.14 -10.48
N ILE B 64 17.91 -17.77 -9.38
CA ILE B 64 17.23 -17.61 -8.09
C ILE B 64 18.15 -16.84 -7.15
N PRO B 65 17.77 -15.66 -6.69
CA PRO B 65 18.65 -14.88 -5.82
C PRO B 65 18.65 -15.41 -4.39
N ALA B 66 19.76 -15.16 -3.71
CA ALA B 66 19.84 -15.46 -2.28
C ALA B 66 19.03 -14.46 -1.49
N THR B 67 18.30 -14.97 -0.49
CA THR B 67 17.44 -14.14 0.34
C THR B 67 18.06 -13.90 1.71
N VAL B 68 17.54 -12.89 2.38
CA VAL B 68 18.09 -12.42 3.66
C VAL B 68 16.97 -12.37 4.69
N VAL B 69 17.27 -12.82 5.91
CA VAL B 69 16.35 -12.71 7.03
C VAL B 69 17.08 -12.10 8.23
N ALA B 70 16.42 -11.16 8.90
CA ALA B 70 16.98 -10.52 10.09
C ALA B 70 16.03 -10.74 11.26
N ASP B 71 16.33 -10.08 12.37
CA ASP B 71 15.64 -10.32 13.64
C ASP B 71 14.69 -9.18 13.96
N GLY B 72 13.43 -9.52 14.19
CA GLY B 72 12.50 -8.62 14.84
C GLY B 72 12.37 -8.97 16.31
N PRO B 73 11.15 -8.90 16.86
CA PRO B 73 9.91 -8.38 16.25
C PRO B 73 9.69 -6.92 16.60
N ALA B 74 10.45 -6.41 17.56
CA ALA B 74 10.34 -5.01 17.97
C ALA B 74 10.99 -4.04 16.99
N GLY B 75 11.51 -4.53 15.88
CA GLY B 75 12.12 -3.69 14.87
C GLY B 75 13.20 -4.44 14.12
N LEU B 76 13.61 -3.86 12.99
CA LEU B 76 14.64 -4.47 12.16
C LEU B 76 16.01 -4.34 12.83
N ARG B 77 16.65 -5.48 13.10
CA ARG B 77 17.92 -5.52 13.82
C ARG B 77 19.06 -5.63 12.81
N ILE B 78 19.60 -4.49 12.40
CA ILE B 78 20.78 -4.44 11.56
C ILE B 78 21.84 -3.61 12.26
N ASP B 79 23.10 -3.99 12.07
CA ASP B 79 24.16 -3.43 12.88
C ASP B 79 24.47 -2.00 12.43
N PRO B 80 24.87 -1.12 13.37
CA PRO B 80 24.96 0.29 13.00
C PRO B 80 26.29 0.69 12.41
N LYS B 81 27.36 0.02 12.81
CA LYS B 81 28.71 0.35 12.37
C LYS B 81 29.16 -0.62 11.29
N ARG B 82 29.63 -0.09 10.17
CA ARG B 82 30.35 -0.88 9.18
C ARG B 82 31.66 -0.15 8.90
N LYS B 83 32.29 -0.45 7.77
CA LYS B 83 33.60 0.11 7.43
C LYS B 83 33.48 1.03 6.23
N ASN B 84 34.02 2.25 6.38
CA ASN B 84 33.99 3.28 5.33
C ASN B 84 32.58 3.46 4.78
N THR B 85 31.64 3.71 5.70
CA THR B 85 30.23 3.81 5.37
C THR B 85 29.91 5.22 4.91
N ASP B 86 29.43 5.34 3.67
CA ASP B 86 28.88 6.62 3.23
C ASP B 86 27.69 7.02 4.08
N LYS B 87 26.79 6.07 4.36
CA LYS B 87 25.63 6.28 5.20
C LYS B 87 25.60 5.19 6.26
N THR B 88 25.61 5.58 7.53
CA THR B 88 25.50 4.60 8.60
C THR B 88 24.07 4.07 8.67
N PHE B 89 23.92 2.92 9.34
CA PHE B 89 22.67 2.18 9.35
C PHE B 89 22.08 2.17 10.75
N TYR B 90 20.88 2.71 10.89
CA TYR B 90 20.17 2.69 12.17
C TYR B 90 18.69 2.45 11.90
N CYS B 91 17.97 2.11 12.95
CA CYS B 91 16.56 1.74 12.82
C CYS B 91 15.77 2.40 13.94
N THR B 92 14.44 2.35 13.81
CA THR B 92 13.52 2.94 14.78
C THR B 92 13.06 1.86 15.75
N HIS B 93 13.35 2.06 17.04
CA HIS B 93 12.90 1.14 18.08
C HIS B 93 11.42 1.42 18.35
N PHE B 94 10.55 0.54 17.88
CA PHE B 94 9.14 0.60 18.20
C PHE B 94 8.90 -0.04 19.56
N PRO B 95 7.74 0.18 20.16
CA PRO B 95 7.43 -0.50 21.43
C PRO B 95 7.38 -2.01 21.30
N VAL B 96 7.07 -2.70 22.38
CA VAL B 96 7.03 -4.16 22.38
C VAL B 96 5.66 -4.62 21.92
N ALA B 97 5.56 -5.91 21.58
CA ALA B 97 4.31 -6.49 21.12
C ALA B 97 3.20 -6.41 22.17
N THR B 98 3.55 -6.11 23.42
CA THR B 98 2.55 -5.90 24.46
C THR B 98 1.88 -4.54 24.34
N VAL B 99 2.66 -3.51 24.02
CA VAL B 99 2.10 -2.19 23.79
C VAL B 99 1.09 -2.23 22.64
N MET B 100 1.45 -2.91 21.55
CA MET B 100 0.52 -3.07 20.43
C MET B 100 -0.74 -3.79 20.88
N SER B 101 -0.58 -4.87 21.66
CA SER B 101 -1.74 -5.61 22.15
C SER B 101 -2.58 -4.77 23.10
N SER B 102 -1.95 -3.85 23.82
CA SER B 102 -2.68 -3.02 24.78
C SER B 102 -3.52 -1.94 24.11
N THR B 103 -3.38 -1.74 22.79
CA THR B 103 -4.18 -0.73 22.12
C THR B 103 -5.56 -1.26 21.77
N TRP B 104 -5.65 -2.52 21.33
CA TRP B 104 -6.86 -3.12 20.77
C TRP B 104 -7.26 -2.47 19.46
N ASN B 105 -6.36 -1.73 18.83
CA ASN B 105 -6.62 -0.98 17.60
C ASN B 105 -5.87 -1.68 16.46
N LYS B 106 -6.57 -2.59 15.77
CA LYS B 106 -5.94 -3.31 14.67
C LYS B 106 -5.69 -2.43 13.45
N ASP B 107 -6.25 -1.22 13.42
CA ASP B 107 -5.88 -0.27 12.38
C ASP B 107 -4.59 0.46 12.71
N LEU B 108 -4.31 0.65 14.00
CA LEU B 108 -3.05 1.29 14.40
C LEU B 108 -1.88 0.36 14.17
N VAL B 109 -1.99 -0.90 14.61
CA VAL B 109 -0.91 -1.86 14.48
C VAL B 109 -0.56 -2.10 13.02
N TYR B 110 -1.53 -1.99 12.12
CA TYR B 110 -1.26 -2.06 10.70
C TYR B 110 -0.28 -0.97 10.28
N SER B 111 -0.57 0.28 10.65
CA SER B 111 0.24 1.41 10.23
C SER B 111 1.65 1.36 10.82
N VAL B 112 1.85 0.65 11.93
CA VAL B 112 3.20 0.46 12.43
C VAL B 112 3.93 -0.59 11.60
N GLY B 113 3.25 -1.69 11.28
CA GLY B 113 3.82 -2.65 10.35
C GLY B 113 4.11 -2.04 9.00
N THR B 114 3.39 -0.97 8.64
CA THR B 114 3.73 -0.19 7.46
C THR B 114 5.10 0.47 7.63
N SER B 115 5.26 1.25 8.70
CA SER B 115 6.53 1.93 8.94
C SER B 115 7.65 0.94 9.27
N MET B 116 7.32 -0.15 9.96
CA MET B 116 8.34 -1.14 10.27
C MET B 116 8.77 -1.89 9.01
N GLY B 117 7.83 -2.20 8.13
CA GLY B 117 8.18 -2.88 6.89
C GLY B 117 8.96 -2.00 5.93
N ASP B 118 8.77 -0.68 6.02
CA ASP B 118 9.51 0.23 5.14
C ASP B 118 11.01 0.16 5.42
N GLU B 119 11.39 0.12 6.70
CA GLU B 119 12.80 -0.03 7.04
C GLU B 119 13.38 -1.31 6.46
N VAL B 120 12.68 -2.44 6.66
CA VAL B 120 13.15 -3.72 6.15
C VAL B 120 13.24 -3.68 4.62
N LYS B 121 12.22 -3.13 3.97
CA LYS B 121 12.20 -3.11 2.51
C LYS B 121 13.30 -2.20 1.95
N HIS B 122 13.45 -1.01 2.52
CA HIS B 122 14.47 -0.09 2.01
C HIS B 122 15.87 -0.60 2.30
N TYR B 123 16.04 -1.38 3.37
CA TYR B 123 17.35 -1.92 3.72
C TYR B 123 17.67 -3.21 2.99
N GLY B 124 16.74 -3.71 2.16
CA GLY B 124 16.99 -4.89 1.36
C GLY B 124 16.63 -6.20 2.03
N VAL B 125 16.26 -6.17 3.31
CA VAL B 125 15.79 -7.38 3.97
C VAL B 125 14.51 -7.83 3.29
N ASP B 126 14.44 -9.13 2.98
CA ASP B 126 13.25 -9.67 2.34
C ASP B 126 12.25 -10.22 3.34
N VAL B 127 12.73 -10.93 4.37
CA VAL B 127 11.89 -11.56 5.38
C VAL B 127 12.46 -11.25 6.75
N LEU B 128 11.71 -10.50 7.55
CA LEU B 128 12.02 -10.29 8.96
C LEU B 128 11.21 -11.29 9.79
N LEU B 129 11.87 -12.01 10.70
CA LEU B 129 11.19 -13.07 11.45
C LEU B 129 10.36 -12.47 12.58
N ALA B 130 9.31 -11.75 12.18
CA ALA B 130 8.41 -11.12 13.13
C ALA B 130 6.97 -11.40 12.74
N PRO B 131 6.04 -11.46 13.71
CA PRO B 131 6.25 -11.44 15.17
C PRO B 131 5.64 -12.65 15.89
N ALA B 132 6.31 -13.23 16.90
CA ALA B 132 5.70 -14.31 17.68
C ALA B 132 4.46 -13.82 18.40
N THR B 133 3.41 -14.63 18.38
CA THR B 133 2.15 -14.27 19.02
C THR B 133 1.67 -15.38 19.96
N ASN B 134 2.59 -16.06 20.63
CA ASN B 134 2.21 -17.13 21.54
C ASN B 134 1.36 -16.58 22.68
N ILE B 135 0.59 -17.48 23.28
CA ILE B 135 -0.27 -17.10 24.40
C ILE B 135 0.58 -16.78 25.61
N MET B 136 0.18 -15.74 26.35
CA MET B 136 0.73 -15.50 27.68
C MET B 136 0.16 -16.53 28.63
N ARG B 137 0.98 -17.50 29.02
CA ARG B 137 0.52 -18.60 29.86
C ARG B 137 0.81 -18.36 31.34
N ASN B 138 2.04 -18.02 31.69
CA ASN B 138 2.41 -17.73 33.08
C ASN B 138 3.21 -16.43 33.10
N PRO B 139 2.89 -15.51 34.02
CA PRO B 139 3.58 -14.21 34.03
C PRO B 139 5.06 -14.27 34.37
N LEU B 140 5.61 -15.45 34.66
CA LEU B 140 7.04 -15.62 34.86
C LEU B 140 7.76 -16.07 33.60
N CYS B 141 7.26 -15.67 32.43
CA CYS B 141 7.89 -16.00 31.17
C CYS B 141 8.85 -14.90 30.76
N GLY B 142 9.95 -15.30 30.11
CA GLY B 142 10.97 -14.32 29.74
C GLY B 142 10.59 -13.50 28.53
N ARG B 143 9.72 -14.02 27.67
CA ARG B 143 9.33 -13.34 26.45
C ARG B 143 7.88 -12.86 26.49
N ASN B 144 7.39 -12.50 27.67
CA ASN B 144 6.04 -11.94 27.75
C ASN B 144 5.94 -10.55 27.13
N PHE B 145 7.07 -9.92 26.82
CA PHE B 145 7.04 -8.65 26.11
C PHE B 145 6.93 -8.84 24.60
N GLU B 146 7.34 -10.00 24.07
CA GLU B 146 7.18 -10.28 22.66
C GLU B 146 5.90 -11.04 22.35
N TYR B 147 5.27 -11.66 23.34
CA TYR B 147 3.95 -12.24 23.14
C TYR B 147 2.89 -11.17 23.33
N TYR B 148 1.71 -11.41 22.74
CA TYR B 148 0.70 -10.37 22.64
C TYR B 148 -0.25 -10.35 23.83
N SER B 149 -1.04 -11.40 24.03
CA SER B 149 -2.06 -11.40 25.06
C SER B 149 -2.33 -12.81 25.54
N GLU B 150 -3.00 -12.91 26.68
CA GLU B 150 -3.47 -14.20 27.18
C GLU B 150 -4.78 -14.63 26.54
N ASP B 151 -5.39 -13.77 25.72
CA ASP B 151 -6.55 -14.13 24.93
C ASP B 151 -6.13 -14.42 23.49
N PRO B 152 -6.50 -15.57 22.93
CA PRO B 152 -6.09 -15.87 21.55
C PRO B 152 -6.71 -14.94 20.53
N LEU B 153 -7.96 -14.54 20.73
CA LEU B 153 -8.64 -13.71 19.74
C LEU B 153 -7.99 -12.33 19.64
N LEU B 154 -7.70 -11.70 20.78
CA LEU B 154 -7.00 -10.42 20.75
C LEU B 154 -5.60 -10.59 20.18
N ALA B 155 -4.84 -11.55 20.70
CA ALA B 155 -3.48 -11.78 20.21
C ALA B 155 -3.48 -12.17 18.74
N GLY B 156 -4.36 -13.11 18.36
CA GLY B 156 -4.38 -13.57 16.98
C GLY B 156 -4.81 -12.51 16.00
N THR B 157 -5.74 -11.65 16.40
CA THR B 157 -6.24 -10.61 15.50
C THR B 157 -5.26 -9.45 15.38
N ILE B 158 -4.80 -8.93 16.51
CA ILE B 158 -3.86 -7.80 16.50
C ILE B 158 -2.58 -8.19 15.78
N CYS B 159 -2.14 -9.45 15.94
CA CYS B 159 -0.94 -9.90 15.24
C CYS B 159 -1.17 -10.00 13.75
N ALA B 160 -2.36 -10.46 13.33
CA ALA B 160 -2.65 -10.59 11.91
C ALA B 160 -2.58 -9.23 11.21
N ALA B 161 -3.04 -8.17 11.89
CA ALA B 161 -2.90 -6.84 11.33
C ALA B 161 -1.45 -6.39 11.32
N MET B 162 -0.64 -6.85 12.27
CA MET B 162 0.79 -6.55 12.25
C MET B 162 1.46 -7.19 11.04
N VAL B 163 1.09 -8.43 10.71
CA VAL B 163 1.61 -9.06 9.52
C VAL B 163 1.12 -8.34 8.27
N ASN B 164 -0.15 -7.92 8.27
CA ASN B 164 -0.73 -7.30 7.08
C ASN B 164 -0.04 -5.99 6.74
N GLY B 165 0.31 -5.19 7.76
CA GLY B 165 1.02 -3.95 7.50
C GLY B 165 2.39 -4.20 6.87
N ILE B 166 3.04 -5.29 7.25
CA ILE B 166 4.32 -5.63 6.63
C ILE B 166 4.10 -6.19 5.23
N GLU B 167 2.97 -6.87 5.01
CA GLU B 167 2.67 -7.39 3.68
C GLU B 167 2.44 -6.27 2.67
N SER B 168 2.13 -5.06 3.12
CA SER B 168 1.95 -3.94 2.19
C SER B 168 3.23 -3.65 1.42
N ASN B 169 4.37 -3.76 2.09
CA ASN B 169 5.67 -3.55 1.45
C ASN B 169 6.24 -4.84 0.86
N ASP B 170 5.47 -5.93 0.88
CA ASP B 170 5.87 -7.20 0.27
C ASP B 170 7.20 -7.69 0.83
N VAL B 171 7.35 -7.62 2.15
CA VAL B 171 8.52 -8.17 2.84
C VAL B 171 8.03 -9.28 3.77
N GLY B 172 8.63 -10.46 3.65
CA GLY B 172 8.14 -11.62 4.35
C GLY B 172 8.27 -11.49 5.86
N THR B 173 7.48 -12.29 6.58
CA THR B 173 7.44 -12.17 8.04
C THR B 173 7.00 -13.50 8.64
N SER B 174 8.00 -14.26 9.16
CA SER B 174 7.74 -15.52 9.85
C SER B 174 7.05 -15.27 11.19
N LEU B 175 6.09 -16.10 11.52
CA LEU B 175 5.72 -16.26 12.92
C LEU B 175 6.94 -16.78 13.68
N LYS B 176 7.24 -16.16 14.83
CA LYS B 176 8.57 -16.34 15.40
C LYS B 176 8.65 -17.53 16.35
N HIS B 177 7.54 -18.00 16.89
CA HIS B 177 7.57 -19.13 17.83
C HIS B 177 6.28 -19.93 17.72
N PHE B 178 6.35 -21.05 17.01
CA PHE B 178 5.12 -21.67 16.55
C PHE B 178 4.46 -22.52 17.65
N ALA B 179 5.22 -23.37 18.30
CA ALA B 179 4.61 -24.48 19.04
C ALA B 179 4.97 -24.38 20.52
N LEU B 180 4.01 -23.89 21.30
CA LEU B 180 3.98 -24.09 22.75
C LEU B 180 5.18 -23.46 23.44
N ASN B 181 5.58 -22.28 22.99
CA ASN B 181 6.70 -21.58 23.62
C ASN B 181 6.14 -20.72 24.76
N ASN B 182 5.69 -21.39 25.81
CA ASN B 182 5.18 -20.73 26.99
C ASN B 182 6.13 -20.79 28.18
N GLN B 183 7.09 -21.71 28.17
CA GLN B 183 8.11 -21.80 29.20
C GLN B 183 9.47 -21.61 28.56
N GLU B 184 10.33 -20.81 29.20
CA GLU B 184 11.65 -20.50 28.66
C GLU B 184 12.76 -21.31 29.30
N THR B 185 12.43 -22.30 30.12
CA THR B 185 13.43 -23.14 30.78
C THR B 185 13.50 -24.49 30.09
N ASN B 186 14.72 -24.91 29.75
CA ASN B 186 15.01 -26.22 29.17
C ASN B 186 14.12 -26.51 27.96
N ARG B 187 14.01 -25.52 27.08
CA ARG B 187 13.28 -25.68 25.83
C ARG B 187 13.82 -26.82 24.98
N THR B 188 15.13 -27.06 25.04
CA THR B 188 15.73 -28.12 24.22
C THR B 188 15.15 -29.48 24.59
N ARG B 189 15.31 -29.89 25.85
CA ARG B 189 14.74 -31.13 26.34
C ARG B 189 13.29 -30.98 26.77
N ASN B 190 12.64 -29.86 26.44
CA ASN B 190 11.29 -29.61 26.91
C ASN B 190 10.30 -30.57 26.24
N ASN B 191 9.14 -30.73 26.88
CA ASN B 191 8.10 -31.57 26.31
C ASN B 191 6.78 -31.18 26.95
N VAL B 192 6.00 -30.37 26.25
CA VAL B 192 4.64 -30.09 26.70
C VAL B 192 3.79 -31.34 26.51
N ILE B 193 2.95 -31.63 27.50
CA ILE B 193 2.08 -32.79 27.47
C ILE B 193 0.66 -32.32 27.77
N GLY B 194 -0.23 -32.44 26.78
CA GLY B 194 -1.61 -32.07 26.99
C GLY B 194 -2.51 -32.77 25.98
N ASN B 195 -3.81 -32.60 26.17
CA ASN B 195 -4.80 -33.19 25.29
C ASN B 195 -5.09 -32.28 24.11
N PRO B 196 -5.67 -32.81 23.03
CA PRO B 196 -5.87 -32.00 21.82
C PRO B 196 -6.63 -30.70 22.03
N ARG B 197 -7.76 -30.73 22.73
CA ARG B 197 -8.59 -29.53 22.87
C ARG B 197 -7.82 -28.39 23.52
N THR B 198 -6.89 -28.70 24.42
CA THR B 198 -6.07 -27.67 25.05
C THR B 198 -5.29 -26.88 24.00
N PHE B 199 -4.51 -27.59 23.18
CA PHE B 199 -3.71 -26.91 22.17
C PHE B 199 -4.57 -26.29 21.09
N ARG B 200 -5.57 -27.03 20.61
CA ARG B 200 -6.32 -26.61 19.42
C ARG B 200 -7.18 -25.38 19.72
N GLU B 201 -7.90 -25.38 20.83
CA GLU B 201 -8.84 -24.29 21.10
C GLU B 201 -8.12 -22.99 21.44
N ILE B 202 -7.06 -23.06 22.24
CA ILE B 202 -6.39 -21.89 22.77
C ILE B 202 -5.04 -21.66 22.10
N TYR B 203 -4.18 -22.67 22.11
CA TYR B 203 -2.78 -22.46 21.75
C TYR B 203 -2.56 -22.43 20.24
N LEU B 204 -3.36 -23.18 19.49
CA LEU B 204 -3.32 -23.15 18.04
C LEU B 204 -4.33 -22.17 17.44
N LYS B 205 -4.94 -21.30 18.26
CA LYS B 205 -5.94 -20.37 17.77
C LYS B 205 -5.35 -19.06 17.24
N PRO B 206 -4.40 -18.42 17.93
CA PRO B 206 -3.82 -17.19 17.35
C PRO B 206 -3.13 -17.42 16.03
N PHE B 207 -2.37 -18.52 15.92
CA PHE B 207 -1.76 -18.88 14.65
C PHE B 207 -2.82 -19.12 13.59
N GLU B 208 -3.83 -19.92 13.95
CA GLU B 208 -4.98 -20.19 13.09
C GLU B 208 -5.51 -18.91 12.44
N ILE B 209 -5.65 -17.84 13.23
CA ILE B 209 -6.17 -16.58 12.72
C ILE B 209 -5.20 -15.97 11.71
N VAL B 210 -3.91 -15.99 12.01
CA VAL B 210 -2.93 -15.35 11.13
C VAL B 210 -2.91 -16.02 9.76
N ILE B 211 -2.80 -17.35 9.74
CA ILE B 211 -2.68 -18.08 8.48
C ILE B 211 -3.93 -17.88 7.62
N LYS B 212 -5.10 -17.85 8.26
CA LYS B 212 -6.34 -17.78 7.50
C LYS B 212 -6.53 -16.43 6.83
N GLU B 213 -6.11 -15.35 7.50
CA GLU B 213 -6.33 -14.01 6.98
C GLU B 213 -5.06 -13.30 6.56
N ALA B 214 -4.04 -13.27 7.42
CA ALA B 214 -2.83 -12.52 7.09
C ALA B 214 -2.04 -13.18 5.98
N GLN B 215 -2.12 -14.51 5.88
CA GLN B 215 -1.33 -15.30 4.95
C GLN B 215 0.14 -14.94 4.99
N PRO B 216 0.81 -15.11 6.14
CA PRO B 216 2.22 -14.74 6.22
C PRO B 216 3.08 -15.64 5.34
N TRP B 217 4.20 -15.08 4.90
CA TRP B 217 5.05 -15.79 3.95
C TRP B 217 5.70 -17.02 4.58
N THR B 218 6.13 -16.90 5.82
CA THR B 218 6.92 -17.93 6.47
C THR B 218 6.35 -18.20 7.87
N VAL B 219 6.72 -19.34 8.45
CA VAL B 219 6.33 -19.73 9.80
C VAL B 219 7.50 -20.45 10.45
N MET B 220 7.99 -19.92 11.57
CA MET B 220 9.11 -20.47 12.32
C MET B 220 8.60 -21.31 13.49
N THR B 221 9.05 -22.56 13.54
CA THR B 221 8.64 -23.48 14.59
C THR B 221 9.45 -23.24 15.86
N SER B 222 8.96 -23.78 16.96
CA SER B 222 9.58 -23.56 18.26
C SER B 222 10.57 -24.68 18.57
N TYR B 223 11.08 -24.68 19.80
CA TYR B 223 11.99 -25.73 20.25
C TYR B 223 11.29 -26.86 20.97
N ASN B 224 10.32 -26.55 21.82
CA ASN B 224 9.86 -27.52 22.81
C ASN B 224 8.95 -28.57 22.19
N LEU B 225 9.21 -29.83 22.54
CA LEU B 225 8.49 -30.98 22.02
C LEU B 225 7.03 -30.98 22.52
N ILE B 226 6.18 -31.67 21.76
CA ILE B 226 4.78 -31.91 22.14
C ILE B 226 4.58 -33.41 22.32
N ASN B 227 4.25 -33.82 23.54
CA ASN B 227 3.90 -35.21 23.84
C ASN B 227 4.98 -36.17 23.36
N GLY B 228 6.25 -35.78 23.58
CA GLY B 228 7.38 -36.60 23.22
C GLY B 228 7.87 -36.46 21.78
N THR B 229 7.31 -35.54 21.01
CA THR B 229 7.69 -35.32 19.62
C THR B 229 8.12 -33.87 19.43
N MET B 230 9.29 -33.68 18.83
CA MET B 230 9.81 -32.34 18.57
C MET B 230 8.81 -31.52 17.77
N SER B 231 8.63 -30.27 18.20
CA SER B 231 7.75 -29.35 17.51
C SER B 231 8.15 -29.21 16.04
N SER B 232 9.45 -29.05 15.77
CA SER B 232 9.92 -28.95 14.40
C SER B 232 9.74 -30.27 13.65
N GLU B 233 9.80 -31.39 14.36
CA GLU B 233 9.81 -32.70 13.74
C GLU B 233 8.43 -33.35 13.67
N ARG B 234 7.38 -32.64 14.04
CA ARG B 234 6.05 -33.22 14.09
C ARG B 234 5.30 -32.93 12.79
N CYS B 235 4.65 -33.96 12.24
CA CYS B 235 3.94 -33.84 10.97
C CYS B 235 2.51 -33.33 11.15
N ASP B 236 1.71 -34.01 11.97
CA ASP B 236 0.30 -33.66 12.14
C ASP B 236 0.13 -32.21 12.57
N LEU B 237 1.18 -31.59 13.09
CA LEU B 237 1.18 -30.19 13.46
C LEU B 237 1.57 -29.29 12.29
N ILE B 238 2.65 -29.63 11.58
CA ILE B 238 3.19 -28.76 10.55
C ILE B 238 2.46 -28.96 9.22
N THR B 239 2.07 -30.18 8.91
CA THR B 239 1.44 -30.48 7.62
C THR B 239 -0.08 -30.57 7.70
N GLU B 240 -0.61 -31.39 8.60
CA GLU B 240 -2.06 -31.57 8.68
C GLU B 240 -2.75 -30.29 9.14
N ILE B 241 -2.30 -29.72 10.26
CA ILE B 241 -3.00 -28.59 10.86
C ILE B 241 -2.62 -27.28 10.17
N LEU B 242 -1.33 -27.08 9.90
CA LEU B 242 -0.89 -25.80 9.35
C LEU B 242 -1.18 -25.69 7.86
N ARG B 243 -0.79 -26.70 7.07
CA ARG B 243 -0.96 -26.63 5.62
C ARG B 243 -2.36 -27.04 5.20
N HIS B 244 -2.76 -28.27 5.54
CA HIS B 244 -3.97 -28.85 4.97
C HIS B 244 -5.24 -28.32 5.63
N GLU B 245 -5.20 -27.94 6.91
CA GLU B 245 -6.37 -27.36 7.54
C GLU B 245 -6.46 -25.87 7.28
N TRP B 246 -5.48 -25.11 7.74
CA TRP B 246 -5.54 -23.65 7.73
C TRP B 246 -5.29 -23.07 6.35
N GLY B 247 -4.62 -23.79 5.47
CA GLY B 247 -4.31 -23.27 4.15
C GLY B 247 -3.06 -22.41 4.14
N PHE B 248 -1.93 -23.00 4.54
CA PHE B 248 -0.66 -22.31 4.53
C PHE B 248 0.06 -22.61 3.21
N LYS B 249 0.44 -21.56 2.49
CA LYS B 249 1.08 -21.70 1.19
C LYS B 249 2.58 -21.41 1.20
N GLY B 250 3.09 -20.72 2.22
CA GLY B 250 4.48 -20.30 2.21
C GLY B 250 5.48 -21.38 2.61
N MET B 251 6.46 -20.98 3.43
CA MET B 251 7.53 -21.86 3.87
C MET B 251 7.52 -22.01 5.38
N VAL B 252 7.72 -23.25 5.85
CA VAL B 252 7.91 -23.53 7.28
C VAL B 252 9.41 -23.65 7.54
N MET B 253 9.95 -22.76 8.37
CA MET B 253 11.35 -22.81 8.77
C MET B 253 11.45 -23.16 10.25
N THR B 254 12.46 -23.94 10.61
CA THR B 254 12.71 -24.18 12.03
C THR B 254 13.35 -22.95 12.66
N ASP B 255 13.36 -22.93 13.99
CA ASP B 255 14.22 -21.99 14.67
C ASP B 255 15.67 -22.45 14.55
N TRP B 256 16.59 -21.55 14.87
CA TRP B 256 18.01 -21.84 14.66
C TRP B 256 18.43 -23.07 15.44
N PHE B 257 19.10 -23.99 14.76
CA PHE B 257 19.60 -25.23 15.37
C PHE B 257 18.49 -25.99 16.07
N GLY B 258 17.28 -25.93 15.49
CA GLY B 258 16.14 -26.61 16.07
C GLY B 258 15.99 -28.03 15.55
N GLY B 259 15.47 -28.89 16.41
CA GLY B 259 15.18 -30.26 16.04
C GLY B 259 16.29 -31.24 16.38
N ILE B 260 15.92 -32.36 17.02
CA ILE B 260 16.90 -33.39 17.34
C ILE B 260 17.41 -34.07 16.08
N SER B 261 16.50 -34.41 15.16
CA SER B 261 16.84 -35.15 13.95
C SER B 261 16.54 -34.30 12.72
N ALA B 262 17.53 -34.18 11.83
CA ALA B 262 17.31 -33.43 10.59
C ALA B 262 16.38 -34.17 9.65
N ALA B 263 16.41 -35.51 9.66
CA ALA B 263 15.61 -36.28 8.71
C ALA B 263 14.12 -36.11 8.96
N ALA B 264 13.71 -36.07 10.23
CA ALA B 264 12.28 -35.95 10.54
C ALA B 264 11.75 -34.57 10.16
N GLN B 265 12.57 -33.53 10.30
CA GLN B 265 12.13 -32.18 10.00
C GLN B 265 11.71 -32.05 8.53
N MET B 266 12.40 -32.76 7.64
CA MET B 266 12.03 -32.71 6.23
C MET B 266 10.70 -33.44 5.99
N GLU B 267 10.50 -34.57 6.67
CA GLU B 267 9.27 -35.35 6.47
C GLU B 267 8.09 -34.75 7.20
N ALA B 268 8.33 -34.05 8.32
CA ALA B 268 7.26 -33.38 9.03
C ALA B 268 6.67 -32.21 8.26
N GLY B 269 7.31 -31.79 7.18
CA GLY B 269 6.87 -30.65 6.40
C GLY B 269 7.67 -29.40 6.65
N ASN B 270 8.59 -29.42 7.60
CA ASN B 270 9.41 -28.25 7.89
C ASN B 270 10.45 -28.11 6.78
N ASP B 271 10.33 -27.02 6.02
CA ASP B 271 11.07 -26.89 4.76
C ASP B 271 12.54 -26.53 4.99
N LEU B 272 12.80 -25.39 5.63
CA LEU B 272 14.13 -24.81 5.69
C LEU B 272 14.73 -25.02 7.08
N LEU B 273 16.01 -25.41 7.10
CA LEU B 273 16.79 -25.46 8.33
C LEU B 273 17.60 -24.18 8.46
N MET B 274 17.66 -23.63 9.67
CA MET B 274 18.34 -22.39 9.93
C MET B 274 19.23 -22.52 11.16
N PRO B 275 20.33 -21.78 11.22
CA PRO B 275 20.89 -20.93 10.16
C PRO B 275 21.58 -21.76 9.10
N GLY B 276 22.06 -22.94 9.47
CA GLY B 276 22.71 -23.83 8.53
C GLY B 276 24.13 -24.18 8.91
N LYS B 277 24.37 -25.46 9.21
CA LYS B 277 25.67 -25.94 9.61
C LYS B 277 26.03 -27.17 8.80
N ALA B 278 27.31 -27.54 8.83
CA ALA B 278 27.79 -28.67 8.04
C ALA B 278 27.19 -29.98 8.53
N ASP B 279 26.90 -30.07 9.83
CA ASP B 279 26.43 -31.34 10.40
C ASP B 279 25.04 -31.70 9.87
N GLN B 280 24.17 -30.71 9.70
CA GLN B 280 22.84 -30.97 9.17
C GLN B 280 22.92 -31.62 7.79
N VAL B 281 23.71 -31.02 6.89
CA VAL B 281 23.82 -31.51 5.52
C VAL B 281 24.26 -32.97 5.50
N LYS B 282 25.20 -33.34 6.37
CA LYS B 282 25.74 -34.70 6.36
C LYS B 282 24.65 -35.73 6.60
N GLU B 283 23.80 -35.50 7.61
CA GLU B 283 22.72 -36.44 7.87
C GLU B 283 21.70 -36.44 6.74
N ILE B 284 21.36 -35.25 6.23
CA ILE B 284 20.48 -35.18 5.06
C ILE B 284 21.14 -35.85 3.86
N ARG B 285 22.45 -35.66 3.72
CA ARG B 285 23.18 -36.34 2.65
C ARG B 285 23.09 -37.85 2.80
N LYS B 286 23.30 -38.35 4.03
CA LYS B 286 23.22 -39.79 4.25
C LYS B 286 21.79 -40.30 4.13
N ALA B 287 20.80 -39.44 4.38
CA ALA B 287 19.42 -39.91 4.40
C ALA B 287 18.93 -40.32 3.01
N VAL B 288 19.26 -39.54 1.98
CA VAL B 288 18.78 -39.86 0.64
C VAL B 288 19.66 -40.91 -0.03
N LEU B 289 20.93 -41.01 0.37
CA LEU B 289 21.82 -42.00 -0.25
C LEU B 289 21.57 -43.40 0.29
N ASN B 290 21.40 -43.54 1.61
CA ASN B 290 21.06 -44.86 2.15
C ASN B 290 19.64 -45.25 1.80
N GLY B 291 18.73 -44.28 1.72
CA GLY B 291 17.39 -44.55 1.24
C GLY B 291 16.29 -44.46 2.28
N ARG B 292 16.38 -43.50 3.19
CA ARG B 292 15.32 -43.24 4.17
C ARG B 292 14.43 -42.08 3.74
N LEU B 293 15.00 -40.89 3.60
CA LEU B 293 14.26 -39.74 3.10
C LEU B 293 13.96 -39.92 1.63
N SER B 294 12.69 -39.77 1.25
CA SER B 294 12.30 -39.93 -0.14
C SER B 294 12.45 -38.60 -0.89
N MET B 295 12.74 -38.70 -2.18
CA MET B 295 12.99 -37.50 -2.97
C MET B 295 11.76 -36.62 -3.08
N GLU B 296 10.57 -37.22 -3.04
CA GLU B 296 9.34 -36.43 -3.03
C GLU B 296 9.30 -35.51 -1.80
N ILE B 297 9.78 -36.00 -0.67
CA ILE B 297 9.78 -35.20 0.55
C ILE B 297 10.73 -34.01 0.40
N LEU B 298 11.94 -34.27 -0.12
CA LEU B 298 12.88 -33.17 -0.33
C LEU B 298 12.36 -32.20 -1.39
N ASP B 299 11.66 -32.71 -2.40
CA ASP B 299 11.09 -31.85 -3.43
C ASP B 299 10.03 -30.92 -2.85
N ARG B 300 9.13 -31.49 -2.02
CA ARG B 300 8.04 -30.69 -1.45
C ARG B 300 8.57 -29.51 -0.66
N ASN B 301 9.61 -29.74 0.15
CA ASN B 301 10.19 -28.65 0.93
C ASN B 301 10.86 -27.62 0.04
N VAL B 302 11.60 -28.09 -0.99
CA VAL B 302 12.29 -27.17 -1.89
C VAL B 302 11.29 -26.30 -2.64
N ARG B 303 10.19 -26.89 -3.09
CA ARG B 303 9.19 -26.14 -3.85
C ARG B 303 8.59 -25.02 -3.02
N HIS B 304 8.32 -25.28 -1.74
CA HIS B 304 7.83 -24.22 -0.86
C HIS B 304 8.86 -23.11 -0.68
N ILE B 305 10.15 -23.45 -0.82
CA ILE B 305 11.19 -22.42 -0.78
C ILE B 305 11.25 -21.69 -2.11
N LEU B 306 10.89 -22.34 -3.21
CA LEU B 306 10.89 -21.68 -4.51
C LEU B 306 9.71 -20.71 -4.63
N GLU B 307 8.51 -21.14 -4.23
CA GLU B 307 7.38 -20.23 -4.14
C GLU B 307 7.67 -19.10 -3.16
N TYR B 308 8.52 -19.35 -2.17
CA TYR B 308 8.87 -18.33 -1.19
C TYR B 308 9.77 -17.27 -1.82
N ILE B 309 10.79 -17.69 -2.55
CA ILE B 309 11.76 -16.75 -3.10
C ILE B 309 11.12 -15.93 -4.22
N MET B 310 10.20 -16.53 -4.98
CA MET B 310 9.65 -15.88 -6.16
C MET B 310 9.04 -14.52 -5.84
N GLN B 311 8.52 -14.33 -4.63
CA GLN B 311 7.85 -13.09 -4.27
C GLN B 311 8.74 -12.15 -3.46
N THR B 312 9.94 -12.57 -3.11
CA THR B 312 10.85 -11.69 -2.38
C THR B 312 11.41 -10.62 -3.31
N PRO B 313 11.62 -9.40 -2.80
CA PRO B 313 12.19 -8.33 -3.62
C PRO B 313 13.59 -8.63 -4.13
N ARG B 314 14.27 -9.64 -3.58
CA ARG B 314 15.58 -10.00 -4.10
C ARG B 314 15.50 -10.53 -5.52
N PHE B 315 14.38 -11.16 -5.88
CA PHE B 315 14.16 -11.64 -7.24
C PHE B 315 13.57 -10.59 -8.15
N LYS B 316 12.91 -9.58 -7.60
CA LYS B 316 12.40 -8.46 -8.39
C LYS B 316 13.46 -7.38 -8.61
N GLN B 317 14.73 -7.66 -8.28
CA GLN B 317 15.83 -6.71 -8.48
C GLN B 317 15.61 -5.40 -7.73
N TYR B 318 14.87 -5.45 -6.61
CA TYR B 318 14.71 -4.28 -5.75
C TYR B 318 15.89 -4.23 -4.80
N VAL B 319 17.01 -3.72 -5.30
CA VAL B 319 18.20 -3.56 -4.48
C VAL B 319 17.96 -2.45 -3.45
N ALA B 320 18.43 -2.68 -2.23
CA ALA B 320 18.31 -1.68 -1.17
C ALA B 320 19.00 -0.39 -1.58
N ASP B 321 18.31 0.73 -1.36
CA ASP B 321 18.86 2.05 -1.61
C ASP B 321 19.18 2.80 -0.33
N ASN B 322 18.94 2.19 0.84
CA ASN B 322 19.30 2.78 2.13
C ASN B 322 18.66 4.15 2.32
N ASN B 323 17.46 4.33 1.78
CA ASN B 323 16.73 5.59 1.87
C ASN B 323 15.35 5.37 2.46
N PRO B 324 15.25 5.06 3.76
CA PRO B 324 13.96 5.14 4.44
C PRO B 324 13.91 6.32 5.41
N ASP B 325 12.80 7.04 5.46
CA ASP B 325 12.71 8.16 6.39
C ASP B 325 12.40 7.60 7.77
N LEU B 326 13.42 7.55 8.63
CA LEU B 326 13.23 7.03 9.98
C LEU B 326 12.38 7.97 10.82
N LYS B 327 12.39 9.26 10.49
CA LYS B 327 11.65 10.26 11.26
C LYS B 327 10.16 9.97 11.26
N GLY B 328 9.55 9.91 10.08
CA GLY B 328 8.14 9.64 9.95
C GLY B 328 7.69 8.36 10.63
N HIS B 329 8.62 7.42 10.82
CA HIS B 329 8.33 6.21 11.56
C HIS B 329 8.26 6.48 13.06
N ALA B 330 9.23 7.23 13.58
CA ALA B 330 9.21 7.62 14.98
C ALA B 330 8.00 8.48 15.33
N LEU B 331 7.42 9.18 14.35
CA LEU B 331 6.17 9.87 14.59
C LEU B 331 5.03 8.89 14.86
N VAL B 332 5.15 7.66 14.37
CA VAL B 332 4.15 6.62 14.64
C VAL B 332 4.44 5.91 15.96
N ALA B 333 5.72 5.65 16.25
CA ALA B 333 6.07 4.97 17.49
C ALA B 333 5.69 5.80 18.71
N ARG B 334 5.57 7.12 18.56
CA ARG B 334 5.10 7.96 19.65
C ARG B 334 3.59 7.82 19.84
N ASN B 335 2.84 7.74 18.74
CA ASN B 335 1.38 7.63 18.84
C ASN B 335 0.97 6.25 19.35
N ALA B 336 1.57 5.19 18.79
CA ALA B 336 1.20 3.84 19.19
C ALA B 336 1.47 3.61 20.67
N ALA B 337 2.65 4.01 21.15
CA ALA B 337 2.99 3.84 22.56
C ALA B 337 2.08 4.68 23.44
N THR B 338 1.78 5.91 23.03
CA THR B 338 0.89 6.77 23.81
C THR B 338 -0.48 6.14 23.96
N GLU B 339 -1.06 5.70 22.85
CA GLU B 339 -2.33 4.97 22.91
C GLU B 339 -2.16 3.63 23.59
N GLY B 340 -0.99 3.00 23.42
CA GLY B 340 -0.78 1.66 23.93
C GLY B 340 -0.72 1.60 25.44
N MET B 341 -0.05 2.56 26.07
CA MET B 341 0.10 2.53 27.51
C MET B 341 -1.25 2.67 28.19
N VAL B 342 -1.45 1.94 29.27
CA VAL B 342 -2.72 1.86 29.98
C VAL B 342 -2.53 2.47 31.35
N LEU B 343 -3.46 3.34 31.74
CA LEU B 343 -3.45 3.95 33.07
C LEU B 343 -4.25 3.08 34.03
N LEU B 344 -3.67 2.77 35.18
CA LEU B 344 -4.33 1.90 36.14
C LEU B 344 -5.25 2.67 37.08
N LYS B 345 -4.74 3.71 37.74
CA LYS B 345 -5.48 4.39 38.79
C LYS B 345 -5.26 5.89 38.69
N ASN B 346 -6.36 6.65 38.77
CA ASN B 346 -6.32 8.11 38.79
C ASN B 346 -7.17 8.58 39.97
N ASN B 347 -6.68 8.35 41.18
CA ASN B 347 -7.41 8.74 42.38
C ASN B 347 -7.47 10.26 42.48
N LYS B 348 -8.64 10.78 42.87
CA LYS B 348 -8.89 12.21 42.99
C LYS B 348 -8.60 12.96 41.70
N ASN B 349 -8.76 12.27 40.56
CA ASN B 349 -8.51 12.84 39.23
C ASN B 349 -7.22 13.65 39.18
N VAL B 350 -6.15 13.11 39.77
CA VAL B 350 -4.88 13.83 39.82
C VAL B 350 -4.29 13.93 38.42
N LEU B 351 -4.42 12.88 37.61
CA LEU B 351 -3.97 12.97 36.22
C LEU B 351 -5.12 13.44 35.34
N PRO B 352 -4.82 14.23 34.30
CA PRO B 352 -3.49 14.71 33.88
C PRO B 352 -2.94 15.79 34.81
N LEU B 353 -1.63 16.00 34.81
CA LEU B 353 -1.04 17.02 35.65
C LEU B 353 -1.51 18.41 35.20
N VAL B 354 -1.99 19.20 36.15
CA VAL B 354 -2.46 20.55 35.87
C VAL B 354 -1.26 21.41 35.49
N GLN B 355 -1.54 22.63 35.01
CA GLN B 355 -0.46 23.52 34.60
C GLN B 355 0.32 24.08 35.78
N LYS B 356 -0.16 23.88 37.01
CA LYS B 356 0.51 24.44 38.17
C LYS B 356 1.79 23.71 38.53
N ILE B 357 1.96 22.47 38.07
CA ILE B 357 3.16 21.70 38.37
C ILE B 357 4.22 22.08 37.35
N LYS B 358 5.35 22.61 37.84
CA LYS B 358 6.42 23.06 36.95
C LYS B 358 7.75 22.43 37.33
N ASN B 359 8.10 22.47 38.61
CA ASN B 359 9.22 21.71 39.13
C ASN B 359 8.73 20.34 39.57
N ILE B 360 9.44 19.30 39.15
CA ILE B 360 9.03 17.92 39.40
C ILE B 360 10.23 17.13 39.89
N ALA B 361 10.02 16.32 40.92
CA ALA B 361 11.03 15.38 41.41
C ALA B 361 10.88 14.04 40.71
N LEU B 362 12.01 13.41 40.39
CA LEU B 362 12.05 12.22 39.55
C LEU B 362 12.77 11.10 40.30
N PHE B 363 12.02 10.04 40.64
CA PHE B 363 12.53 8.97 41.48
C PHE B 363 12.73 7.69 40.66
N GLY B 364 13.66 6.86 41.12
CA GLY B 364 13.94 5.60 40.46
C GLY B 364 15.24 5.58 39.67
N ASN B 365 16.10 4.60 39.95
CA ASN B 365 17.28 4.41 39.12
C ASN B 365 16.91 4.21 37.66
N THR B 366 15.79 3.51 37.42
CA THR B 366 15.45 3.13 36.06
C THR B 366 14.86 4.29 35.26
N SER B 367 14.49 5.38 35.92
CA SER B 367 13.95 6.54 35.22
C SER B 367 14.98 7.11 34.26
N TYR B 368 16.23 7.23 34.71
CA TYR B 368 17.26 7.90 33.91
C TYR B 368 17.83 6.97 32.85
N ASP B 369 18.07 5.70 33.20
CA ASP B 369 18.38 4.67 32.22
C ASP B 369 17.08 4.02 31.74
N PHE B 370 16.20 4.86 31.20
CA PHE B 370 14.84 4.45 30.89
C PHE B 370 14.82 3.32 29.86
N ILE B 371 14.09 2.26 30.18
CA ILE B 371 14.04 1.09 29.32
C ILE B 371 13.32 1.41 28.01
N ALA B 372 13.77 0.78 26.94
CA ALA B 372 13.11 0.89 25.63
C ALA B 372 12.44 -0.41 25.22
N GLY B 373 13.15 -1.54 25.28
CA GLY B 373 12.57 -2.82 24.94
C GLY B 373 13.35 -3.94 25.60
N GLY B 374 12.88 -5.16 25.36
CA GLY B 374 13.54 -6.33 25.91
C GLY B 374 14.93 -6.54 25.31
N THR B 375 15.69 -7.40 25.98
CA THR B 375 17.07 -7.66 25.62
C THR B 375 17.17 -8.93 24.77
N GLY B 376 18.33 -9.11 24.17
CA GLY B 376 18.62 -10.31 23.41
C GLY B 376 18.39 -10.11 21.92
N SER B 377 17.55 -10.95 21.32
CA SER B 377 17.26 -10.85 19.89
C SER B 377 16.26 -9.74 19.57
N GLY B 378 15.16 -9.64 20.35
CA GLY B 378 14.23 -8.54 20.19
C GLY B 378 14.85 -7.17 20.36
N ASN B 379 16.05 -7.09 20.94
CA ASN B 379 16.79 -5.84 21.00
C ASN B 379 17.06 -5.32 19.59
N VAL B 380 16.94 -4.01 19.41
CA VAL B 380 17.15 -3.39 18.12
C VAL B 380 18.05 -2.18 18.30
N ASN B 381 18.85 -1.90 17.28
CA ASN B 381 19.71 -0.72 17.32
C ASN B 381 18.88 0.54 17.12
N HIS B 382 19.20 1.57 17.89
CA HIS B 382 18.44 2.80 17.89
C HIS B 382 19.39 3.98 17.85
N ALA B 383 18.95 5.05 17.17
CA ALA B 383 19.76 6.25 17.09
C ALA B 383 19.86 6.95 18.44
N TYR B 384 18.77 6.93 19.21
CA TYR B 384 18.75 7.57 20.53
C TYR B 384 17.75 6.82 21.42
N VAL B 385 17.67 7.26 22.67
CA VAL B 385 16.69 6.78 23.64
C VAL B 385 16.13 8.01 24.37
N VAL B 386 14.82 8.21 24.27
CA VAL B 386 14.16 9.28 25.03
C VAL B 386 13.95 8.76 26.44
N SER B 387 14.86 9.12 27.34
CA SER B 387 14.69 8.76 28.73
C SER B 387 13.63 9.66 29.37
N LEU B 388 13.11 9.22 30.51
CA LEU B 388 12.16 10.04 31.25
C LEU B 388 12.77 11.38 31.65
N LEU B 389 14.06 11.38 31.99
CA LEU B 389 14.77 12.62 32.30
C LEU B 389 14.59 13.67 31.20
N ASP B 390 14.43 13.23 29.95
CA ASP B 390 14.29 14.13 28.81
C ASP B 390 12.84 14.39 28.42
N GLY B 391 11.93 13.46 28.73
CA GLY B 391 10.55 13.64 28.31
C GLY B 391 9.88 14.83 28.98
N LEU B 392 10.13 15.03 30.27
CA LEU B 392 9.56 16.18 30.97
C LEU B 392 10.18 17.49 30.54
N LYS B 393 11.40 17.46 29.97
CA LYS B 393 12.02 18.67 29.45
C LYS B 393 11.39 19.11 28.13
N ASN B 394 10.87 18.16 27.35
CA ASN B 394 10.19 18.51 26.11
C ASN B 394 8.79 19.06 26.36
N ALA B 395 8.18 18.68 27.48
CA ALA B 395 6.85 19.15 27.84
C ALA B 395 6.88 20.46 28.63
N GLY B 396 8.06 21.06 28.80
CA GLY B 396 8.20 22.32 29.50
C GLY B 396 8.47 22.21 30.99
N TYR B 397 8.39 21.02 31.56
CA TYR B 397 8.60 20.87 33.00
C TYR B 397 10.08 20.99 33.34
N GLN B 398 10.33 21.29 34.61
CA GLN B 398 11.69 21.36 35.15
C GLN B 398 11.94 20.12 36.00
N VAL B 399 13.04 19.43 35.71
CA VAL B 399 13.47 18.30 36.51
C VAL B 399 14.36 18.81 37.64
N ASP B 400 14.20 18.23 38.82
CA ASP B 400 14.91 18.71 40.00
C ASP B 400 16.42 18.61 39.81
N GLY B 401 17.13 19.67 40.21
CA GLY B 401 18.56 19.70 40.04
C GLY B 401 19.31 18.77 40.97
N ASP B 402 18.78 18.56 42.18
CA ASP B 402 19.45 17.71 43.16
C ASP B 402 19.20 16.23 42.89
N ILE B 403 17.94 15.84 42.73
CA ILE B 403 17.61 14.43 42.56
C ILE B 403 18.13 13.91 41.22
N GLN B 404 18.16 14.74 40.19
CA GLN B 404 18.83 14.37 38.96
C GLN B 404 20.33 14.22 39.17
N LYS B 405 20.89 15.01 40.09
CA LYS B 405 22.32 14.93 40.39
C LYS B 405 22.67 13.69 41.19
N SER B 406 21.76 13.22 42.05
CA SER B 406 22.07 12.08 42.89
C SER B 406 22.00 10.77 42.10
N TYR B 407 20.94 10.59 41.31
CA TYR B 407 20.76 9.33 40.58
C TYR B 407 21.80 9.16 39.48
N ILE B 408 22.04 10.23 38.70
CA ILE B 408 23.01 10.14 37.61
C ILE B 408 24.38 9.73 38.14
N GLU B 409 24.80 10.33 39.26
CA GLU B 409 26.12 10.05 39.81
C GLU B 409 26.17 8.77 40.64
N TYR B 410 25.01 8.29 41.13
CA TYR B 410 25.01 7.08 41.93
C TYR B 410 25.28 5.84 41.09
N ALA B 411 24.67 5.78 39.90
CA ALA B 411 24.74 4.57 39.09
C ALA B 411 26.15 4.10 38.75
N PRO B 412 27.14 4.98 38.47
CA PRO B 412 28.49 4.46 38.17
C PRO B 412 29.07 3.57 39.25
N LYS B 413 28.93 3.95 40.53
CA LYS B 413 29.52 3.15 41.59
C LYS B 413 28.78 1.82 41.78
N ALA B 414 27.49 1.78 41.45
CA ALA B 414 26.74 0.54 41.59
C ALA B 414 27.27 -0.54 40.65
N LYS B 415 27.71 -0.15 39.46
CA LYS B 415 28.25 -1.12 38.52
C LYS B 415 29.58 -1.69 39.02
N ALA B 416 30.36 -0.90 39.76
CA ALA B 416 31.63 -1.39 40.27
C ALA B 416 31.44 -2.52 41.28
N ASN B 417 30.36 -2.46 42.06
CA ASN B 417 30.08 -3.51 43.02
C ASN B 417 29.83 -4.84 42.32
N LEU B 418 30.39 -5.91 42.87
CA LEU B 418 30.23 -7.26 42.34
C LEU B 418 30.59 -7.33 40.85
N PHE B 433 18.32 -6.33 38.50
CA PHE B 433 19.72 -6.48 38.09
C PHE B 433 20.59 -5.47 38.83
N ILE B 434 20.04 -4.29 39.09
CA ILE B 434 20.73 -3.24 39.83
C ILE B 434 19.88 -2.89 41.04
N PRO B 435 20.43 -2.89 42.25
CA PRO B 435 19.64 -2.53 43.43
C PRO B 435 19.26 -1.06 43.41
N GLU B 436 18.03 -0.77 43.83
CA GLU B 436 17.52 0.59 43.82
C GLU B 436 18.26 1.45 44.82
N MET B 437 18.65 2.66 44.40
CA MET B 437 19.31 3.60 45.28
C MET B 437 18.43 3.92 46.48
N SER B 438 18.85 3.52 47.67
CA SER B 438 18.07 3.77 48.86
C SER B 438 17.95 5.28 49.12
N LEU B 439 16.92 5.65 49.87
CA LEU B 439 16.63 7.05 50.12
C LEU B 439 17.60 7.71 51.09
N ALA B 440 18.58 6.97 51.61
CA ALA B 440 19.51 7.56 52.58
C ALA B 440 20.40 8.62 51.93
N GLU B 441 20.85 8.38 50.70
CA GLU B 441 21.70 9.36 50.03
C GLU B 441 20.88 10.57 49.57
N LEU B 442 19.70 10.32 49.01
CA LEU B 442 18.88 11.41 48.49
C LEU B 442 18.42 12.31 49.64
N ASN B 443 18.38 13.62 49.36
CA ASN B 443 17.92 14.60 50.34
C ASN B 443 16.40 14.56 50.37
N MET B 444 15.85 14.08 51.49
CA MET B 444 14.40 13.85 51.55
C MET B 444 13.62 15.15 51.74
N SER B 445 14.15 16.07 52.54
CA SER B 445 13.44 17.33 52.78
C SER B 445 13.57 18.32 51.63
N ALA B 446 14.60 18.20 50.80
CA ALA B 446 14.76 19.11 49.67
C ALA B 446 13.76 18.81 48.56
N ALA B 447 13.16 17.63 48.55
CA ALA B 447 12.21 17.29 47.49
C ALA B 447 10.89 18.04 47.69
N VAL B 448 10.46 18.21 48.95
CA VAL B 448 9.31 19.06 49.23
C VAL B 448 9.68 20.53 49.36
N LYS B 449 10.98 20.85 49.37
CA LYS B 449 11.39 22.25 49.47
C LYS B 449 11.18 22.98 48.16
N ASN B 450 11.56 22.37 47.03
CA ASN B 450 11.47 22.99 45.72
C ASN B 450 10.39 22.41 44.83
N ASN B 451 10.24 21.09 44.81
CA ASN B 451 9.42 20.43 43.81
C ASN B 451 7.95 20.37 44.23
N ASP B 452 7.07 20.42 43.22
CA ASP B 452 5.64 20.40 43.44
C ASP B 452 5.06 18.99 43.54
N LEU B 453 5.64 18.04 42.82
CA LEU B 453 5.08 16.70 42.72
C LEU B 453 6.20 15.73 42.35
N ALA B 454 5.99 14.46 42.72
CA ALA B 454 7.01 13.42 42.58
C ALA B 454 6.52 12.31 41.66
N ILE B 455 7.47 11.71 40.94
CA ILE B 455 7.20 10.59 40.04
C ILE B 455 8.12 9.44 40.40
N ILE B 456 7.61 8.22 40.30
CA ILE B 456 8.37 7.01 40.60
C ILE B 456 8.43 6.15 39.34
N THR B 457 9.58 5.51 39.11
CA THR B 457 9.79 4.67 37.93
C THR B 457 10.34 3.32 38.38
N ILE B 458 9.47 2.33 38.48
CA ILE B 458 9.87 0.97 38.80
C ILE B 458 10.34 0.30 37.52
N GLY B 459 11.53 -0.30 37.57
CA GLY B 459 12.11 -0.87 36.36
C GLY B 459 12.37 -2.35 36.44
N LYS B 460 11.84 -3.10 35.48
CA LYS B 460 12.04 -4.54 35.37
C LYS B 460 12.26 -4.89 33.90
N SER B 461 13.16 -5.82 33.66
CA SER B 461 13.41 -6.30 32.30
C SER B 461 14.08 -7.66 32.37
N SER B 462 13.39 -8.70 31.91
CA SER B 462 13.92 -10.06 31.91
C SER B 462 14.62 -10.34 30.59
N GLY B 463 15.79 -10.97 30.67
CA GLY B 463 16.54 -11.30 29.48
C GLY B 463 15.97 -12.49 28.75
N GLU B 464 16.35 -12.58 27.47
CA GLU B 464 15.86 -13.67 26.64
C GLU B 464 16.46 -15.00 27.07
N PHE B 465 15.67 -16.07 26.91
CA PHE B 465 16.02 -17.42 27.38
C PHE B 465 16.32 -17.43 28.87
N LEU B 466 15.62 -16.57 29.61
CA LEU B 466 15.64 -16.57 31.07
C LEU B 466 14.20 -16.42 31.55
N ASP B 467 13.96 -16.83 32.79
CA ASP B 467 12.63 -16.78 33.37
C ASP B 467 12.64 -15.85 34.58
N ARG B 468 11.61 -15.03 34.67
CA ARG B 468 11.56 -13.99 35.70
C ARG B 468 11.62 -14.57 37.10
N LYS B 469 12.65 -14.19 37.84
CA LYS B 469 12.75 -14.57 39.23
C LYS B 469 11.56 -14.02 40.00
N ILE B 470 10.93 -14.89 40.80
CA ILE B 470 9.74 -14.48 41.55
C ILE B 470 10.07 -13.29 42.44
N SER B 471 11.13 -13.42 43.24
CA SER B 471 11.54 -12.34 44.13
C SER B 471 11.99 -11.11 43.36
N ASP B 472 12.75 -11.30 42.28
CA ASP B 472 13.30 -10.16 41.56
C ASP B 472 12.26 -9.50 40.67
N SER B 473 11.44 -10.28 39.98
CA SER B 473 10.53 -9.73 38.98
C SER B 473 9.09 -9.62 39.49
N PHE B 474 8.48 -10.74 39.86
CA PHE B 474 7.07 -10.69 40.23
C PHE B 474 6.87 -9.97 41.56
N ASN B 475 7.73 -10.23 42.54
CA ASN B 475 7.72 -9.48 43.78
C ASN B 475 8.64 -8.27 43.65
N LEU B 476 8.32 -7.22 44.41
CA LEU B 476 9.11 -6.01 44.39
C LEU B 476 10.16 -6.08 45.48
N THR B 477 11.40 -5.79 45.12
CA THR B 477 12.48 -5.83 46.10
C THR B 477 12.23 -4.83 47.22
N LYS B 478 12.80 -5.11 48.39
CA LYS B 478 12.62 -4.21 49.52
C LYS B 478 13.31 -2.87 49.31
N GLU B 479 14.25 -2.79 48.36
CA GLU B 479 14.75 -1.48 47.95
C GLU B 479 13.68 -0.70 47.20
N GLU B 480 12.75 -1.39 46.56
CA GLU B 480 11.62 -0.73 45.90
C GLU B 480 10.50 -0.43 46.88
N LYS B 481 10.16 -1.38 47.74
CA LYS B 481 9.06 -1.20 48.68
C LYS B 481 9.29 -0.02 49.60
N ASP B 482 10.54 0.23 50.00
CA ASP B 482 10.88 1.34 50.87
C ASP B 482 11.28 2.59 50.10
N MET B 483 11.12 2.59 48.77
CA MET B 483 11.07 3.82 48.00
C MET B 483 9.65 4.25 47.69
N ILE B 484 8.72 3.31 47.58
CA ILE B 484 7.32 3.61 47.35
C ILE B 484 6.74 4.31 48.58
N SER B 485 6.65 3.58 49.69
CA SER B 485 6.01 4.12 50.89
C SER B 485 6.80 5.30 51.46
N GLY B 486 8.13 5.26 51.36
CA GLY B 486 8.92 6.35 51.89
C GLY B 486 8.63 7.67 51.21
N VAL B 487 8.62 7.67 49.88
CA VAL B 487 8.35 8.90 49.15
C VAL B 487 6.88 9.30 49.28
N CYS B 488 5.98 8.32 49.40
CA CYS B 488 4.56 8.62 49.47
C CYS B 488 4.23 9.42 50.74
N ASN B 489 4.45 8.81 51.90
CA ASN B 489 4.13 9.48 53.16
C ASN B 489 5.08 10.64 53.47
N ALA B 490 6.13 10.82 52.70
CA ALA B 490 6.94 12.04 52.80
C ALA B 490 6.42 13.15 51.91
N PHE B 491 5.68 12.83 50.86
CA PHE B 491 5.04 13.83 50.01
C PHE B 491 3.57 14.02 50.32
N HIS B 492 2.89 12.99 50.82
CA HIS B 492 1.53 13.18 51.32
C HIS B 492 1.52 13.95 52.64
N LYS B 493 2.62 13.92 53.39
CA LYS B 493 2.83 14.81 54.52
C LYS B 493 3.30 16.20 54.08
N ALA B 494 3.05 16.55 52.82
CA ALA B 494 3.22 17.90 52.32
C ALA B 494 2.04 18.32 51.47
N GLY B 495 0.96 17.54 51.47
CA GLY B 495 -0.20 17.81 50.64
C GLY B 495 -0.02 17.46 49.18
N LYS B 496 1.10 16.87 48.80
CA LYS B 496 1.43 16.62 47.41
C LYS B 496 1.10 15.17 47.03
N LYS B 497 1.09 14.92 45.72
CA LYS B 497 0.74 13.63 45.15
C LYS B 497 1.96 12.98 44.54
N VAL B 498 1.87 11.65 44.34
CA VAL B 498 2.94 10.86 43.78
C VAL B 498 2.36 9.93 42.72
N VAL B 499 3.03 9.84 41.57
CA VAL B 499 2.57 9.04 40.45
C VAL B 499 3.66 8.03 40.11
N VAL B 500 3.31 6.74 40.11
CA VAL B 500 4.23 5.68 39.77
C VAL B 500 4.10 5.35 38.29
N ILE B 501 5.23 5.38 37.58
CA ILE B 501 5.28 5.02 36.17
C ILE B 501 5.87 3.62 36.08
N LEU B 502 5.03 2.63 35.78
CA LEU B 502 5.47 1.25 35.68
C LEU B 502 6.15 1.04 34.34
N ASN B 503 7.48 1.04 34.35
CA ASN B 503 8.29 0.76 33.17
C ASN B 503 8.65 -0.73 33.10
N VAL B 504 7.64 -1.57 33.24
CA VAL B 504 7.83 -3.00 33.32
C VAL B 504 7.56 -3.63 31.96
N CYS B 505 7.90 -4.90 31.83
CA CYS B 505 7.64 -5.66 30.62
C CYS B 505 6.65 -6.77 30.87
N GLY B 506 5.96 -6.74 32.01
CA GLY B 506 4.98 -7.76 32.34
C GLY B 506 4.36 -7.49 33.69
N VAL B 507 3.30 -8.27 33.96
CA VAL B 507 2.44 -8.03 35.12
C VAL B 507 3.14 -8.41 36.43
N ILE B 508 2.92 -7.58 37.46
CA ILE B 508 3.42 -7.85 38.80
C ILE B 508 2.32 -7.50 39.80
N GLU B 509 2.31 -8.22 40.92
CA GLU B 509 1.31 -7.98 41.94
C GLU B 509 1.41 -6.55 42.49
N THR B 510 0.25 -5.89 42.60
CA THR B 510 0.19 -4.53 43.12
C THR B 510 -0.70 -4.39 44.35
N LYS B 511 -1.36 -5.47 44.78
CA LYS B 511 -2.24 -5.41 45.94
C LYS B 511 -1.50 -4.97 47.19
N SER B 512 -0.23 -5.39 47.33
CA SER B 512 0.52 -5.06 48.54
C SER B 512 0.79 -3.57 48.64
N TRP B 513 1.03 -2.90 47.51
CA TRP B 513 1.50 -1.53 47.50
C TRP B 513 0.55 -0.60 46.74
N ILE B 514 -0.73 -0.94 46.64
CA ILE B 514 -1.65 -0.11 45.89
C ILE B 514 -2.00 1.14 46.68
N GLY B 515 -2.04 1.05 48.01
CA GLY B 515 -2.55 2.16 48.81
C GLY B 515 -1.62 3.35 48.81
N GLY B 516 -0.32 3.10 48.80
CA GLY B 516 0.68 4.15 48.87
C GLY B 516 0.54 5.25 47.83
N PRO B 517 0.63 4.93 46.55
CA PRO B 517 0.65 5.97 45.52
C PRO B 517 -0.74 6.45 45.12
N ASP B 518 -0.76 7.66 44.54
CA ASP B 518 -2.00 8.26 44.07
C ASP B 518 -2.38 7.72 42.70
N ALA B 519 -1.48 7.86 41.72
CA ALA B 519 -1.74 7.41 40.36
C ALA B 519 -0.63 6.45 39.92
N VAL B 520 -1.03 5.47 39.10
CA VAL B 520 -0.10 4.46 38.60
C VAL B 520 -0.34 4.32 37.11
N LEU B 521 0.62 4.77 36.30
CA LEU B 521 0.58 4.62 34.85
C LEU B 521 1.44 3.43 34.44
N LEU B 522 0.99 2.70 33.43
CA LEU B 522 1.65 1.48 32.96
C LEU B 522 2.15 1.73 31.55
N SER B 523 3.41 2.18 31.44
CA SER B 523 3.99 2.56 30.17
C SER B 523 4.58 1.38 29.39
N TRP B 524 4.61 0.18 29.98
CA TRP B 524 5.17 -1.02 29.35
C TRP B 524 6.63 -0.70 28.99
N LEU B 525 7.07 -0.99 27.76
CA LEU B 525 8.40 -0.63 27.27
C LEU B 525 8.20 0.16 25.99
N PRO B 526 8.11 1.49 26.08
CA PRO B 526 7.63 2.29 24.94
C PRO B 526 8.68 2.58 23.87
N GLY B 527 9.78 1.85 23.87
CA GLY B 527 10.75 2.03 22.79
C GLY B 527 11.52 3.33 22.90
N GLN B 528 12.03 3.78 21.75
CA GLN B 528 12.89 4.96 21.72
C GLN B 528 12.12 6.21 22.13
N GLU B 529 10.86 6.33 21.72
CA GLU B 529 10.02 7.46 22.12
C GLU B 529 9.39 7.10 23.46
N GLY B 530 10.19 7.23 24.52
CA GLY B 530 9.76 6.84 25.85
C GLY B 530 9.20 7.97 26.70
N GLY B 531 10.07 8.91 27.08
CA GLY B 531 9.62 10.02 27.90
C GLY B 531 8.63 10.93 27.21
N ASN B 532 8.76 11.09 25.88
CA ASN B 532 7.81 11.92 25.16
C ASN B 532 6.39 11.39 25.28
N CYS B 533 6.22 10.06 25.27
CA CYS B 533 4.90 9.48 25.43
C CYS B 533 4.40 9.63 26.86
N VAL B 534 5.27 9.37 27.84
CA VAL B 534 4.87 9.53 29.24
C VAL B 534 4.53 10.99 29.52
N ALA B 535 5.33 11.92 28.98
CA ALA B 535 5.05 13.35 29.20
C ALA B 535 3.70 13.74 28.62
N ASP B 536 3.40 13.30 27.40
CA ASP B 536 2.12 13.65 26.78
C ASP B 536 0.96 13.10 27.58
N ILE B 537 1.11 11.90 28.14
CA ILE B 537 0.05 11.32 28.95
C ILE B 537 -0.11 12.07 30.27
N LEU B 538 1.01 12.54 30.83
CA LEU B 538 0.94 13.30 32.07
C LEU B 538 0.41 14.70 31.83
N THR B 539 0.85 15.36 30.75
CA THR B 539 0.34 16.69 30.44
C THR B 539 -1.16 16.66 30.18
N GLY B 540 -1.63 15.67 29.42
CA GLY B 540 -3.04 15.54 29.10
C GLY B 540 -3.41 15.86 27.68
N LYS B 541 -2.44 16.15 26.81
CA LYS B 541 -2.75 16.40 25.41
C LYS B 541 -3.39 15.17 24.77
N GLU B 542 -2.92 13.99 25.14
CA GLU B 542 -3.52 12.72 24.72
C GLU B 542 -4.18 12.05 25.91
N ASN B 543 -5.01 11.05 25.61
CA ASN B 543 -5.78 10.33 26.62
C ASN B 543 -5.36 8.87 26.63
N PRO B 544 -4.87 8.32 27.74
CA PRO B 544 -4.55 6.89 27.79
C PRO B 544 -5.79 6.03 27.61
N SER B 545 -5.93 5.44 26.43
CA SER B 545 -7.07 4.58 26.10
C SER B 545 -6.67 3.12 25.96
N GLY B 546 -5.47 2.76 26.44
CA GLY B 546 -5.05 1.38 26.38
C GLY B 546 -5.73 0.51 27.43
N ARG B 547 -5.89 -0.77 27.10
CA ARG B 547 -6.50 -1.73 27.99
C ARG B 547 -5.54 -2.90 28.19
N LEU B 548 -5.80 -3.68 29.24
CA LEU B 548 -4.88 -4.74 29.62
C LEU B 548 -5.06 -5.95 28.71
N PRO B 549 -3.99 -6.45 28.09
CA PRO B 549 -4.06 -7.73 27.37
C PRO B 549 -3.87 -8.95 28.27
N MET B 550 -3.79 -8.75 29.57
CA MET B 550 -3.52 -9.82 30.51
C MET B 550 -4.09 -9.44 31.86
N THR B 551 -4.21 -10.42 32.75
CA THR B 551 -4.83 -10.23 34.05
C THR B 551 -3.74 -10.16 35.12
N TRP B 552 -3.74 -9.07 35.87
CA TRP B 552 -2.82 -8.91 37.00
C TRP B 552 -3.36 -9.64 38.23
N PRO B 553 -2.71 -10.70 38.70
CA PRO B 553 -3.18 -11.38 39.90
C PRO B 553 -2.75 -10.68 41.18
N VAL B 554 -3.43 -11.05 42.27
CA VAL B 554 -3.11 -10.49 43.59
C VAL B 554 -1.74 -10.97 44.05
N SER B 555 -1.44 -12.25 43.85
CA SER B 555 -0.16 -12.84 44.25
C SER B 555 0.11 -14.04 43.38
N TYR B 556 1.29 -14.64 43.55
CA TYR B 556 1.68 -15.74 42.68
C TYR B 556 0.87 -17.00 42.97
N ASN B 557 0.57 -17.24 44.25
CA ASN B 557 -0.18 -18.43 44.62
C ASN B 557 -1.57 -18.43 44.00
N ASP B 558 -2.12 -17.24 43.71
CA ASP B 558 -3.43 -17.17 43.07
C ASP B 558 -3.38 -17.77 41.67
N VAL B 559 -2.31 -17.50 40.94
CA VAL B 559 -2.18 -17.99 39.56
C VAL B 559 -2.25 -19.52 39.56
N PRO B 560 -3.08 -20.14 38.72
CA PRO B 560 -3.20 -21.60 38.74
C PRO B 560 -2.14 -22.33 37.94
N SER B 561 -1.35 -21.62 37.13
CA SER B 561 -0.26 -22.23 36.37
C SER B 561 1.03 -22.34 37.18
N LYS B 562 1.01 -21.95 38.46
CA LYS B 562 2.18 -22.09 39.31
C LYS B 562 2.59 -23.56 39.45
N ALA B 563 1.62 -24.45 39.62
CA ALA B 563 1.92 -25.87 39.74
C ALA B 563 2.51 -26.43 38.45
N ASP B 564 2.10 -25.89 37.30
CA ASP B 564 2.53 -26.38 36.00
C ASP B 564 3.70 -25.58 35.42
N PHE B 565 4.27 -24.64 36.17
CA PHE B 565 5.36 -23.85 35.63
C PHE B 565 6.58 -23.91 36.55
N PRO B 566 7.78 -23.88 35.99
CA PRO B 566 8.99 -23.93 36.83
C PRO B 566 9.16 -22.69 37.69
N ASN B 567 10.14 -22.79 38.59
CA ASN B 567 10.49 -21.72 39.52
C ASN B 567 11.90 -21.23 39.21
N PRO B 568 12.06 -20.01 38.68
CA PRO B 568 13.39 -19.57 38.22
C PRO B 568 14.38 -19.32 39.35
N GLU B 569 13.94 -19.51 40.58
CA GLU B 569 14.83 -19.37 41.73
C GLU B 569 15.57 -20.67 41.97
N VAL B 591 12.47 -35.38 35.75
CA VAL B 591 12.33 -34.26 36.67
C VAL B 591 11.12 -33.42 36.27
N LYS B 592 10.27 -33.13 37.27
CA LYS B 592 9.02 -32.44 37.01
C LYS B 592 9.26 -30.99 36.61
N ASN B 593 8.50 -30.52 35.62
CA ASN B 593 8.50 -29.13 35.17
C ASN B 593 9.86 -28.71 34.61
N VAL B 594 10.62 -29.67 34.07
CA VAL B 594 11.89 -29.36 33.42
C VAL B 594 11.91 -30.05 32.07
N ASP B 595 12.11 -31.38 32.08
CA ASP B 595 12.10 -32.13 30.84
C ASP B 595 10.70 -32.18 30.24
N TYR B 596 9.67 -32.27 31.08
CA TYR B 596 8.30 -32.39 30.63
C TYR B 596 7.43 -31.36 31.36
N THR B 597 6.33 -30.98 30.71
CA THR B 597 5.37 -30.04 31.26
C THR B 597 3.97 -30.53 30.97
N GLU B 598 3.12 -30.51 31.98
CA GLU B 598 1.75 -31.01 31.90
C GLU B 598 0.77 -29.84 31.92
N TYR B 599 -0.13 -29.82 30.95
CA TYR B 599 -1.24 -28.87 30.91
C TYR B 599 -2.50 -29.63 31.28
N ASN B 600 -2.88 -29.58 32.56
CA ASN B 600 -4.11 -30.18 33.05
C ASN B 600 -5.15 -29.16 33.46
N ASP B 601 -4.81 -27.87 33.37
CA ASP B 601 -5.73 -26.76 33.65
C ASP B 601 -6.79 -26.58 32.56
N GLY B 602 -6.86 -27.50 31.59
CA GLY B 602 -7.79 -27.37 30.49
C GLY B 602 -7.53 -26.13 29.68
N VAL B 603 -8.61 -25.41 29.35
CA VAL B 603 -8.53 -24.17 28.60
C VAL B 603 -8.55 -22.96 29.52
N TYR B 604 -8.42 -23.16 30.83
CA TYR B 604 -8.52 -22.09 31.81
C TYR B 604 -7.17 -21.42 32.09
N VAL B 605 -6.28 -21.35 31.11
CA VAL B 605 -4.99 -20.71 31.34
C VAL B 605 -5.15 -19.20 31.43
N GLY B 606 -6.04 -18.62 30.63
CA GLY B 606 -6.25 -17.19 30.62
C GLY B 606 -7.21 -16.75 31.72
N TYR B 607 -7.78 -15.56 31.52
CA TYR B 607 -8.82 -15.07 32.42
C TYR B 607 -9.98 -16.05 32.52
N ARG B 608 -10.11 -16.95 31.55
CA ARG B 608 -11.08 -18.04 31.56
C ARG B 608 -11.12 -18.76 32.90
N TYR B 609 -10.00 -18.77 33.61
CA TYR B 609 -9.98 -19.29 34.97
C TYR B 609 -10.55 -18.29 35.96
N TYR B 610 -10.01 -17.06 35.96
CA TYR B 610 -10.37 -16.07 36.97
C TYR B 610 -11.86 -15.76 36.96
N GLN B 611 -12.52 -15.91 35.81
CA GLN B 611 -13.93 -15.60 35.72
C GLN B 611 -14.83 -16.78 36.10
N THR B 612 -14.40 -18.01 35.83
CA THR B 612 -15.20 -19.17 36.24
C THR B 612 -15.10 -19.41 37.73
N LYS B 613 -13.97 -19.04 38.34
CA LYS B 613 -13.72 -19.29 39.74
C LYS B 613 -13.70 -18.02 40.57
N ASN B 614 -14.00 -16.87 39.96
CA ASN B 614 -14.20 -15.60 40.68
C ASN B 614 -12.99 -15.24 41.54
N VAL B 615 -11.80 -15.51 41.02
CA VAL B 615 -10.56 -15.33 41.79
C VAL B 615 -10.27 -13.84 41.93
N PRO B 616 -9.79 -13.38 43.08
CA PRO B 616 -9.36 -11.98 43.19
C PRO B 616 -8.17 -11.71 42.28
N VAL B 617 -8.20 -10.54 41.63
CA VAL B 617 -7.13 -10.12 40.74
C VAL B 617 -6.92 -8.62 40.91
N SER B 618 -5.67 -8.19 40.78
CA SER B 618 -5.34 -6.77 40.90
C SER B 618 -6.05 -5.96 39.82
N PHE B 619 -5.91 -6.37 38.57
CA PHE B 619 -6.55 -5.69 37.45
C PHE B 619 -6.97 -6.72 36.41
N PRO B 620 -8.25 -6.78 36.07
CA PRO B 620 -8.75 -7.82 35.17
C PRO B 620 -8.35 -7.56 33.72
N PHE B 621 -8.67 -8.54 32.87
CA PHE B 621 -8.36 -8.45 31.45
C PHE B 621 -9.25 -7.39 30.79
N GLY B 622 -8.63 -6.50 30.02
CA GLY B 622 -9.33 -5.39 29.42
C GLY B 622 -9.47 -4.17 30.30
N TYR B 623 -8.97 -4.22 31.54
CA TYR B 623 -9.06 -3.08 32.43
C TYR B 623 -8.22 -1.91 31.89
N GLY B 624 -8.62 -0.71 32.27
CA GLY B 624 -7.93 0.50 31.86
C GLY B 624 -8.83 1.72 31.92
N MET B 625 -8.37 2.76 32.59
CA MET B 625 -9.17 3.97 32.74
C MET B 625 -8.84 5.00 31.66
N SER B 626 -9.61 6.07 31.65
CA SER B 626 -9.44 7.15 30.69
C SER B 626 -9.70 8.46 31.42
N TYR B 627 -9.29 9.56 30.79
CA TYR B 627 -9.56 10.88 31.35
C TYR B 627 -11.01 11.33 31.17
N THR B 628 -11.86 10.47 30.62
CA THR B 628 -13.28 10.76 30.47
C THR B 628 -14.07 9.49 30.82
N THR B 629 -15.39 9.61 30.79
CA THR B 629 -16.28 8.47 30.97
C THR B 629 -17.14 8.32 29.72
N PHE B 630 -17.35 7.08 29.30
CA PHE B 630 -18.15 6.75 28.14
C PHE B 630 -19.44 6.08 28.59
N LYS B 631 -20.45 6.14 27.72
CA LYS B 631 -21.74 5.53 28.00
C LYS B 631 -22.23 4.81 26.76
N TYR B 632 -22.83 3.65 26.95
CA TYR B 632 -23.14 2.75 25.85
C TYR B 632 -24.56 2.94 25.35
N GLY B 633 -24.76 2.63 24.07
CA GLY B 633 -26.08 2.47 23.50
C GLY B 633 -26.70 1.15 23.92
N LYS B 634 -27.84 0.85 23.31
CA LYS B 634 -28.58 -0.33 23.70
C LYS B 634 -27.89 -1.59 23.16
N PRO B 635 -28.03 -2.72 23.86
CA PRO B 635 -27.42 -3.95 23.36
C PRO B 635 -28.44 -4.86 22.70
N VAL B 636 -28.73 -4.64 21.41
CA VAL B 636 -29.63 -5.52 20.68
C VAL B 636 -29.01 -5.81 19.32
N VAL B 637 -28.14 -6.82 19.27
CA VAL B 637 -27.45 -7.13 18.03
C VAL B 637 -28.40 -7.79 17.05
N THR B 638 -28.28 -7.43 15.78
CA THR B 638 -29.07 -8.09 14.73
C THR B 638 -28.50 -9.47 14.43
N LYS B 639 -29.38 -10.40 14.07
CA LYS B 639 -29.00 -11.75 13.71
C LYS B 639 -29.31 -11.99 12.23
N ASP B 640 -28.39 -12.63 11.54
CA ASP B 640 -28.55 -12.87 10.12
C ASP B 640 -29.22 -14.22 9.88
N ALA B 641 -29.74 -14.39 8.66
CA ALA B 641 -30.43 -15.62 8.31
C ALA B 641 -29.48 -16.82 8.30
N GLN B 642 -28.21 -16.59 7.93
CA GLN B 642 -27.26 -17.69 7.90
C GLN B 642 -26.97 -18.21 9.31
N GLY B 643 -27.05 -17.35 10.31
CA GLY B 643 -26.69 -17.71 11.67
C GLY B 643 -25.52 -16.93 12.24
N ASN B 644 -24.80 -16.14 11.45
CA ASN B 644 -23.72 -15.32 11.99
C ASN B 644 -24.29 -14.03 12.56
N ILE B 645 -23.43 -13.26 13.22
CA ILE B 645 -23.86 -12.16 14.07
C ILE B 645 -22.97 -10.95 13.83
N LYS B 646 -23.60 -9.78 13.65
CA LYS B 646 -22.93 -8.51 13.39
C LYS B 646 -23.36 -7.51 14.47
N VAL B 647 -22.54 -7.39 15.53
CA VAL B 647 -22.90 -6.52 16.66
C VAL B 647 -22.87 -5.05 16.25
N LEU B 648 -23.83 -4.30 16.77
CA LEU B 648 -23.85 -2.85 16.69
C LEU B 648 -23.94 -2.28 18.09
N VAL B 649 -23.36 -1.10 18.29
CA VAL B 649 -23.46 -0.38 19.56
C VAL B 649 -22.91 1.02 19.35
N THR B 650 -23.50 2.01 20.02
CA THR B 650 -23.08 3.40 19.93
C THR B 650 -22.67 3.88 21.31
N VAL B 651 -21.40 4.25 21.45
CA VAL B 651 -20.86 4.69 22.73
C VAL B 651 -20.93 6.21 22.80
N LYS B 652 -21.12 6.72 24.01
CA LYS B 652 -21.46 8.13 24.25
C LYS B 652 -20.38 8.74 25.14
N ASN B 653 -19.40 9.38 24.51
CA ASN B 653 -18.31 10.04 25.22
C ASN B 653 -18.67 11.50 25.47
N ALA B 654 -18.45 11.96 26.70
CA ALA B 654 -18.74 13.35 27.04
C ALA B 654 -17.88 13.83 28.22
N GLY B 655 -16.57 13.89 28.03
CA GLY B 655 -15.66 14.37 29.04
C GLY B 655 -14.97 15.65 28.62
N LYS B 656 -14.12 16.16 29.52
CA LYS B 656 -13.42 17.41 29.27
C LYS B 656 -12.44 17.27 28.11
N VAL B 657 -11.63 16.22 28.12
CA VAL B 657 -10.70 15.96 27.05
C VAL B 657 -11.26 14.85 26.17
N ALA B 658 -10.81 14.82 24.92
CA ALA B 658 -11.28 13.83 23.97
C ALA B 658 -10.49 12.53 24.11
N GLY B 659 -11.18 11.41 23.94
CA GLY B 659 -10.56 10.11 24.08
C GLY B 659 -11.13 9.04 23.16
N LYS B 660 -10.83 7.78 23.45
CA LYS B 660 -11.29 6.65 22.65
C LYS B 660 -11.78 5.56 23.59
N GLU B 661 -12.68 4.72 23.08
CA GLU B 661 -13.31 3.68 23.86
C GLU B 661 -13.06 2.32 23.23
N VAL B 662 -12.57 1.37 24.03
CA VAL B 662 -12.32 0.00 23.58
C VAL B 662 -13.56 -0.81 23.95
N VAL B 663 -14.48 -0.93 23.00
CA VAL B 663 -15.66 -1.77 23.21
C VAL B 663 -15.24 -3.24 23.13
N GLN B 664 -15.79 -4.06 24.03
CA GLN B 664 -15.40 -5.46 24.16
C GLN B 664 -16.64 -6.32 24.28
N VAL B 665 -16.68 -7.42 23.53
CA VAL B 665 -17.81 -8.33 23.52
C VAL B 665 -17.40 -9.64 24.19
N TYR B 666 -18.14 -10.02 25.24
CA TYR B 666 -17.87 -11.23 25.99
C TYR B 666 -19.02 -12.21 25.80
N VAL B 667 -18.70 -13.49 25.70
CA VAL B 667 -19.68 -14.54 25.45
C VAL B 667 -19.47 -15.65 26.48
N ALA B 668 -20.50 -15.94 27.27
CA ALA B 668 -20.45 -17.02 28.24
C ALA B 668 -20.80 -18.35 27.58
N ALA B 669 -20.63 -19.43 28.33
CA ALA B 669 -20.82 -20.77 27.82
C ALA B 669 -21.75 -21.57 28.73
N PRO B 670 -22.57 -22.47 28.17
CA PRO B 670 -23.54 -23.20 29.01
C PRO B 670 -22.91 -24.25 29.89
N GLY B 671 -22.06 -25.09 29.31
CA GLY B 671 -21.39 -26.14 30.05
C GLY B 671 -22.34 -27.20 30.59
N LYS B 672 -23.14 -27.80 29.72
CA LYS B 672 -24.14 -28.75 30.18
C LYS B 672 -23.48 -30.02 30.70
N ASP B 673 -22.53 -30.57 29.95
CA ASP B 673 -21.82 -31.76 30.37
C ASP B 673 -20.32 -31.72 30.16
N MET B 674 -19.81 -30.79 29.35
CA MET B 674 -18.38 -30.62 29.16
C MET B 674 -17.93 -29.34 29.84
N ASP B 675 -16.75 -29.38 30.47
CA ASP B 675 -16.22 -28.20 31.14
C ASP B 675 -16.05 -27.05 30.14
N LYS B 676 -16.42 -25.85 30.58
CA LYS B 676 -16.48 -24.70 29.70
C LYS B 676 -15.90 -23.48 30.41
N PRO B 677 -15.44 -22.49 29.65
CA PRO B 677 -15.00 -21.24 30.28
C PRO B 677 -16.19 -20.44 30.77
N ALA B 678 -15.94 -19.55 31.74
CA ALA B 678 -17.00 -18.66 32.21
C ALA B 678 -17.48 -17.77 31.08
N LYS B 679 -16.55 -17.13 30.39
CA LYS B 679 -16.87 -16.22 29.31
C LYS B 679 -15.62 -16.07 28.45
N GLU B 680 -15.83 -15.81 27.17
CA GLU B 680 -14.73 -15.61 26.25
C GLU B 680 -15.01 -14.40 25.36
N LEU B 681 -13.93 -13.70 25.02
CA LEU B 681 -14.00 -12.59 24.07
C LEU B 681 -14.27 -13.13 22.67
N ARG B 682 -15.29 -12.57 22.00
CA ARG B 682 -15.66 -12.97 20.66
C ARG B 682 -15.74 -11.76 19.72
N GLY B 683 -14.97 -10.72 20.02
CA GLY B 683 -14.95 -9.52 19.19
C GLY B 683 -14.78 -8.26 20.00
N PHE B 684 -13.90 -7.37 19.54
CA PHE B 684 -13.66 -6.10 20.20
C PHE B 684 -13.77 -4.97 19.18
N ALA B 685 -13.64 -3.74 19.67
CA ALA B 685 -13.67 -2.57 18.82
C ALA B 685 -13.11 -1.38 19.59
N LYS B 686 -12.34 -0.54 18.90
CA LYS B 686 -11.85 0.71 19.47
C LYS B 686 -12.37 1.86 18.63
N THR B 687 -13.04 2.81 19.28
CA THR B 687 -13.69 3.90 18.59
C THR B 687 -12.67 4.94 18.15
N LYS B 688 -13.13 5.88 17.34
CA LYS B 688 -12.31 7.02 16.95
C LYS B 688 -12.13 7.96 18.14
N LYS B 689 -11.31 8.99 17.95
CA LYS B 689 -11.12 9.96 19.03
C LYS B 689 -12.38 10.78 19.23
N LEU B 690 -13.27 10.28 20.09
CA LEU B 690 -14.55 10.95 20.31
C LEU B 690 -14.35 12.25 21.06
N GLN B 691 -14.83 13.34 20.47
CA GLN B 691 -14.83 14.63 21.13
C GLN B 691 -15.90 14.63 22.23
N PRO B 692 -15.91 15.64 23.10
CA PRO B 692 -16.94 15.67 24.15
C PRO B 692 -18.34 15.64 23.57
N GLY B 693 -19.18 14.78 24.15
CA GLY B 693 -20.57 14.73 23.75
C GLY B 693 -20.78 14.23 22.34
N GLU B 694 -19.83 13.49 21.80
CA GLU B 694 -19.93 12.93 20.46
C GLU B 694 -19.96 11.41 20.56
N SER B 695 -20.88 10.81 19.81
CA SER B 695 -21.01 9.37 19.73
C SER B 695 -20.66 8.90 18.32
N GLU B 696 -20.64 7.58 18.15
CA GLU B 696 -20.48 6.97 16.85
C GLU B 696 -20.82 5.50 16.94
N THR B 697 -21.56 5.01 15.96
CA THR B 697 -21.86 3.58 15.88
C THR B 697 -20.58 2.81 15.56
N VAL B 698 -20.33 1.76 16.32
CA VAL B 698 -19.22 0.84 16.05
C VAL B 698 -19.80 -0.55 15.84
N THR B 699 -19.20 -1.30 14.92
CA THR B 699 -19.73 -2.59 14.49
C THR B 699 -18.74 -3.69 14.83
N ILE B 700 -19.24 -4.74 15.46
CA ILE B 700 -18.44 -5.91 15.82
C ILE B 700 -19.11 -7.13 15.22
N ASP B 701 -18.31 -8.08 14.75
CA ASP B 701 -18.87 -9.22 14.04
C ASP B 701 -18.42 -10.52 14.68
N ILE B 702 -19.36 -11.43 14.91
CA ILE B 702 -19.05 -12.72 15.50
C ILE B 702 -19.55 -13.82 14.57
N PRO B 703 -18.66 -14.41 13.75
CA PRO B 703 -19.10 -15.54 12.92
C PRO B 703 -19.57 -16.71 13.76
N TYR B 704 -20.32 -17.60 13.11
CA TYR B 704 -20.85 -18.78 13.80
C TYR B 704 -19.73 -19.75 14.17
N LYS B 705 -18.67 -19.80 13.36
CA LYS B 705 -17.54 -20.67 13.68
C LYS B 705 -16.85 -20.23 14.96
N ASN B 706 -16.80 -18.92 15.21
CA ASN B 706 -16.12 -18.41 16.39
C ASN B 706 -16.85 -18.79 17.68
N LEU B 707 -18.12 -19.14 17.60
CA LEU B 707 -18.87 -19.63 18.75
C LEU B 707 -18.65 -21.11 19.01
N ALA B 708 -17.75 -21.74 18.28
CA ALA B 708 -17.48 -23.17 18.40
C ALA B 708 -16.37 -23.44 19.41
N SER B 709 -16.35 -24.68 19.89
CA SER B 709 -15.30 -25.18 20.77
C SER B 709 -15.00 -26.62 20.38
N PHE B 710 -13.72 -26.96 20.39
CA PHE B 710 -13.27 -28.28 19.97
C PHE B 710 -13.72 -29.36 20.95
N ASN B 711 -13.96 -30.55 20.42
CA ASN B 711 -14.30 -31.73 21.22
C ASN B 711 -13.23 -32.79 20.99
N GLU B 712 -12.71 -33.34 22.08
CA GLU B 712 -11.60 -34.28 21.97
C GLU B 712 -12.03 -35.59 21.31
N VAL B 713 -13.20 -36.11 21.70
CA VAL B 713 -13.57 -37.47 21.32
C VAL B 713 -13.87 -37.55 19.83
N ASP B 714 -14.69 -36.63 19.32
CA ASP B 714 -15.08 -36.64 17.92
C ASP B 714 -14.10 -35.93 17.01
N SER B 715 -13.08 -35.28 17.57
CA SER B 715 -12.08 -34.55 16.79
C SER B 715 -12.74 -33.57 15.83
N GLN B 716 -13.65 -32.76 16.37
CA GLN B 716 -14.38 -31.81 15.56
C GLN B 716 -14.85 -30.64 16.41
N TRP B 717 -14.94 -29.47 15.78
CA TRP B 717 -15.29 -28.22 16.45
C TRP B 717 -16.79 -28.04 16.60
N GLN B 718 -17.48 -29.01 17.19
CA GLN B 718 -18.93 -28.94 17.25
C GLN B 718 -19.39 -27.79 18.16
N VAL B 719 -20.56 -27.24 17.85
CA VAL B 719 -21.17 -26.15 18.60
C VAL B 719 -22.33 -26.72 19.41
N GLU B 720 -22.32 -26.46 20.71
CA GLU B 720 -23.49 -26.76 21.52
C GLU B 720 -24.63 -25.82 21.15
N ALA B 721 -25.85 -26.36 21.14
CA ALA B 721 -27.05 -25.66 20.72
C ALA B 721 -27.83 -25.15 21.92
N GLY B 722 -28.29 -23.91 21.83
CA GLY B 722 -29.09 -23.33 22.89
C GLY B 722 -29.20 -21.82 22.70
N ASN B 723 -29.73 -21.17 23.73
CA ASN B 723 -29.87 -19.72 23.77
C ASN B 723 -28.67 -19.16 24.50
N TYR B 724 -27.80 -18.46 23.77
CA TYR B 724 -26.54 -18.01 24.32
C TYR B 724 -26.64 -16.61 24.92
N LYS B 725 -25.65 -16.29 25.74
CA LYS B 725 -25.58 -15.01 26.44
C LYS B 725 -24.48 -14.16 25.81
N VAL B 726 -24.82 -12.92 25.46
CA VAL B 726 -23.88 -12.00 24.83
C VAL B 726 -23.73 -10.78 25.73
N MET B 727 -22.49 -10.33 25.92
CA MET B 727 -22.17 -9.26 26.85
C MET B 727 -21.25 -8.25 26.19
N VAL B 728 -21.51 -6.98 26.47
CA VAL B 728 -20.62 -5.87 26.11
C VAL B 728 -20.19 -5.21 27.41
N ALA B 729 -18.88 -5.12 27.63
CA ALA B 729 -18.36 -4.83 28.95
C ALA B 729 -17.14 -3.92 28.88
N LYS B 730 -16.76 -3.40 30.04
CA LYS B 730 -15.48 -2.70 30.20
C LYS B 730 -14.32 -3.69 30.16
N ASN B 731 -14.29 -4.60 31.13
CA ASN B 731 -13.18 -5.53 31.31
C ASN B 731 -13.73 -6.92 31.54
N ALA B 732 -12.83 -7.87 31.80
CA ALA B 732 -13.23 -9.26 31.99
C ALA B 732 -14.12 -9.41 33.22
N ALA B 733 -13.64 -8.95 34.37
CA ALA B 733 -14.39 -9.08 35.63
C ALA B 733 -15.43 -7.96 35.76
N ASP B 734 -16.32 -7.90 34.78
CA ASP B 734 -17.42 -6.94 34.78
C ASP B 734 -18.66 -7.61 35.35
N LEU B 735 -19.24 -6.99 36.37
CA LEU B 735 -20.41 -7.56 37.02
C LEU B 735 -21.70 -7.21 36.30
N LYS B 736 -21.79 -6.01 35.73
CA LYS B 736 -23.01 -5.49 35.13
C LYS B 736 -22.76 -5.06 33.69
N PRO B 737 -22.56 -6.01 32.78
CA PRO B 737 -22.44 -5.65 31.37
C PRO B 737 -23.79 -5.74 30.66
N LEU B 738 -23.86 -5.08 29.50
CA LEU B 738 -25.09 -5.03 28.72
C LEU B 738 -25.34 -6.39 28.06
N THR B 739 -26.30 -7.13 28.59
CA THR B 739 -26.52 -8.53 28.20
C THR B 739 -27.68 -8.63 27.21
N THR B 740 -27.44 -9.32 26.10
CA THR B 740 -28.47 -9.65 25.12
C THR B 740 -28.40 -11.14 24.83
N VAL B 741 -29.55 -11.80 24.83
CA VAL B 741 -29.62 -13.24 24.68
C VAL B 741 -30.08 -13.56 23.26
N ILE B 742 -29.36 -14.45 22.58
CA ILE B 742 -29.71 -14.91 21.25
C ILE B 742 -29.57 -16.42 21.20
N THR B 743 -30.25 -17.03 20.22
CA THR B 743 -30.34 -18.47 20.10
C THR B 743 -29.84 -18.92 18.74
N GLU B 744 -29.05 -20.00 18.74
CA GLU B 744 -28.51 -20.54 17.50
C GLU B 744 -28.61 -22.06 17.53
N GLU B 745 -28.55 -22.65 16.34
CA GLU B 745 -28.52 -24.09 16.14
C GLU B 745 -27.49 -24.77 17.03
N VAL B 748 -20.31 -29.27 14.27
CA VAL B 748 -20.80 -29.34 12.91
C VAL B 748 -20.01 -28.36 12.04
N THR B 749 -19.30 -27.42 12.69
CA THR B 749 -18.53 -26.43 11.94
C THR B 749 -17.48 -27.09 11.05
N GLU B 750 -16.70 -28.02 11.63
CA GLU B 750 -15.63 -28.63 10.87
C GLU B 750 -15.22 -29.94 11.55
N LYS B 751 -14.70 -30.85 10.73
CA LYS B 751 -14.17 -32.13 11.19
C LYS B 751 -12.68 -32.18 10.93
N VAL B 752 -11.91 -32.67 11.91
CA VAL B 752 -10.47 -32.80 11.78
C VAL B 752 -10.08 -34.22 12.15
N ARG B 753 -8.84 -34.58 11.80
CA ARG B 753 -8.23 -35.86 12.12
C ARG B 753 -7.51 -35.79 13.45
N PRO B 754 -7.32 -36.93 14.13
CA PRO B 754 -6.66 -36.90 15.44
C PRO B 754 -5.21 -36.46 15.36
N CYS B 755 -4.94 -35.24 15.81
CA CYS B 755 -3.59 -34.69 15.83
C CYS B 755 -3.23 -34.24 17.23
N LEU B 756 -1.93 -34.28 17.53
CA LEU B 756 -1.38 -33.87 18.83
C LEU B 756 -1.89 -34.76 19.96
N LEU B 757 -2.08 -36.05 19.69
CA LEU B 757 -2.49 -36.99 20.72
C LEU B 757 -1.31 -37.30 21.65
N LYS B 758 -1.58 -38.09 22.67
CA LYS B 758 -0.57 -38.54 23.61
C LYS B 758 -0.05 -39.91 23.18
N GLU B 759 1.28 -40.02 23.07
CA GLU B 759 1.91 -41.21 22.51
C GLU B 759 1.51 -42.46 23.28
N VAL B 760 1.50 -43.60 22.57
CA VAL B 760 1.16 -44.90 23.12
C VAL B 760 2.06 -45.95 22.51
N LYS B 761 2.65 -46.80 23.35
CA LYS B 761 3.52 -47.87 22.89
C LYS B 761 2.74 -49.10 22.45
#